data_7K25
#
_entry.id   7K25
#
_cell.length_a   1.00
_cell.length_b   1.00
_cell.length_c   1.00
_cell.angle_alpha   90.00
_cell.angle_beta   90.00
_cell.angle_gamma   90.00
#
_symmetry.space_group_name_H-M   'P 1'
#
_entity_poly.entity_id   1
_entity_poly.type   'polypeptide(L)'
_entity_poly.pdbx_seq_one_letter_code
;APKRKSGVSKCETKCTKACPRPAPVPKLLIKGGMEVLDLVTGPDSVTEIEAFLNPRMGQPPTPESLTEGGQYYGWSRGIN
LATSDTEDSPENNTLPTWSMAKLQLPMLNEDLTCDTLQMWEAVSVKTEVVGSGSLLDVHGFNKPTDTVNTKGISTPVEGS
QYHVFAVGGEPLDLQGLVTDARTKYKEEGVVTIKTITKKDMVNKDQVLNPISKAKLDKDGMYPVEIWHPDPAKNENTRYF
GNYTGGTTTPPVLQFTNTLTTVLLDENGVGPLCKGEGLYLSCVDIMGWRVTRNYDVHHWRGLPRYFKITLRKRWVKNPYP
MASLISSLFNNMLPQVQGQPMEGENTQVEEVRVYDGTEPVPGDPDMTRYVDRFGKTKTVFPGN
;
_entity_poly.pdbx_strand_id   A,B,C,D,E
#
# COMPACT_ATOMS: atom_id res chain seq x y z
N LYS A 17 -7.77 30.52 -47.18
CA LYS A 17 -8.98 29.72 -47.27
C LYS A 17 -9.37 29.17 -45.90
N ALA A 18 -8.38 28.69 -45.17
CA ALA A 18 -8.57 28.20 -43.82
C ALA A 18 -7.37 28.60 -42.96
N CYS A 19 -7.50 28.37 -41.67
CA CYS A 19 -6.41 28.64 -40.73
C CYS A 19 -6.67 27.82 -39.47
N PRO A 20 -5.61 27.46 -38.74
CA PRO A 20 -5.75 26.44 -37.70
C PRO A 20 -6.65 26.86 -36.55
N ARG A 21 -6.98 25.88 -35.71
CA ARG A 21 -7.86 26.05 -34.56
C ARG A 21 -7.24 25.40 -33.35
N PRO A 22 -6.72 26.14 -32.38
CA PRO A 22 -6.30 25.55 -31.11
C PRO A 22 -7.44 24.82 -30.43
N ALA A 23 -7.09 24.01 -29.46
CA ALA A 23 -8.07 23.21 -28.74
C ALA A 23 -8.80 24.06 -27.70
N PRO A 24 -10.05 23.73 -27.38
CA PRO A 24 -10.78 24.52 -26.38
C PRO A 24 -10.20 24.32 -24.99
N VAL A 25 -10.27 25.38 -24.20
CA VAL A 25 -9.69 25.44 -22.86
C VAL A 25 -10.49 26.47 -22.10
N PRO A 26 -10.78 26.29 -20.81
CA PRO A 26 -11.54 27.29 -20.07
C PRO A 26 -10.92 28.67 -20.15
N LYS A 27 -11.74 29.67 -20.44
CA LYS A 27 -11.24 31.02 -20.62
C LYS A 27 -11.08 31.71 -19.27
N LEU A 28 -9.87 32.19 -19.01
CA LEU A 28 -9.57 32.94 -17.81
C LEU A 28 -10.21 34.32 -17.92
N LEU A 29 -11.06 34.66 -16.96
CA LEU A 29 -11.70 35.96 -16.97
C LEU A 29 -10.86 37.02 -16.28
N ILE A 30 -10.31 36.70 -15.12
CA ILE A 30 -9.56 37.66 -14.33
C ILE A 30 -8.65 36.88 -13.40
N LYS A 31 -7.56 37.51 -12.99
CA LYS A 31 -6.58 36.85 -12.15
C LYS A 31 -5.91 37.90 -11.27
N GLY A 32 -5.81 37.61 -9.98
CA GLY A 32 -5.25 38.56 -9.06
C GLY A 32 -5.31 38.08 -7.63
N GLY A 33 -5.75 38.95 -6.71
CA GLY A 33 -5.91 38.61 -5.33
C GLY A 33 -7.36 38.33 -4.98
N MET A 34 -7.68 38.47 -3.69
CA MET A 34 -9.03 38.20 -3.24
C MET A 34 -10.01 39.27 -3.70
N GLU A 35 -9.51 40.46 -4.06
CA GLU A 35 -10.37 41.50 -4.59
C GLU A 35 -10.85 41.18 -6.00
N VAL A 36 -10.23 40.22 -6.67
CA VAL A 36 -10.61 39.85 -8.02
C VAL A 36 -12.01 39.25 -8.04
N LEU A 37 -12.45 38.73 -6.88
CA LEU A 37 -13.76 38.14 -6.71
C LEU A 37 -14.89 39.15 -6.71
N ASP A 38 -14.59 40.43 -6.92
CA ASP A 38 -15.62 41.46 -6.98
C ASP A 38 -16.30 41.51 -8.33
N LEU A 39 -15.64 41.02 -9.38
CA LEU A 39 -16.23 40.99 -10.70
C LEU A 39 -17.39 40.00 -10.72
N VAL A 40 -18.52 40.40 -11.31
CA VAL A 40 -19.68 39.54 -11.43
C VAL A 40 -19.51 38.67 -12.67
N THR A 41 -19.53 37.35 -12.48
CA THR A 41 -19.06 36.43 -13.52
C THR A 41 -20.13 35.47 -14.02
N GLY A 42 -21.32 35.47 -13.44
CA GLY A 42 -22.37 34.61 -13.93
C GLY A 42 -22.42 33.27 -13.22
N PRO A 43 -23.36 32.43 -13.61
CA PRO A 43 -23.64 31.21 -12.83
C PRO A 43 -22.67 30.07 -13.08
N ASP A 44 -22.14 29.96 -14.30
CA ASP A 44 -21.35 28.81 -14.70
C ASP A 44 -19.85 29.06 -14.58
N SER A 45 -19.46 30.06 -13.79
CA SER A 45 -18.06 30.35 -13.65
C SER A 45 -17.42 29.49 -12.55
N VAL A 46 -16.11 29.38 -12.61
CA VAL A 46 -15.32 28.55 -11.71
C VAL A 46 -14.20 29.40 -11.14
N THR A 47 -14.00 29.32 -9.83
CA THR A 47 -13.00 30.11 -9.13
C THR A 47 -12.00 29.18 -8.48
N GLU A 48 -10.72 29.55 -8.52
CA GLU A 48 -9.64 28.77 -7.95
C GLU A 48 -8.81 29.65 -7.05
N ILE A 49 -8.74 29.30 -5.77
CA ILE A 49 -8.06 30.11 -4.76
C ILE A 49 -6.89 29.33 -4.21
N GLU A 50 -5.69 29.87 -4.39
CA GLU A 50 -4.48 29.37 -3.75
C GLU A 50 -4.31 30.08 -2.43
N ALA A 51 -3.94 29.33 -1.40
CA ALA A 51 -3.69 29.89 -0.09
C ALA A 51 -2.82 28.90 0.67
N PHE A 52 -2.21 29.36 1.75
CA PHE A 52 -1.41 28.46 2.56
C PHE A 52 -1.72 28.71 4.03
N LEU A 53 -1.49 27.68 4.84
CA LEU A 53 -1.57 27.76 6.29
C LEU A 53 -0.19 27.45 6.84
N ASN A 54 0.21 28.19 7.84
CA ASN A 54 1.52 27.96 8.43
C ASN A 54 1.38 27.08 9.67
N PRO A 55 2.44 26.37 10.04
CA PRO A 55 2.36 25.58 11.26
C PRO A 55 2.36 26.47 12.49
N ARG A 56 1.19 26.68 13.06
CA ARG A 56 1.08 27.42 14.31
C ARG A 56 0.97 26.39 15.41
N MET A 57 2.09 25.68 15.62
CA MET A 57 2.15 24.56 16.54
C MET A 57 3.41 24.72 17.40
N GLY A 58 3.25 25.37 18.56
CA GLY A 58 4.34 25.64 19.47
C GLY A 58 4.56 27.12 19.73
N GLN A 59 5.70 27.64 19.29
CA GLN A 59 6.06 29.04 19.52
C GLN A 59 5.31 29.95 18.55
N PRO A 60 4.77 31.08 19.01
CA PRO A 60 3.94 31.92 18.14
C PRO A 60 4.77 32.68 17.14
N PRO A 61 4.13 33.33 16.15
CA PRO A 61 4.88 34.09 15.15
C PRO A 61 5.29 35.47 15.59
N THR A 62 4.88 35.93 16.77
CA THR A 62 4.87 37.35 17.09
C THR A 62 6.26 37.94 17.29
N PRO A 63 7.10 37.44 18.22
CA PRO A 63 8.43 38.05 18.36
C PRO A 63 9.32 37.68 17.18
N GLU A 64 9.51 38.63 16.27
CA GLU A 64 10.17 38.33 15.00
C GLU A 64 11.66 38.13 15.17
N SER A 65 12.25 38.61 16.26
CA SER A 65 13.69 38.68 16.36
C SER A 65 14.29 37.31 16.64
N LEU A 66 15.40 37.03 15.98
CA LEU A 66 16.05 35.72 15.98
C LEU A 66 16.85 35.44 17.23
N THR A 67 16.74 36.28 18.25
CA THR A 67 17.43 36.05 19.52
C THR A 67 16.45 36.10 20.68
N GLU A 68 15.45 36.98 20.57
CA GLU A 68 14.46 37.11 21.62
C GLU A 68 13.66 35.83 21.81
N GLY A 69 13.05 35.34 20.74
CA GLY A 69 12.36 34.07 20.79
C GLY A 69 13.21 32.89 20.38
N GLY A 70 14.51 33.09 20.13
CA GLY A 70 15.41 32.05 19.66
C GLY A 70 15.07 31.64 18.25
N GLN A 71 13.91 32.10 17.81
CA GLN A 71 13.23 31.68 16.60
C GLN A 71 13.15 30.16 16.49
N TYR A 72 12.35 29.65 17.41
CA TYR A 72 11.65 28.39 17.30
C TYR A 72 10.36 28.53 16.52
N TYR A 73 10.22 29.56 15.70
CA TYR A 73 9.03 29.68 14.86
C TYR A 73 9.06 28.64 13.76
N GLY A 74 7.93 27.95 13.58
CA GLY A 74 7.89 26.71 12.84
C GLY A 74 8.16 25.51 13.72
N TRP A 75 8.86 25.71 14.82
CA TRP A 75 9.15 24.68 15.80
C TRP A 75 8.32 24.90 17.06
N SER A 76 8.49 24.01 18.00
CA SER A 76 7.91 24.10 19.34
C SER A 76 9.03 24.35 20.34
N ARG A 77 8.65 24.90 21.49
CA ARG A 77 9.61 25.04 22.57
C ARG A 77 9.81 23.67 23.23
N GLY A 78 10.86 23.56 24.04
CA GLY A 78 11.26 22.24 24.50
C GLY A 78 10.19 21.55 25.31
N ILE A 79 9.99 20.28 25.02
CA ILE A 79 9.01 19.45 25.71
C ILE A 79 9.56 19.15 27.10
N ASN A 80 8.77 19.46 28.13
CA ASN A 80 9.12 19.16 29.50
C ASN A 80 8.25 18.01 30.00
N LEU A 81 8.90 17.01 30.59
CA LEU A 81 8.17 15.84 31.05
C LEU A 81 7.53 16.11 32.41
N ALA A 82 6.65 15.21 32.82
CA ALA A 82 5.99 15.33 34.10
C ALA A 82 6.97 15.06 35.23
N THR A 83 6.64 15.60 36.41
CA THR A 83 7.43 15.40 37.60
C THR A 83 7.02 14.17 38.39
N SER A 84 5.73 13.83 38.39
CA SER A 84 5.22 12.61 38.98
C SER A 84 3.98 12.18 38.24
N ASP A 85 3.42 11.05 38.64
CA ASP A 85 2.24 10.50 37.97
C ASP A 85 1.02 11.39 38.10
N THR A 86 1.03 12.38 38.97
CA THR A 86 -0.13 13.23 39.21
C THR A 86 0.11 14.70 38.89
N GLU A 87 1.36 15.15 38.83
CA GLU A 87 1.66 16.53 38.47
C GLU A 87 2.14 16.58 37.02
N ASP A 88 1.36 17.27 36.18
CA ASP A 88 1.64 17.31 34.74
C ASP A 88 1.12 18.63 34.20
N SER A 89 2.02 19.56 33.93
CA SER A 89 1.66 20.88 33.40
C SER A 89 2.40 21.11 32.10
N PRO A 90 1.73 21.00 30.94
CA PRO A 90 2.44 20.89 29.67
C PRO A 90 2.83 22.20 29.00
N GLU A 91 2.74 23.36 29.65
CA GLU A 91 3.49 24.51 29.15
C GLU A 91 3.14 24.93 27.73
N ASN A 92 2.02 25.64 27.55
CA ASN A 92 1.37 25.93 26.27
C ASN A 92 2.27 26.04 25.05
N ASN A 93 3.41 26.70 25.17
CA ASN A 93 4.28 26.84 23.98
C ASN A 93 4.94 25.54 23.53
N THR A 94 4.61 24.39 24.11
CA THR A 94 5.20 23.11 23.71
C THR A 94 4.15 22.21 23.09
N LEU A 95 2.97 22.75 22.84
CA LEU A 95 1.79 21.97 22.44
C LEU A 95 1.40 22.33 21.02
N PRO A 96 1.65 21.47 20.03
CA PRO A 96 1.17 21.75 18.68
C PRO A 96 -0.35 21.88 18.65
N THR A 97 -0.83 22.82 17.83
CA THR A 97 -2.24 23.14 17.75
C THR A 97 -2.70 23.13 16.29
N TRP A 98 -4.00 23.21 16.11
CA TRP A 98 -4.58 23.26 14.78
C TRP A 98 -4.39 24.63 14.15
N SER A 99 -3.98 24.64 12.88
CA SER A 99 -4.00 25.82 12.05
C SER A 99 -5.39 25.92 11.43
N MET A 100 -5.92 27.13 11.32
CA MET A 100 -7.18 27.32 10.63
C MET A 100 -7.22 28.72 10.02
N ALA A 101 -7.89 28.81 8.89
CA ALA A 101 -8.14 30.08 8.22
C ALA A 101 -9.55 30.05 7.67
N LYS A 102 -10.13 31.23 7.48
CA LYS A 102 -11.41 31.38 6.83
C LYS A 102 -11.27 32.36 5.69
N LEU A 103 -11.84 32.02 4.54
CA LEU A 103 -11.81 32.89 3.37
C LEU A 103 -13.22 33.41 3.13
N GLN A 104 -13.39 34.72 3.25
CA GLN A 104 -14.69 35.35 3.05
C GLN A 104 -14.91 35.54 1.55
N LEU A 105 -15.80 34.75 0.99
CA LEU A 105 -16.15 34.86 -0.42
C LEU A 105 -17.28 35.87 -0.60
N PRO A 106 -17.41 36.43 -1.80
CA PRO A 106 -18.45 37.44 -2.03
C PRO A 106 -19.85 36.85 -1.92
N MET A 107 -20.80 37.71 -1.59
CA MET A 107 -22.17 37.30 -1.36
C MET A 107 -22.94 37.32 -2.68
N LEU A 108 -23.62 36.22 -2.96
CA LEU A 108 -24.01 35.88 -4.32
C LEU A 108 -25.42 36.32 -4.70
N ASN A 109 -26.43 35.99 -3.91
CA ASN A 109 -27.82 36.24 -4.27
C ASN A 109 -28.19 37.68 -3.95
N GLU A 110 -28.69 38.39 -4.97
CA GLU A 110 -29.05 39.79 -4.82
C GLU A 110 -30.53 39.99 -5.14
N ASP A 111 -31.27 38.90 -5.29
CA ASP A 111 -32.65 38.91 -5.74
C ASP A 111 -33.44 37.96 -4.84
N LEU A 112 -34.51 38.47 -4.24
CA LEU A 112 -35.32 37.71 -3.29
C LEU A 112 -36.66 37.27 -3.87
N THR A 113 -36.77 37.14 -5.18
CA THR A 113 -38.08 36.89 -5.78
C THR A 113 -38.53 35.45 -5.58
N CYS A 114 -37.78 34.50 -6.13
CA CYS A 114 -38.21 33.11 -6.09
C CYS A 114 -37.49 32.35 -4.99
N ASP A 115 -37.71 31.04 -4.97
CA ASP A 115 -37.34 30.17 -3.86
C ASP A 115 -35.98 29.53 -4.06
N THR A 116 -35.05 30.24 -4.68
CA THR A 116 -33.72 29.68 -4.97
C THR A 116 -32.66 30.67 -4.53
N LEU A 117 -31.70 30.19 -3.77
CA LEU A 117 -30.52 30.96 -3.40
C LEU A 117 -29.32 30.47 -4.21
N GLN A 118 -28.15 31.01 -3.92
CA GLN A 118 -26.93 30.52 -4.54
C GLN A 118 -25.83 30.46 -3.51
N MET A 119 -25.14 29.33 -3.45
CA MET A 119 -24.06 29.12 -2.50
C MET A 119 -22.77 28.84 -3.25
N TRP A 120 -21.66 29.11 -2.58
CA TRP A 120 -20.39 28.61 -3.05
C TRP A 120 -20.25 27.12 -2.69
N GLU A 121 -19.39 26.42 -3.41
CA GLU A 121 -19.31 24.98 -3.26
C GLU A 121 -17.92 24.52 -3.64
N ALA A 122 -17.16 24.04 -2.66
CA ALA A 122 -15.83 23.52 -2.92
C ALA A 122 -15.92 22.19 -3.65
N VAL A 123 -15.29 22.11 -4.80
CA VAL A 123 -15.40 20.93 -5.67
C VAL A 123 -14.16 20.05 -5.58
N SER A 124 -12.98 20.66 -5.53
CA SER A 124 -11.74 19.94 -5.60
C SER A 124 -10.71 20.69 -4.77
N VAL A 125 -9.69 19.99 -4.32
CA VAL A 125 -8.58 20.63 -3.63
C VAL A 125 -7.28 19.98 -4.06
N LYS A 126 -6.31 20.81 -4.43
CA LYS A 126 -4.92 20.42 -4.51
C LYS A 126 -4.20 20.93 -3.29
N THR A 127 -3.56 20.03 -2.57
CA THR A 127 -2.90 20.43 -1.34
C THR A 127 -1.52 19.81 -1.31
N GLU A 128 -0.64 20.42 -0.52
CA GLU A 128 0.76 20.02 -0.53
C GLU A 128 1.43 20.56 0.72
N VAL A 129 2.19 19.70 1.40
CA VAL A 129 3.06 20.12 2.49
C VAL A 129 4.40 20.53 1.89
N VAL A 130 4.76 21.81 2.01
CA VAL A 130 5.93 22.35 1.33
C VAL A 130 7.04 22.57 2.33
N GLY A 131 8.27 22.22 1.95
CA GLY A 131 9.44 22.43 2.76
C GLY A 131 10.14 21.16 3.20
N SER A 132 9.77 20.03 2.61
CA SER A 132 10.29 18.73 3.06
C SER A 132 11.80 18.64 2.89
N GLY A 133 12.34 19.27 1.87
CA GLY A 133 13.77 19.23 1.65
C GLY A 133 14.57 19.99 2.67
N SER A 134 13.94 20.88 3.43
CA SER A 134 14.64 21.57 4.50
C SER A 134 15.08 20.61 5.59
N LEU A 135 14.44 19.45 5.68
CA LEU A 135 14.77 18.44 6.66
C LEU A 135 16.06 17.72 6.35
N LEU A 136 16.76 18.09 5.28
CA LEU A 136 18.08 17.57 4.97
C LEU A 136 19.18 18.47 5.49
N ASP A 137 18.86 19.38 6.41
CA ASP A 137 19.86 20.25 7.02
C ASP A 137 20.47 19.50 8.20
N VAL A 138 21.54 18.76 7.93
CA VAL A 138 22.18 17.94 8.97
C VAL A 138 23.44 18.57 9.51
N HIS A 139 23.80 19.77 9.06
CA HIS A 139 24.73 20.61 9.79
C HIS A 139 23.95 21.43 10.79
N GLY A 140 24.50 21.62 11.97
CA GLY A 140 23.77 22.31 13.01
C GLY A 140 23.98 21.67 14.37
N PHE A 141 23.37 22.32 15.36
CA PHE A 141 23.62 22.02 16.76
C PHE A 141 22.50 21.12 17.28
N ASN A 142 22.56 19.86 16.88
CA ASN A 142 21.63 18.85 17.35
C ASN A 142 22.44 17.69 17.90
N LYS A 143 21.76 16.82 18.63
CA LYS A 143 22.37 15.60 19.13
C LYS A 143 23.07 14.88 17.98
N PRO A 144 24.38 14.70 18.02
CA PRO A 144 25.08 14.08 16.89
C PRO A 144 24.71 12.61 16.75
N THR A 145 25.18 12.02 15.66
CA THR A 145 24.93 10.60 15.44
C THR A 145 25.96 9.74 16.17
N ASP A 146 27.24 10.12 16.08
CA ASP A 146 28.28 9.53 16.92
C ASP A 146 28.44 10.46 18.12
N THR A 147 27.61 10.26 19.14
CA THR A 147 27.57 11.15 20.29
C THR A 147 28.70 10.88 21.27
N VAL A 148 29.47 9.80 21.10
CA VAL A 148 30.60 9.55 21.97
C VAL A 148 31.68 10.59 21.74
N ASN A 149 32.13 10.74 20.49
CA ASN A 149 33.10 11.75 20.12
C ASN A 149 32.43 13.06 19.72
N THR A 150 31.11 13.13 19.83
CA THR A 150 30.31 14.29 19.39
C THR A 150 30.70 14.69 17.96
N LYS A 151 30.47 13.73 17.07
CA LYS A 151 30.75 13.93 15.66
C LYS A 151 29.73 13.15 14.84
N GLY A 152 29.72 13.42 13.54
CA GLY A 152 28.81 12.71 12.66
C GLY A 152 27.88 13.61 11.88
N ILE A 153 26.59 13.44 12.12
CA ILE A 153 25.54 14.23 11.50
C ILE A 153 24.69 14.79 12.62
N SER A 154 24.27 16.03 12.48
CA SER A 154 23.27 16.56 13.40
C SER A 154 21.97 15.83 13.10
N THR A 155 21.54 14.96 14.02
CA THR A 155 20.42 14.06 13.80
C THR A 155 19.25 14.78 13.16
N PRO A 156 18.73 14.29 12.04
CA PRO A 156 17.62 14.97 11.38
C PRO A 156 16.32 14.83 12.14
N VAL A 157 15.28 15.53 11.69
CA VAL A 157 13.98 15.48 12.33
C VAL A 157 13.38 14.09 12.14
N GLU A 158 12.99 13.46 13.25
CA GLU A 158 12.42 12.13 13.25
C GLU A 158 11.34 12.07 14.31
N GLY A 159 10.62 10.95 14.35
CA GLY A 159 9.70 10.74 15.43
C GLY A 159 8.32 10.48 14.92
N SER A 160 7.34 10.90 15.70
CA SER A 160 5.95 10.65 15.37
C SER A 160 5.41 11.80 14.54
N GLN A 161 4.58 11.45 13.55
CA GLN A 161 4.11 12.37 12.52
C GLN A 161 2.60 12.43 12.55
N TYR A 162 2.05 13.55 12.08
CA TYR A 162 0.60 13.75 12.15
C TYR A 162 0.22 14.76 11.09
N HIS A 163 -0.48 14.31 10.04
CA HIS A 163 -0.88 15.18 8.94
C HIS A 163 -2.39 15.11 8.78
N VAL A 164 -3.07 16.21 9.08
CA VAL A 164 -4.51 16.32 8.85
C VAL A 164 -4.74 17.60 8.07
N PHE A 165 -5.80 17.62 7.26
CA PHE A 165 -6.28 18.83 6.64
C PHE A 165 -7.76 18.66 6.36
N ALA A 166 -8.47 19.79 6.34
CA ALA A 166 -9.90 19.75 6.12
C ALA A 166 -10.29 20.96 5.31
N VAL A 167 -11.31 20.81 4.47
CA VAL A 167 -11.94 21.92 3.75
C VAL A 167 -13.43 21.79 3.96
N GLY A 168 -14.08 22.90 4.35
CA GLY A 168 -15.50 22.86 4.59
C GLY A 168 -16.13 24.22 4.41
N GLY A 169 -17.43 24.27 4.68
CA GLY A 169 -18.15 25.52 4.69
C GLY A 169 -18.42 25.99 6.11
N GLU A 170 -18.05 25.16 7.07
CA GLU A 170 -18.16 25.44 8.49
C GLU A 170 -16.83 25.15 9.16
N PRO A 171 -16.61 25.67 10.37
CA PRO A 171 -15.41 25.28 11.11
C PRO A 171 -15.45 23.80 11.49
N LEU A 172 -14.28 23.19 11.54
CA LEU A 172 -14.17 21.77 11.81
C LEU A 172 -14.71 21.45 13.19
N ASP A 173 -15.63 20.49 13.25
CA ASP A 173 -16.12 19.97 14.53
C ASP A 173 -15.05 19.07 15.13
N LEU A 174 -14.80 19.24 16.42
CA LEU A 174 -13.71 18.54 17.10
C LEU A 174 -14.28 17.63 18.18
N GLN A 175 -13.49 16.62 18.53
CA GLN A 175 -13.84 15.70 19.61
C GLN A 175 -12.66 15.64 20.56
N GLY A 176 -12.97 15.65 21.86
CA GLY A 176 -11.94 15.65 22.86
C GLY A 176 -11.58 14.27 23.36
N LEU A 177 -10.29 13.97 23.41
CA LEU A 177 -9.80 12.69 23.83
C LEU A 177 -8.34 12.86 24.22
N VAL A 178 -7.99 12.44 25.43
CA VAL A 178 -6.67 12.72 25.96
C VAL A 178 -6.01 11.42 26.40
N THR A 179 -4.67 11.43 26.40
CA THR A 179 -3.92 10.30 26.94
C THR A 179 -4.20 10.13 28.43
N ASP A 180 -3.99 11.19 29.21
CA ASP A 180 -4.28 11.20 30.63
C ASP A 180 -5.31 12.28 30.90
N ALA A 181 -6.27 11.97 31.76
CA ALA A 181 -7.33 12.91 32.11
C ALA A 181 -6.98 13.74 33.34
N ARG A 182 -5.81 13.55 33.93
CA ARG A 182 -5.38 14.44 34.99
C ARG A 182 -4.71 15.70 34.42
N THR A 183 -3.50 15.55 33.89
CA THR A 183 -2.90 16.45 32.89
C THR A 183 -3.27 17.91 33.06
N LYS A 184 -2.72 18.59 34.06
CA LYS A 184 -3.12 19.95 34.34
C LYS A 184 -2.67 20.91 33.23
N TYR A 185 -3.55 21.16 32.26
CA TYR A 185 -3.27 22.15 31.24
C TYR A 185 -3.56 23.55 31.77
N LYS A 186 -2.82 24.53 31.27
CA LYS A 186 -3.03 25.90 31.67
C LYS A 186 -4.43 26.35 31.26
N GLU A 187 -4.99 27.29 32.04
CA GLU A 187 -6.38 27.67 31.86
C GLU A 187 -6.57 28.84 30.91
N GLU A 188 -5.50 29.52 30.53
CA GLU A 188 -5.56 30.60 29.56
C GLU A 188 -4.43 30.44 28.57
N GLY A 189 -4.75 30.56 27.28
CA GLY A 189 -3.80 30.39 26.21
C GLY A 189 -4.14 29.27 25.25
N VAL A 190 -4.82 28.22 25.73
CA VAL A 190 -5.26 27.11 24.91
C VAL A 190 -6.69 26.79 25.27
N VAL A 191 -7.38 26.15 24.33
CA VAL A 191 -8.74 25.67 24.54
C VAL A 191 -8.63 24.18 24.84
N THR A 192 -8.83 23.82 26.10
CA THR A 192 -8.83 22.43 26.53
C THR A 192 -10.27 21.98 26.71
N ILE A 193 -10.44 20.76 27.23
CA ILE A 193 -11.79 20.24 27.44
C ILE A 193 -12.47 20.97 28.58
N LYS A 194 -11.72 21.32 29.63
CA LYS A 194 -12.27 22.07 30.75
C LYS A 194 -12.74 23.45 30.32
N THR A 195 -12.08 24.06 29.34
CA THR A 195 -12.51 25.37 28.84
C THR A 195 -13.91 25.33 28.27
N ILE A 196 -14.38 24.15 27.88
CA ILE A 196 -15.66 24.02 27.19
C ILE A 196 -16.71 23.40 28.12
N THR A 197 -16.31 22.42 28.91
CA THR A 197 -17.25 21.79 29.83
C THR A 197 -17.38 22.54 31.15
N LYS A 198 -16.44 23.43 31.46
CA LYS A 198 -16.39 24.25 32.66
C LYS A 198 -16.09 23.42 33.91
N LYS A 199 -16.01 22.11 33.80
CA LYS A 199 -15.68 21.23 34.91
C LYS A 199 -14.35 20.55 34.63
N ASP A 200 -13.83 19.86 35.63
CA ASP A 200 -12.63 19.08 35.44
C ASP A 200 -12.92 17.89 34.53
N MET A 201 -11.88 17.43 33.84
CA MET A 201 -12.02 16.27 32.98
C MET A 201 -12.32 15.02 33.81
N VAL A 202 -13.07 14.11 33.20
CA VAL A 202 -13.48 12.86 33.84
C VAL A 202 -12.74 11.72 33.17
N ASN A 203 -12.92 10.50 33.68
CA ASN A 203 -12.23 9.37 33.08
C ASN A 203 -12.74 9.05 31.69
N LYS A 204 -13.99 9.40 31.39
CA LYS A 204 -14.55 9.16 30.07
C LYS A 204 -13.85 9.96 28.98
N ASP A 205 -12.91 10.83 29.32
CA ASP A 205 -12.22 11.67 28.35
C ASP A 205 -10.98 11.00 27.80
N GLN A 206 -10.60 9.82 28.31
CA GLN A 206 -9.60 8.98 27.69
C GLN A 206 -10.20 7.98 26.72
N VAL A 207 -11.53 7.93 26.64
CA VAL A 207 -12.29 7.19 25.65
C VAL A 207 -13.24 8.21 25.04
N LEU A 208 -14.17 7.78 24.20
CA LEU A 208 -15.02 8.77 23.55
C LEU A 208 -16.10 9.25 24.51
N ASN A 209 -15.96 10.50 24.95
CA ASN A 209 -17.00 11.17 25.71
C ASN A 209 -17.80 12.03 24.75
N PRO A 210 -19.09 11.78 24.56
CA PRO A 210 -19.87 12.57 23.60
C PRO A 210 -20.07 14.03 24.01
N ILE A 211 -19.55 14.41 25.17
CA ILE A 211 -19.79 15.74 25.72
C ILE A 211 -18.67 16.70 25.36
N SER A 212 -17.44 16.21 25.29
CA SER A 212 -16.27 17.04 24.96
C SER A 212 -16.22 17.28 23.45
N LYS A 213 -17.00 18.25 23.01
CA LYS A 213 -17.12 18.60 21.61
C LYS A 213 -16.97 20.11 21.43
N ALA A 214 -16.26 20.49 20.37
CA ALA A 214 -15.96 21.89 20.11
C ALA A 214 -15.97 22.14 18.62
N LYS A 215 -15.68 23.38 18.24
CA LYS A 215 -15.54 23.79 16.86
C LYS A 215 -14.21 24.52 16.71
N LEU A 216 -13.47 24.18 15.67
CA LEU A 216 -12.20 24.84 15.41
C LEU A 216 -12.42 26.22 14.82
N ASP A 217 -12.56 27.23 15.67
CA ASP A 217 -12.83 28.59 15.24
C ASP A 217 -11.72 29.56 15.59
N LYS A 218 -10.86 29.19 16.55
CA LYS A 218 -9.67 29.99 16.79
C LYS A 218 -8.46 29.25 16.25
N ASP A 219 -7.41 30.00 15.95
CA ASP A 219 -6.20 29.44 15.38
C ASP A 219 -5.08 29.46 16.40
N GLY A 220 -4.23 28.44 16.35
CA GLY A 220 -3.16 28.29 17.31
C GLY A 220 -3.64 28.11 18.73
N MET A 221 -4.82 27.52 18.93
CA MET A 221 -5.47 27.53 20.23
C MET A 221 -5.92 26.15 20.69
N TYR A 222 -6.29 25.28 19.75
CA TYR A 222 -6.80 23.95 20.08
C TYR A 222 -5.70 22.92 19.87
N PRO A 223 -5.11 22.36 20.93
CA PRO A 223 -4.01 21.41 20.74
C PRO A 223 -4.46 20.11 20.09
N VAL A 224 -3.58 19.57 19.24
CA VAL A 224 -3.92 18.39 18.45
C VAL A 224 -3.97 17.11 19.27
N GLU A 225 -3.36 17.09 20.44
CA GLU A 225 -3.42 15.95 21.33
C GLU A 225 -4.66 15.94 22.21
N ILE A 226 -5.53 16.94 22.08
CA ILE A 226 -6.80 16.99 22.79
C ILE A 226 -7.97 16.94 21.83
N TRP A 227 -7.83 17.58 20.68
CA TRP A 227 -8.94 17.83 19.78
C TRP A 227 -8.71 17.10 18.46
N HIS A 228 -9.72 16.35 18.03
CA HIS A 228 -9.65 15.51 16.86
C HIS A 228 -10.89 15.69 16.01
N PRO A 229 -10.78 15.59 14.68
CA PRO A 229 -11.95 15.76 13.82
C PRO A 229 -13.04 14.78 14.19
N ASP A 230 -14.17 15.30 14.54
CA ASP A 230 -15.32 14.58 15.06
C ASP A 230 -16.15 14.01 13.91
N PRO A 231 -16.31 12.69 13.81
CA PRO A 231 -17.32 12.16 12.90
C PRO A 231 -18.72 12.28 13.48
N ALA A 232 -19.48 13.23 12.96
CA ALA A 232 -20.75 13.64 13.52
C ALA A 232 -21.89 13.13 12.63
N LYS A 233 -23.13 13.50 12.95
CA LYS A 233 -24.25 12.97 12.19
C LYS A 233 -24.17 13.38 10.73
N ASN A 234 -24.30 14.69 10.45
CA ASN A 234 -24.29 15.22 9.09
C ASN A 234 -23.22 16.30 9.01
N GLU A 235 -22.43 16.29 7.93
CA GLU A 235 -21.21 17.10 7.89
C GLU A 235 -21.07 17.86 6.58
N ASN A 236 -20.35 18.98 6.66
CA ASN A 236 -20.08 19.89 5.57
C ASN A 236 -18.58 20.14 5.41
N THR A 237 -17.77 19.15 5.77
CA THR A 237 -16.32 19.24 5.79
C THR A 237 -15.77 17.93 5.28
N ARG A 238 -14.68 17.99 4.52
CA ARG A 238 -13.92 16.81 4.13
C ARG A 238 -12.57 16.88 4.81
N TYR A 239 -12.29 15.94 5.69
CA TYR A 239 -11.02 15.90 6.40
C TYR A 239 -10.30 14.60 6.07
N PHE A 240 -8.98 14.69 5.92
CA PHE A 240 -8.11 13.56 5.62
C PHE A 240 -6.93 13.59 6.57
N GLY A 241 -6.76 12.54 7.36
CA GLY A 241 -5.66 12.51 8.30
C GLY A 241 -4.94 11.20 8.28
N ASN A 242 -3.68 11.24 8.71
CA ASN A 242 -2.96 10.00 8.98
C ASN A 242 -1.89 10.26 10.04
N TYR A 243 -1.56 9.23 10.79
CA TYR A 243 -0.69 9.30 11.94
C TYR A 243 0.35 8.19 11.88
N THR A 244 1.60 8.55 12.15
CA THR A 244 2.67 7.57 12.30
C THR A 244 3.35 7.86 13.64
N GLY A 245 3.39 6.88 14.51
CA GLY A 245 3.98 7.05 15.82
C GLY A 245 5.42 6.63 15.89
N GLY A 246 5.94 6.46 17.10
CA GLY A 246 7.32 6.06 17.30
C GLY A 246 8.19 7.20 17.78
N THR A 247 9.46 6.88 17.99
CA THR A 247 10.44 7.83 18.49
C THR A 247 11.53 8.15 17.49
N THR A 248 11.87 7.22 16.60
CA THR A 248 12.86 7.44 15.56
C THR A 248 12.34 7.07 14.19
N THR A 249 11.05 7.22 13.95
CA THR A 249 10.46 6.85 12.67
C THR A 249 10.89 7.84 11.60
N PRO A 250 11.32 7.38 10.43
CA PRO A 250 11.75 8.32 9.40
C PRO A 250 10.56 9.06 8.82
N PRO A 251 10.64 10.37 8.68
CA PRO A 251 9.57 11.11 8.01
C PRO A 251 9.52 10.77 6.53
N VAL A 252 8.30 10.80 6.00
CA VAL A 252 8.05 10.50 4.59
C VAL A 252 7.10 11.56 4.06
N LEU A 253 7.45 12.14 2.92
CA LEU A 253 6.57 13.11 2.28
C LEU A 253 6.68 12.97 0.79
N GLN A 254 5.54 13.14 0.12
CA GLN A 254 5.44 13.04 -1.33
C GLN A 254 4.74 14.27 -1.85
N PHE A 255 5.48 15.14 -2.50
CA PHE A 255 4.90 16.35 -3.07
C PHE A 255 4.89 16.24 -4.58
N THR A 256 3.82 16.76 -5.18
CA THR A 256 3.73 16.78 -6.62
C THR A 256 2.81 17.93 -7.03
N ASN A 257 2.69 18.14 -8.33
CA ASN A 257 1.82 19.17 -8.85
C ASN A 257 0.94 18.59 -9.94
N THR A 258 0.45 17.38 -9.70
CA THR A 258 -0.39 16.69 -10.67
C THR A 258 -1.65 16.03 -10.15
N LEU A 259 -1.74 15.77 -8.83
CA LEU A 259 -2.95 15.12 -8.36
C LEU A 259 -3.81 16.05 -7.51
N THR A 260 -5.12 15.92 -7.68
CA THR A 260 -6.14 16.68 -7.00
C THR A 260 -7.04 15.73 -6.22
N THR A 261 -7.70 16.28 -5.20
CA THR A 261 -8.66 15.55 -4.38
C THR A 261 -10.06 16.06 -4.72
N VAL A 262 -10.97 15.14 -4.97
CA VAL A 262 -12.37 15.48 -5.24
C VAL A 262 -13.09 15.59 -3.91
N LEU A 263 -13.74 16.73 -3.69
CA LEU A 263 -14.44 16.99 -2.44
C LEU A 263 -15.92 16.68 -2.51
N LEU A 264 -16.42 16.23 -3.66
CA LEU A 264 -17.82 15.86 -3.78
C LEU A 264 -18.09 14.58 -3.01
N ASP A 265 -19.28 14.50 -2.43
CA ASP A 265 -19.70 13.34 -1.65
C ASP A 265 -20.53 12.40 -2.51
N GLU A 266 -21.17 11.43 -1.88
CA GLU A 266 -21.89 10.38 -2.61
C GLU A 266 -22.99 10.97 -3.49
N ASN A 267 -23.65 12.03 -3.02
CA ASN A 267 -24.63 12.72 -3.85
C ASN A 267 -23.99 13.72 -4.80
N GLY A 268 -22.69 13.96 -4.69
CA GLY A 268 -22.00 14.86 -5.58
C GLY A 268 -22.20 16.31 -5.27
N VAL A 269 -22.04 16.70 -4.01
CA VAL A 269 -22.28 18.07 -3.57
C VAL A 269 -20.97 18.77 -3.17
N GLY A 270 -20.30 18.27 -2.15
CA GLY A 270 -19.09 18.94 -1.71
C GLY A 270 -19.41 20.13 -0.84
N PRO A 271 -18.44 20.54 -0.01
CA PRO A 271 -18.74 21.49 1.06
C PRO A 271 -19.36 22.79 0.57
N LEU A 272 -20.62 23.00 0.91
CA LEU A 272 -21.33 24.24 0.59
C LEU A 272 -20.90 25.30 1.60
N CYS A 273 -20.50 26.46 1.11
CA CYS A 273 -19.89 27.47 1.96
C CYS A 273 -20.97 28.39 2.49
N LYS A 274 -21.36 28.18 3.75
CA LYS A 274 -22.46 28.91 4.34
C LYS A 274 -21.95 30.13 5.09
N GLY A 275 -22.66 31.25 4.90
CA GLY A 275 -22.10 32.54 5.22
C GLY A 275 -21.08 33.02 4.23
N GLU A 276 -20.97 32.35 3.08
CA GLU A 276 -19.91 32.57 2.09
C GLU A 276 -18.54 32.54 2.73
N GLY A 277 -18.31 31.51 3.52
CA GLY A 277 -17.03 31.32 4.17
C GLY A 277 -16.45 29.97 3.84
N LEU A 278 -15.14 29.92 3.62
CA LEU A 278 -14.44 28.69 3.31
C LEU A 278 -13.37 28.47 4.37
N TYR A 279 -13.37 27.31 4.99
CA TYR A 279 -12.53 27.04 6.14
C TYR A 279 -11.48 26.02 5.78
N LEU A 280 -10.22 26.38 5.97
CA LEU A 280 -9.10 25.47 5.78
C LEU A 280 -8.47 25.19 7.13
N SER A 281 -8.35 23.92 7.48
CA SER A 281 -7.75 23.51 8.73
C SER A 281 -6.61 22.56 8.39
N CYS A 282 -5.56 22.58 9.19
CA CYS A 282 -4.43 21.71 8.90
C CYS A 282 -3.54 21.58 10.13
N VAL A 283 -2.84 20.46 10.22
CA VAL A 283 -1.70 20.29 11.11
C VAL A 283 -0.77 19.27 10.48
N ASP A 284 0.49 19.66 10.28
CA ASP A 284 1.47 18.82 9.59
C ASP A 284 2.70 18.72 10.48
N ILE A 285 2.74 17.68 11.29
CA ILE A 285 3.81 17.47 12.24
C ILE A 285 4.80 16.47 11.65
N MET A 286 6.09 16.78 11.78
CA MET A 286 7.11 16.06 11.04
C MET A 286 8.00 15.20 11.93
N GLY A 287 7.92 15.36 13.24
CA GLY A 287 8.80 14.66 14.14
C GLY A 287 9.43 15.60 15.12
N TRP A 288 10.57 15.24 15.70
CA TRP A 288 11.21 16.09 16.70
C TRP A 288 12.63 16.46 16.30
N ARG A 289 13.12 17.51 16.95
CA ARG A 289 14.51 17.91 16.93
C ARG A 289 15.06 17.75 18.34
N VAL A 290 16.19 17.08 18.47
CA VAL A 290 16.81 16.83 19.78
C VAL A 290 18.04 17.71 19.91
N THR A 291 18.18 18.35 21.07
CA THR A 291 19.24 19.34 21.27
C THR A 291 20.49 18.70 21.84
N ARG A 292 21.60 19.43 21.73
CA ARG A 292 22.91 18.96 22.16
C ARG A 292 23.12 19.28 23.64
N ASN A 293 22.19 18.76 24.43
CA ASN A 293 22.03 19.07 25.84
C ASN A 293 21.35 17.86 26.45
N TYR A 294 20.71 18.02 27.60
CA TYR A 294 19.62 17.11 27.92
C TYR A 294 18.74 16.97 26.69
N ASP A 295 18.26 15.75 26.44
CA ASP A 295 17.70 15.46 25.14
C ASP A 295 16.38 16.19 24.94
N VAL A 296 16.43 17.50 24.82
CA VAL A 296 15.22 18.30 24.75
C VAL A 296 14.68 18.27 23.32
N HIS A 297 13.42 17.87 23.18
CA HIS A 297 12.79 17.62 21.89
C HIS A 297 11.97 18.83 21.48
N HIS A 298 12.02 19.18 20.20
CA HIS A 298 11.25 20.25 19.62
C HIS A 298 10.48 19.72 18.42
N TRP A 299 9.17 19.93 18.40
CA TRP A 299 8.38 19.53 17.25
C TRP A 299 8.64 20.44 16.06
N ARG A 300 8.63 19.84 14.86
CA ARG A 300 8.74 20.57 13.62
C ARG A 300 7.44 20.41 12.83
N GLY A 301 6.89 21.51 12.37
CA GLY A 301 5.78 21.49 11.45
C GLY A 301 6.10 22.22 10.17
N LEU A 302 5.49 21.79 9.08
CA LEU A 302 5.71 22.44 7.82
C LEU A 302 4.41 23.06 7.31
N PRO A 303 4.49 24.10 6.47
CA PRO A 303 3.28 24.72 5.95
C PRO A 303 2.55 23.84 4.94
N ARG A 304 1.29 24.15 4.74
CA ARG A 304 0.44 23.42 3.81
C ARG A 304 -0.18 24.40 2.82
N TYR A 305 -0.04 24.10 1.53
CA TYR A 305 -0.59 24.92 0.46
C TYR A 305 -1.91 24.31 0.01
N PHE A 306 -2.91 25.16 -0.20
CA PHE A 306 -4.22 24.74 -0.68
C PHE A 306 -4.51 25.38 -2.02
N LYS A 307 -5.20 24.66 -2.88
CA LYS A 307 -5.81 25.25 -4.08
C LYS A 307 -7.23 24.69 -4.19
N ILE A 308 -8.20 25.49 -3.79
CA ILE A 308 -9.59 25.08 -3.73
C ILE A 308 -10.29 25.58 -4.99
N THR A 309 -10.95 24.68 -5.70
CA THR A 309 -11.75 25.02 -6.87
C THR A 309 -13.22 25.12 -6.45
N LEU A 310 -13.84 26.25 -6.72
CA LEU A 310 -15.18 26.53 -6.26
C LEU A 310 -16.10 26.82 -7.44
N ARG A 311 -17.34 26.37 -7.33
CA ARG A 311 -18.39 26.70 -8.27
C ARG A 311 -19.59 27.23 -7.51
N LYS A 312 -20.64 27.60 -8.24
CA LYS A 312 -21.86 28.11 -7.65
C LYS A 312 -22.97 27.07 -7.80
N ARG A 313 -23.75 26.91 -6.74
CA ARG A 313 -24.82 25.93 -6.71
C ARG A 313 -26.14 26.60 -6.36
N TRP A 314 -27.17 26.33 -7.16
CA TRP A 314 -28.51 26.80 -6.85
C TRP A 314 -29.12 25.95 -5.74
N VAL A 315 -29.43 26.58 -4.61
CA VAL A 315 -30.03 25.90 -3.48
C VAL A 315 -31.39 26.52 -3.21
N LYS A 316 -32.23 25.77 -2.50
CA LYS A 316 -33.57 26.23 -2.16
C LYS A 316 -33.51 27.22 -1.00
N ASN A 317 -34.45 28.17 -1.00
CA ASN A 317 -34.54 29.16 0.06
C ASN A 317 -35.07 28.54 1.34
N PRO A 318 -34.31 28.58 2.44
CA PRO A 318 -34.76 27.88 3.66
C PRO A 318 -35.60 28.74 4.60
N TYR A 319 -35.55 30.05 4.44
CA TYR A 319 -36.14 30.99 5.39
C TYR A 319 -37.66 30.86 5.53
N PRO A 320 -38.42 30.59 4.44
CA PRO A 320 -39.87 30.39 4.61
C PRO A 320 -40.26 29.38 5.68
N MET A 321 -39.35 28.49 6.05
CA MET A 321 -39.55 27.59 7.19
C MET A 321 -39.10 28.34 8.44
N ALA A 322 -39.94 29.27 8.88
CA ALA A 322 -39.60 30.18 9.96
C ALA A 322 -39.33 29.42 11.26
N SER A 323 -38.75 30.13 12.23
CA SER A 323 -38.35 29.49 13.48
C SER A 323 -39.55 29.00 14.28
N LEU A 324 -40.71 29.64 14.13
CA LEU A 324 -41.87 29.21 14.91
C LEU A 324 -42.44 27.89 14.43
N ILE A 325 -42.28 27.56 13.14
CA ILE A 325 -42.63 26.26 12.62
C ILE A 325 -41.45 25.28 12.75
N SER A 326 -40.25 25.74 12.42
CA SER A 326 -39.03 24.99 12.72
C SER A 326 -38.65 25.21 14.17
N SER A 327 -39.46 24.69 15.09
CA SER A 327 -39.31 24.98 16.52
C SER A 327 -38.14 24.18 17.09
N LEU A 328 -38.05 24.12 18.42
CA LEU A 328 -36.89 23.50 19.05
C LEU A 328 -36.93 21.99 18.87
N PHE A 329 -36.82 21.52 17.62
CA PHE A 329 -36.71 20.09 17.38
C PHE A 329 -35.29 19.59 17.59
N ASN A 330 -34.28 20.42 17.32
CA ASN A 330 -32.89 20.05 17.51
C ASN A 330 -32.55 20.18 18.98
N ASN A 331 -31.26 20.07 19.31
CA ASN A 331 -30.82 20.20 20.69
C ASN A 331 -30.77 21.68 21.08
N MET A 332 -31.93 22.33 20.94
CA MET A 332 -32.14 23.69 21.41
C MET A 332 -32.75 23.74 22.79
N LEU A 333 -32.93 22.60 23.45
CA LEU A 333 -33.51 22.47 24.77
C LEU A 333 -32.57 23.07 25.80
N PRO A 334 -32.91 24.23 26.40
CA PRO A 334 -32.01 24.80 27.41
C PRO A 334 -31.91 23.89 28.63
N GLN A 335 -33.04 23.66 29.30
CA GLN A 335 -33.20 22.66 30.35
C GLN A 335 -34.64 22.71 30.83
N VAL A 336 -34.96 21.82 31.76
CA VAL A 336 -36.31 21.63 32.26
C VAL A 336 -36.52 22.32 33.60
N GLN A 337 -35.43 22.69 34.27
CA GLN A 337 -35.49 23.06 35.68
C GLN A 337 -36.52 24.17 35.92
N GLY A 338 -37.58 23.80 36.61
CA GLY A 338 -38.68 24.71 36.92
C GLY A 338 -39.50 24.10 38.02
N GLN A 339 -40.62 24.76 38.32
CA GLN A 339 -41.50 24.24 39.33
C GLN A 339 -42.12 22.91 38.87
N PRO A 340 -42.37 21.99 39.80
CA PRO A 340 -42.69 20.60 39.42
C PRO A 340 -44.07 20.49 38.79
N MET A 341 -44.10 20.07 37.53
CA MET A 341 -45.35 19.80 36.82
C MET A 341 -45.47 18.31 36.51
N GLU A 342 -44.90 17.48 37.37
CA GLU A 342 -44.86 16.03 37.21
C GLU A 342 -44.51 15.44 38.58
N GLY A 343 -44.77 14.14 38.72
CA GLY A 343 -44.47 13.47 39.97
C GLY A 343 -45.59 13.61 40.98
N GLU A 344 -45.22 13.43 42.25
CA GLU A 344 -46.20 13.52 43.33
C GLU A 344 -46.37 14.93 43.85
N ASN A 345 -45.35 15.76 43.72
CA ASN A 345 -45.42 17.18 44.08
C ASN A 345 -45.82 18.03 42.89
N THR A 346 -46.57 17.46 41.96
CA THR A 346 -46.98 18.19 40.77
C THR A 346 -47.85 19.37 41.14
N GLN A 347 -47.81 20.41 40.30
CA GLN A 347 -48.61 21.61 40.49
C GLN A 347 -49.71 21.74 39.45
N VAL A 348 -49.83 20.77 38.54
CA VAL A 348 -50.94 20.68 37.61
C VAL A 348 -52.18 20.28 38.42
N GLU A 349 -53.23 21.10 38.36
CA GLU A 349 -54.40 20.81 39.17
C GLU A 349 -55.39 19.91 38.44
N GLU A 350 -55.52 20.07 37.13
CA GLU A 350 -56.59 19.38 36.41
C GLU A 350 -56.34 19.50 34.92
N VAL A 351 -56.63 18.42 34.20
CA VAL A 351 -56.60 18.40 32.74
C VAL A 351 -57.91 17.82 32.27
N ARG A 352 -58.50 18.43 31.24
CA ARG A 352 -59.68 17.86 30.60
C ARG A 352 -59.56 18.00 29.09
N VAL A 353 -60.06 16.99 28.38
CA VAL A 353 -60.01 16.93 26.94
C VAL A 353 -61.45 16.95 26.41
N TYR A 354 -61.69 17.78 25.41
CA TYR A 354 -62.98 17.85 24.72
C TYR A 354 -62.76 17.53 23.26
N ASP A 355 -63.68 16.77 22.67
CA ASP A 355 -63.53 16.44 21.26
C ASP A 355 -64.73 16.81 20.42
N GLY A 356 -65.95 16.54 20.88
CA GLY A 356 -67.10 16.73 20.04
C GLY A 356 -68.10 17.73 20.59
N THR A 357 -69.39 17.36 20.54
CA THR A 357 -70.47 18.21 21.04
C THR A 357 -71.57 17.29 21.57
N GLU A 358 -72.02 17.55 22.79
CA GLU A 358 -73.08 16.79 23.42
C GLU A 358 -74.12 17.72 24.01
N PRO A 359 -75.34 17.23 24.25
CA PRO A 359 -76.33 18.07 24.93
C PRO A 359 -75.88 18.44 26.33
N VAL A 360 -76.29 19.62 26.79
CA VAL A 360 -75.81 20.15 28.06
C VAL A 360 -76.15 19.19 29.19
N PRO A 361 -75.14 18.63 29.86
CA PRO A 361 -75.42 17.71 30.98
C PRO A 361 -75.89 18.43 32.23
N GLY A 362 -75.94 17.70 33.33
CA GLY A 362 -76.38 18.26 34.59
C GLY A 362 -75.19 18.84 35.32
N ASP A 363 -74.72 18.17 36.37
CA ASP A 363 -73.54 18.58 37.11
C ASP A 363 -72.42 19.00 36.16
N PRO A 364 -72.05 20.29 36.15
CA PRO A 364 -70.96 20.73 35.27
C PRO A 364 -69.58 20.28 35.74
N ASP A 365 -69.41 19.98 37.02
CA ASP A 365 -68.17 19.41 37.52
C ASP A 365 -68.17 17.90 37.46
N MET A 366 -68.97 17.31 36.57
CA MET A 366 -68.97 15.86 36.39
C MET A 366 -67.61 15.39 35.90
N THR A 367 -67.09 14.34 36.52
CA THR A 367 -65.83 13.76 36.09
C THR A 367 -66.09 12.52 35.25
N ARG A 368 -65.29 12.37 34.20
CA ARG A 368 -65.53 11.35 33.19
C ARG A 368 -64.19 10.79 32.74
N TYR A 369 -64.05 9.47 32.82
CA TYR A 369 -62.81 8.82 32.43
C TYR A 369 -63.11 7.77 31.37
N VAL A 370 -62.06 7.05 30.98
CA VAL A 370 -62.14 6.00 29.97
C VAL A 370 -61.47 4.77 30.56
N ASP A 371 -62.20 3.66 30.67
CA ASP A 371 -61.67 2.50 31.36
C ASP A 371 -60.68 1.76 30.48
N ARG A 372 -60.33 0.55 30.90
CA ARG A 372 -59.33 -0.26 30.21
C ARG A 372 -59.75 -0.57 28.78
N PHE A 373 -61.02 -0.36 28.45
CA PHE A 373 -61.52 -0.56 27.09
C PHE A 373 -62.29 0.64 26.52
N GLY A 374 -63.12 1.32 27.30
CA GLY A 374 -64.01 2.32 26.77
C GLY A 374 -64.43 3.34 27.82
N LYS A 375 -65.36 4.20 27.45
CA LYS A 375 -65.64 5.39 28.26
C LYS A 375 -66.68 5.09 29.36
N THR A 376 -66.52 5.78 30.49
CA THR A 376 -67.39 5.60 31.64
C THR A 376 -67.40 6.88 32.46
N LYS A 377 -68.59 7.38 32.76
CA LYS A 377 -68.75 8.58 33.58
C LYS A 377 -68.72 8.18 35.05
N THR A 378 -67.78 8.74 35.80
CA THR A 378 -67.67 8.46 37.23
C THR A 378 -68.97 8.83 37.94
N VAL A 379 -69.38 7.99 38.89
CA VAL A 379 -70.60 8.23 39.64
C VAL A 379 -70.53 9.59 40.34
N PHE A 380 -71.68 10.18 40.57
CA PHE A 380 -71.73 11.51 41.17
C PHE A 380 -71.45 11.41 42.67
N PRO A 381 -71.06 12.52 43.31
CA PRO A 381 -70.91 12.50 44.77
C PRO A 381 -72.17 12.09 45.50
N GLY A 382 -72.05 11.12 46.41
CA GLY A 382 -73.19 10.64 47.17
C GLY A 382 -73.29 9.13 47.20
N LYS B 17 3.72 -9.31 -55.18
CA LYS B 17 2.52 -8.48 -55.13
C LYS B 17 1.62 -8.94 -53.98
N ALA B 18 1.71 -10.22 -53.63
CA ALA B 18 0.87 -10.82 -52.60
C ALA B 18 1.67 -11.21 -51.36
N CYS B 19 2.73 -10.47 -51.04
CA CYS B 19 3.46 -10.76 -49.81
C CYS B 19 2.73 -10.15 -48.62
N PRO B 20 2.90 -10.71 -47.42
CA PRO B 20 2.15 -10.20 -46.26
C PRO B 20 2.64 -8.83 -45.83
N ARG B 21 1.75 -8.10 -45.17
CA ARG B 21 2.06 -6.74 -44.74
C ARG B 21 2.39 -6.72 -43.25
N PRO B 22 3.58 -6.27 -42.85
CA PRO B 22 3.82 -6.00 -41.44
C PRO B 22 2.90 -4.92 -40.88
N ALA B 23 2.86 -4.79 -39.58
CA ALA B 23 1.98 -3.83 -38.95
C ALA B 23 2.54 -2.42 -39.06
N PRO B 24 1.68 -1.40 -39.10
CA PRO B 24 2.16 -0.02 -39.19
C PRO B 24 2.68 0.48 -37.85
N VAL B 25 3.90 1.01 -37.85
CA VAL B 25 4.46 1.64 -36.67
C VAL B 25 4.89 3.05 -37.06
N PRO B 26 5.04 3.96 -36.09
CA PRO B 26 5.57 5.28 -36.40
C PRO B 26 6.85 5.19 -37.20
N LYS B 27 6.97 6.04 -38.21
CA LYS B 27 8.12 6.03 -39.10
C LYS B 27 9.18 7.00 -38.61
N LEU B 28 10.35 6.47 -38.30
CA LEU B 28 11.48 7.29 -37.91
C LEU B 28 12.06 7.95 -39.15
N LEU B 29 12.02 9.28 -39.19
CA LEU B 29 12.67 9.99 -40.29
C LEU B 29 14.17 10.00 -40.10
N ILE B 30 14.63 10.32 -38.89
CA ILE B 30 16.05 10.55 -38.65
C ILE B 30 16.29 10.54 -37.15
N LYS B 31 17.48 10.13 -36.76
CA LYS B 31 17.90 10.18 -35.37
C LYS B 31 19.38 10.53 -35.29
N GLY B 32 19.77 11.13 -34.18
CA GLY B 32 21.13 11.59 -34.01
C GLY B 32 21.30 12.46 -32.78
N GLY B 33 21.91 13.61 -32.94
CA GLY B 33 22.05 14.56 -31.86
C GLY B 33 20.98 15.62 -31.92
N MET B 34 21.24 16.74 -31.25
CA MET B 34 20.31 17.86 -31.31
C MET B 34 20.31 18.52 -32.67
N GLU B 35 21.31 18.21 -33.51
CA GLU B 35 21.36 18.73 -34.87
C GLU B 35 20.29 18.10 -35.75
N VAL B 36 19.77 16.95 -35.35
CA VAL B 36 18.76 16.25 -36.15
C VAL B 36 17.47 17.06 -36.19
N LEU B 37 17.27 17.94 -35.22
CA LEU B 37 16.05 18.74 -35.09
C LEU B 37 15.98 19.89 -36.09
N ASP B 38 17.02 20.11 -36.88
CA ASP B 38 17.03 21.17 -37.88
C ASP B 38 16.25 20.81 -39.13
N LEU B 39 15.76 19.58 -39.24
CA LEU B 39 14.99 19.16 -40.40
C LEU B 39 13.52 19.50 -40.18
N VAL B 40 12.99 20.42 -40.99
CA VAL B 40 11.57 20.72 -40.96
C VAL B 40 10.79 19.48 -41.38
N THR B 41 9.81 19.09 -40.57
CA THR B 41 9.16 17.80 -40.73
C THR B 41 7.69 17.89 -41.08
N GLY B 42 6.89 18.61 -40.32
CA GLY B 42 5.47 18.62 -40.52
C GLY B 42 4.72 18.76 -39.22
N PRO B 43 3.43 19.11 -39.29
CA PRO B 43 2.68 19.43 -38.07
C PRO B 43 2.44 18.25 -37.16
N ASP B 44 2.31 17.03 -37.69
CA ASP B 44 2.01 15.86 -36.88
C ASP B 44 3.24 15.04 -36.52
N SER B 45 4.43 15.60 -36.66
CA SER B 45 5.63 14.83 -36.36
C SER B 45 5.95 14.90 -34.87
N VAL B 46 6.52 13.82 -34.35
CA VAL B 46 6.80 13.66 -32.93
C VAL B 46 8.30 13.51 -32.75
N THR B 47 8.84 14.17 -31.73
CA THR B 47 10.25 14.07 -31.38
C THR B 47 10.39 13.43 -30.00
N GLU B 48 11.45 12.65 -29.84
CA GLU B 48 11.82 12.06 -28.55
C GLU B 48 13.28 12.37 -28.29
N ILE B 49 13.56 13.06 -27.21
CA ILE B 49 14.91 13.45 -26.83
C ILE B 49 15.27 12.70 -25.56
N GLU B 50 16.36 11.94 -25.62
CA GLU B 50 16.94 11.28 -24.45
C GLU B 50 18.08 12.14 -23.94
N ALA B 51 18.12 12.37 -22.64
CA ALA B 51 19.15 13.22 -22.03
C ALA B 51 19.40 12.71 -20.62
N PHE B 52 20.40 13.29 -19.96
CA PHE B 52 20.66 12.94 -18.57
C PHE B 52 21.23 14.13 -17.82
N LEU B 53 21.09 14.08 -16.50
CA LEU B 53 21.56 15.11 -15.58
C LEU B 53 22.41 14.46 -14.51
N ASN B 54 23.51 15.01 -14.25
CA ASN B 54 24.37 14.41 -13.24
C ASN B 54 24.13 15.05 -11.88
N PRO B 55 24.39 14.34 -10.79
CA PRO B 55 24.15 14.91 -9.45
C PRO B 55 25.12 16.04 -9.14
N ARG B 56 24.57 17.19 -8.78
CA ARG B 56 25.36 18.32 -8.33
C ARG B 56 25.27 18.31 -6.81
N MET B 57 26.12 17.51 -6.19
CA MET B 57 25.95 17.07 -4.82
C MET B 57 27.22 17.45 -4.09
N GLY B 58 27.37 18.72 -3.73
CA GLY B 58 28.61 19.17 -3.14
C GLY B 58 29.73 19.49 -4.11
N GLN B 59 30.65 18.55 -4.28
CA GLN B 59 31.90 18.77 -5.01
C GLN B 59 31.70 18.86 -6.52
N PRO B 60 32.27 19.84 -7.20
CA PRO B 60 32.03 20.02 -8.64
C PRO B 60 32.82 19.05 -9.48
N PRO B 61 32.54 18.97 -10.78
CA PRO B 61 33.26 18.03 -11.64
C PRO B 61 34.65 18.46 -12.06
N THR B 62 34.96 19.75 -12.01
CA THR B 62 36.07 20.35 -12.75
C THR B 62 37.45 19.91 -12.28
N PRO B 63 37.74 19.81 -10.96
CA PRO B 63 39.05 19.23 -10.60
C PRO B 63 39.05 17.73 -10.81
N GLU B 64 39.32 17.32 -12.05
CA GLU B 64 39.01 15.95 -12.46
C GLU B 64 40.04 14.93 -11.99
N SER B 65 41.19 15.37 -11.50
CA SER B 65 42.19 14.41 -11.03
C SER B 65 41.66 13.63 -9.83
N LEU B 66 42.01 12.35 -9.77
CA LEU B 66 41.53 11.47 -8.73
C LEU B 66 42.32 11.60 -7.44
N THR B 67 43.23 12.56 -7.35
CA THR B 67 43.98 12.83 -6.13
C THR B 67 43.86 14.28 -5.68
N GLU B 68 43.77 15.22 -6.62
CA GLU B 68 43.58 16.62 -6.27
C GLU B 68 42.27 16.84 -5.55
N GLY B 69 41.22 16.16 -5.96
CA GLY B 69 39.96 16.22 -5.26
C GLY B 69 39.63 15.00 -4.43
N GLY B 70 40.42 13.92 -4.52
CA GLY B 70 40.06 12.64 -3.93
C GLY B 70 38.91 12.03 -4.71
N GLN B 71 38.37 12.85 -5.60
CA GLN B 71 37.17 12.57 -6.37
C GLN B 71 36.02 12.09 -5.51
N TYR B 72 35.57 13.02 -4.68
CA TYR B 72 34.19 13.03 -4.22
C TYR B 72 33.31 13.71 -5.26
N TYR B 73 33.42 13.31 -6.51
CA TYR B 73 32.51 13.77 -7.54
C TYR B 73 31.37 12.77 -7.66
N GLY B 74 30.14 13.27 -7.57
CA GLY B 74 29.02 12.42 -7.26
C GLY B 74 28.73 12.31 -5.79
N TRP B 75 29.64 12.79 -4.95
CA TRP B 75 29.46 12.87 -3.51
C TRP B 75 29.69 14.30 -3.05
N SER B 76 29.28 14.58 -1.82
CA SER B 76 29.62 15.84 -1.18
C SER B 76 30.94 15.69 -0.42
N ARG B 77 31.50 16.81 0.00
CA ARG B 77 32.86 16.76 0.52
C ARG B 77 32.90 16.24 1.95
N GLY B 78 32.14 16.84 2.84
CA GLY B 78 32.03 16.30 4.18
C GLY B 78 31.27 17.24 5.07
N ILE B 79 30.31 16.72 5.84
CA ILE B 79 29.40 17.56 6.60
C ILE B 79 30.13 18.00 7.86
N ASN B 80 30.38 19.30 7.97
CA ASN B 80 30.91 19.89 9.18
C ASN B 80 29.76 20.46 9.98
N LEU B 81 29.66 20.05 11.24
CA LEU B 81 28.57 20.48 12.10
C LEU B 81 28.82 21.90 12.60
N ALA B 82 27.82 22.49 13.24
CA ALA B 82 27.94 23.82 13.83
C ALA B 82 28.73 23.73 15.12
N THR B 83 29.47 24.81 15.42
CA THR B 83 30.27 24.84 16.63
C THR B 83 29.45 25.31 17.83
N SER B 84 28.48 26.20 17.61
CA SER B 84 27.59 26.66 18.65
C SER B 84 26.20 26.81 18.06
N ASP B 85 25.23 27.06 18.96
CA ASP B 85 23.85 27.19 18.52
C ASP B 85 23.67 28.41 17.63
N THR B 86 24.48 29.45 17.83
CA THR B 86 24.23 30.72 17.16
C THR B 86 25.00 30.83 15.85
N GLU B 87 26.15 30.18 15.73
CA GLU B 87 26.94 30.26 14.52
C GLU B 87 26.97 28.91 13.80
N ASP B 88 26.31 28.85 12.65
CA ASP B 88 26.31 27.67 11.79
C ASP B 88 26.69 28.15 10.40
N SER B 89 27.85 27.71 9.90
CA SER B 89 28.33 28.13 8.60
C SER B 89 28.79 26.93 7.79
N PRO B 90 27.96 26.40 6.88
CA PRO B 90 28.38 25.24 6.09
C PRO B 90 29.19 25.63 4.86
N GLU B 91 30.14 24.77 4.47
CA GLU B 91 30.88 24.97 3.25
C GLU B 91 29.98 24.73 2.05
N ASN B 92 30.28 25.39 0.94
CA ASN B 92 29.46 25.27 -0.25
C ASN B 92 29.56 23.89 -0.89
N ASN B 93 30.67 23.18 -0.67
CA ASN B 93 30.85 21.87 -1.26
C ASN B 93 30.24 20.76 -0.42
N THR B 94 29.41 21.12 0.57
CA THR B 94 28.71 20.15 1.38
C THR B 94 27.21 20.23 1.24
N LEU B 95 26.72 21.15 0.40
CA LEU B 95 25.29 21.32 0.20
C LEU B 95 24.90 20.77 -1.16
N PRO B 96 24.15 19.67 -1.22
CA PRO B 96 23.60 19.23 -2.51
C PRO B 96 22.66 20.27 -3.09
N THR B 97 22.68 20.39 -4.40
CA THR B 97 21.98 21.45 -5.10
C THR B 97 21.10 20.86 -6.19
N TRP B 98 20.33 21.73 -6.83
CA TRP B 98 19.51 21.31 -7.95
C TRP B 98 20.34 21.19 -9.21
N SER B 99 20.18 20.07 -9.90
CA SER B 99 20.69 19.90 -11.26
C SER B 99 19.63 20.44 -12.22
N MET B 100 20.07 21.12 -13.27
CA MET B 100 19.12 21.52 -14.28
C MET B 100 19.82 21.62 -15.63
N ALA B 101 19.01 21.60 -16.68
CA ALA B 101 19.47 21.77 -18.04
C ALA B 101 18.39 22.47 -18.83
N LYS B 102 18.80 23.20 -19.86
CA LYS B 102 17.88 23.76 -20.84
C LYS B 102 18.19 23.14 -22.18
N LEU B 103 17.16 22.78 -22.92
CA LEU B 103 17.30 22.23 -24.26
C LEU B 103 16.64 23.18 -25.24
N GLN B 104 17.43 23.89 -26.02
CA GLN B 104 16.91 24.85 -26.97
C GLN B 104 16.46 24.12 -28.23
N LEU B 105 15.17 24.11 -28.48
CA LEU B 105 14.52 23.51 -29.63
C LEU B 105 14.39 24.53 -30.76
N PRO B 106 14.16 24.08 -31.99
CA PRO B 106 14.08 25.04 -33.11
C PRO B 106 12.83 25.89 -33.08
N MET B 107 12.81 26.95 -33.88
CA MET B 107 11.62 27.78 -34.04
C MET B 107 10.61 27.07 -34.93
N LEU B 108 9.34 27.34 -34.67
CA LEU B 108 8.25 26.69 -35.36
C LEU B 108 7.49 27.72 -36.21
N ASN B 109 6.38 27.28 -36.79
CA ASN B 109 5.61 28.13 -37.67
C ASN B 109 4.84 29.19 -36.88
N GLU B 110 4.30 30.14 -37.63
CA GLU B 110 3.43 31.19 -37.12
C GLU B 110 2.34 31.45 -38.15
N ASP B 111 1.29 32.13 -37.71
CA ASP B 111 0.21 32.48 -38.64
C ASP B 111 -0.42 33.76 -38.10
N LEU B 112 -0.01 34.91 -38.64
CA LEU B 112 -0.54 36.19 -38.18
C LEU B 112 -1.93 36.48 -38.72
N THR B 113 -2.44 35.65 -39.64
CA THR B 113 -3.81 35.84 -40.13
C THR B 113 -4.82 35.64 -39.01
N CYS B 114 -4.70 34.55 -38.26
CA CYS B 114 -5.51 34.33 -37.07
C CYS B 114 -4.72 34.42 -35.79
N ASP B 115 -3.50 34.95 -35.83
CA ASP B 115 -2.70 35.21 -34.64
C ASP B 115 -2.42 33.94 -33.85
N THR B 116 -2.23 32.83 -34.55
CA THR B 116 -1.87 31.56 -33.93
C THR B 116 -0.43 31.20 -34.28
N LEU B 117 0.24 30.55 -33.35
CA LEU B 117 1.58 30.06 -33.55
C LEU B 117 1.66 28.67 -32.94
N GLN B 118 2.59 27.84 -33.41
CA GLN B 118 2.73 26.52 -32.83
C GLN B 118 3.94 26.48 -31.90
N MET B 119 3.78 25.77 -30.80
CA MET B 119 4.79 25.61 -29.77
C MET B 119 5.14 24.14 -29.62
N TRP B 120 6.32 23.90 -29.05
CA TRP B 120 6.68 22.56 -28.61
C TRP B 120 5.93 22.25 -27.33
N GLU B 121 5.48 21.01 -27.20
CA GLU B 121 4.65 20.58 -26.08
C GLU B 121 5.16 19.24 -25.58
N ALA B 122 5.58 19.20 -24.32
CA ALA B 122 6.04 17.96 -23.70
C ALA B 122 4.84 17.10 -23.32
N VAL B 123 4.80 15.88 -23.83
CA VAL B 123 3.61 15.04 -23.67
C VAL B 123 3.84 13.95 -22.65
N SER B 124 5.02 13.33 -22.68
CA SER B 124 5.37 12.23 -21.80
C SER B 124 6.78 12.45 -21.30
N VAL B 125 7.17 11.67 -20.29
CA VAL B 125 8.56 11.57 -19.90
C VAL B 125 8.80 10.19 -19.32
N LYS B 126 9.85 9.54 -19.79
CA LYS B 126 10.39 8.31 -19.19
C LYS B 126 11.64 8.72 -18.43
N THR B 127 11.61 8.62 -17.12
CA THR B 127 12.73 9.06 -16.31
C THR B 127 13.20 7.89 -15.45
N GLU B 128 14.47 7.96 -15.04
CA GLU B 128 15.08 6.87 -14.30
C GLU B 128 16.34 7.34 -13.59
N VAL B 129 16.55 6.87 -12.36
CA VAL B 129 17.80 7.10 -11.64
C VAL B 129 18.73 5.93 -11.93
N VAL B 130 19.94 6.23 -12.39
CA VAL B 130 20.88 5.22 -12.85
C VAL B 130 21.94 4.99 -11.78
N GLY B 131 22.31 3.75 -11.57
CA GLY B 131 23.44 3.42 -10.72
C GLY B 131 23.10 2.82 -9.37
N SER B 132 21.89 2.29 -9.22
CA SER B 132 21.47 1.77 -7.93
C SER B 132 22.34 0.60 -7.50
N GLY B 133 22.71 -0.26 -8.46
CA GLY B 133 23.55 -1.40 -8.15
C GLY B 133 24.97 -1.04 -7.78
N SER B 134 25.39 0.20 -8.03
CA SER B 134 26.70 0.63 -7.55
C SER B 134 26.72 0.75 -6.05
N LEU B 135 25.56 0.82 -5.41
CA LEU B 135 25.48 0.90 -3.96
C LEU B 135 25.67 -0.44 -3.29
N LEU B 136 25.99 -1.47 -4.06
CA LEU B 136 26.41 -2.75 -3.53
C LEU B 136 27.92 -2.87 -3.40
N ASP B 137 28.62 -1.74 -3.39
CA ASP B 137 30.06 -1.69 -3.13
C ASP B 137 30.23 -1.66 -1.62
N VAL B 138 30.34 -2.84 -1.02
CA VAL B 138 30.51 -2.97 0.42
C VAL B 138 31.93 -3.35 0.80
N HIS B 139 32.82 -3.53 -0.17
CA HIS B 139 34.24 -3.44 0.09
C HIS B 139 34.61 -1.96 0.09
N GLY B 140 35.82 -1.62 0.47
CA GLY B 140 36.17 -0.23 0.52
C GLY B 140 36.31 0.30 1.93
N PHE B 141 36.75 1.55 2.02
CA PHE B 141 37.20 2.13 3.27
C PHE B 141 36.09 3.00 3.85
N ASN B 142 35.11 2.35 4.46
CA ASN B 142 34.03 3.05 5.14
C ASN B 142 33.90 2.49 6.54
N LYS B 143 33.06 3.11 7.36
CA LYS B 143 32.83 2.63 8.71
C LYS B 143 32.37 1.17 8.67
N PRO B 144 33.17 0.23 9.18
CA PRO B 144 32.80 -1.18 9.09
C PRO B 144 31.57 -1.49 9.91
N THR B 145 30.95 -2.64 9.61
CA THR B 145 29.72 -3.01 10.28
C THR B 145 29.99 -3.51 11.69
N ASP B 146 31.15 -4.14 11.90
CA ASP B 146 31.61 -4.52 13.24
C ASP B 146 32.77 -3.58 13.59
N THR B 147 32.47 -2.58 14.42
CA THR B 147 33.43 -1.50 14.64
C THR B 147 34.43 -1.81 15.74
N VAL B 148 34.14 -2.74 16.64
CA VAL B 148 35.07 -3.03 17.73
C VAL B 148 36.28 -3.81 17.24
N ASN B 149 36.19 -4.47 16.08
CA ASN B 149 37.33 -5.12 15.48
C ASN B 149 37.67 -4.58 14.10
N THR B 150 36.87 -3.67 13.56
CA THR B 150 37.08 -3.05 12.25
C THR B 150 37.11 -4.12 11.16
N LYS B 151 36.05 -4.93 11.18
CA LYS B 151 35.86 -5.98 10.19
C LYS B 151 34.38 -6.08 9.82
N GLY B 152 34.12 -6.85 8.77
CA GLY B 152 32.77 -7.08 8.33
C GLY B 152 32.50 -6.58 6.93
N ILE B 153 31.59 -5.61 6.82
CA ILE B 153 31.22 -4.96 5.57
C ILE B 153 31.46 -3.48 5.77
N SER B 154 31.93 -2.79 4.73
CA SER B 154 31.98 -1.35 4.78
C SER B 154 30.58 -0.80 4.60
N THR B 155 30.08 -0.07 5.58
CA THR B 155 28.67 0.27 5.66
C THR B 155 28.22 0.92 4.34
N PRO B 156 27.16 0.40 3.71
CA PRO B 156 26.68 1.00 2.46
C PRO B 156 25.98 2.33 2.68
N VAL B 157 25.65 3.01 1.58
CA VAL B 157 24.99 4.30 1.64
C VAL B 157 23.60 4.13 2.22
N GLU B 158 23.27 4.96 3.20
CA GLU B 158 21.98 4.95 3.89
C GLU B 158 21.70 6.37 4.36
N GLY B 159 20.49 6.60 4.84
CA GLY B 159 20.20 7.88 5.44
C GLY B 159 18.95 8.54 4.92
N SER B 160 18.99 9.86 4.74
CA SER B 160 17.84 10.57 4.19
C SER B 160 17.96 10.63 2.69
N GLN B 161 16.83 10.47 2.02
CA GLN B 161 16.74 10.41 0.57
C GLN B 161 15.83 11.51 0.08
N TYR B 162 16.07 11.96 -1.15
CA TYR B 162 15.30 13.08 -1.71
C TYR B 162 15.37 12.99 -3.21
N HIS B 163 14.24 12.70 -3.84
CA HIS B 163 14.15 12.46 -5.27
C HIS B 163 13.07 13.35 -5.87
N VAL B 164 13.50 14.38 -6.60
CA VAL B 164 12.59 15.26 -7.31
C VAL B 164 13.05 15.34 -8.76
N PHE B 165 12.10 15.31 -9.70
CA PHE B 165 12.39 15.68 -11.07
C PHE B 165 11.25 16.54 -11.59
N ALA B 166 11.58 17.46 -12.48
CA ALA B 166 10.59 18.39 -13.03
C ALA B 166 10.84 18.55 -14.52
N VAL B 167 9.76 18.70 -15.28
CA VAL B 167 9.82 18.94 -16.71
C VAL B 167 8.88 20.10 -17.03
N GLY B 168 9.39 21.14 -17.67
CA GLY B 168 8.57 22.28 -17.98
C GLY B 168 9.07 23.04 -19.18
N GLY B 169 8.31 24.06 -19.56
CA GLY B 169 8.68 24.98 -20.61
C GLY B 169 9.35 26.24 -20.12
N GLU B 170 9.34 26.50 -18.82
CA GLU B 170 10.06 27.62 -18.24
C GLU B 170 10.84 27.09 -17.04
N PRO B 171 11.77 27.88 -16.50
CA PRO B 171 12.53 27.40 -15.35
C PRO B 171 11.65 27.20 -14.12
N LEU B 172 11.99 26.17 -13.34
CA LEU B 172 11.23 25.80 -12.16
C LEU B 172 11.21 26.92 -11.12
N ASP B 173 10.01 27.33 -10.72
CA ASP B 173 9.82 28.28 -9.64
C ASP B 173 10.18 27.61 -8.32
N LEU B 174 10.96 28.29 -7.49
CA LEU B 174 11.34 27.78 -6.19
C LEU B 174 10.70 28.65 -5.11
N GLN B 175 10.65 28.10 -3.90
CA GLN B 175 10.13 28.78 -2.72
C GLN B 175 11.01 28.45 -1.54
N GLY B 176 11.56 29.48 -0.90
CA GLY B 176 12.55 29.29 0.12
C GLY B 176 11.95 28.94 1.47
N LEU B 177 12.68 28.09 2.20
CA LEU B 177 12.26 27.62 3.52
C LEU B 177 13.46 26.93 4.12
N VAL B 178 13.78 27.27 5.37
CA VAL B 178 14.99 26.78 6.01
C VAL B 178 14.63 26.23 7.40
N THR B 179 15.46 25.33 7.92
CA THR B 179 15.28 24.89 9.29
C THR B 179 15.62 26.01 10.26
N ASP B 180 16.80 26.61 10.10
CA ASP B 180 17.28 27.69 10.94
C ASP B 180 17.48 28.91 10.07
N ALA B 181 16.84 30.02 10.45
CA ALA B 181 17.02 31.28 9.74
C ALA B 181 18.28 32.02 10.17
N ARG B 182 19.14 31.39 10.96
CA ARG B 182 20.36 31.99 11.45
C ARG B 182 21.61 31.35 10.88
N THR B 183 21.50 30.63 9.78
CA THR B 183 22.64 29.94 9.19
C THR B 183 23.43 30.90 8.33
N LYS B 184 24.76 30.80 8.41
CA LYS B 184 25.67 31.69 7.71
C LYS B 184 26.09 31.01 6.41
N TYR B 185 25.20 31.03 5.43
CA TYR B 185 25.58 30.53 4.12
C TYR B 185 26.50 31.54 3.44
N LYS B 186 27.55 31.02 2.81
CA LYS B 186 28.51 31.87 2.14
C LYS B 186 27.83 32.73 1.09
N GLU B 187 28.30 33.97 0.94
CA GLU B 187 27.64 34.92 0.06
C GLU B 187 28.01 34.75 -1.40
N GLU B 188 28.94 33.86 -1.72
CA GLU B 188 29.32 33.62 -3.10
C GLU B 188 29.41 32.12 -3.36
N GLY B 189 29.04 31.71 -4.57
CA GLY B 189 29.07 30.33 -4.94
C GLY B 189 27.79 29.56 -4.65
N VAL B 190 26.79 30.22 -4.10
CA VAL B 190 25.54 29.57 -3.72
C VAL B 190 24.45 30.64 -3.70
N VAL B 191 23.26 30.31 -4.19
CA VAL B 191 22.14 31.23 -4.19
C VAL B 191 21.26 30.91 -3.01
N THR B 192 21.21 31.81 -2.03
CA THR B 192 20.44 31.62 -0.83
C THR B 192 19.27 32.60 -0.83
N ILE B 193 18.53 32.63 0.28
CA ILE B 193 17.43 33.57 0.38
C ILE B 193 17.95 35.00 0.51
N LYS B 194 19.10 35.19 1.16
CA LYS B 194 19.68 36.52 1.30
C LYS B 194 20.19 37.06 -0.03
N THR B 195 20.51 36.17 -0.97
CA THR B 195 20.91 36.61 -2.30
C THR B 195 19.72 37.13 -3.09
N ILE B 196 18.53 36.58 -2.83
CA ILE B 196 17.36 36.97 -3.60
C ILE B 196 16.66 38.17 -2.96
N THR B 197 16.41 38.07 -1.66
CA THR B 197 15.96 39.20 -0.85
C THR B 197 17.20 39.75 -0.17
N LYS B 198 17.61 40.97 -0.54
CA LYS B 198 18.92 41.46 -0.12
C LYS B 198 19.05 41.60 1.40
N LYS B 199 17.97 41.41 2.15
CA LYS B 199 18.05 41.41 3.60
C LYS B 199 18.43 40.01 4.11
N ASP B 200 18.70 39.94 5.41
CA ASP B 200 18.93 38.65 6.06
C ASP B 200 17.64 37.84 6.10
N MET B 201 17.78 36.56 6.46
CA MET B 201 16.60 35.74 6.68
C MET B 201 15.91 36.15 7.97
N VAL B 202 14.59 36.05 7.97
CA VAL B 202 13.78 36.35 9.15
C VAL B 202 13.15 35.05 9.64
N ASN B 203 12.41 35.13 10.75
CA ASN B 203 11.74 33.93 11.24
C ASN B 203 10.62 33.46 10.31
N LYS B 204 10.07 34.36 9.49
CA LYS B 204 9.08 33.95 8.51
C LYS B 204 9.67 32.97 7.52
N ASP B 205 10.99 32.96 7.38
CA ASP B 205 11.64 32.11 6.39
C ASP B 205 11.84 30.69 6.90
N GLN B 206 11.63 30.45 8.18
CA GLN B 206 11.58 29.09 8.71
C GLN B 206 10.24 28.43 8.49
N VAL B 207 9.25 29.17 8.00
CA VAL B 207 7.91 28.63 7.89
C VAL B 207 7.40 28.71 6.45
N LEU B 208 7.03 29.90 5.99
CA LEU B 208 6.73 30.14 4.58
C LEU B 208 6.65 31.63 4.34
N ASN B 209 7.57 32.17 3.56
CA ASN B 209 7.53 33.55 3.19
C ASN B 209 7.14 33.63 1.72
N PRO B 210 6.02 34.27 1.37
CA PRO B 210 5.73 34.51 -0.05
C PRO B 210 6.73 35.43 -0.71
N ILE B 211 7.73 35.90 0.03
CA ILE B 211 8.72 36.84 -0.47
C ILE B 211 9.95 36.13 -0.99
N SER B 212 10.35 35.04 -0.32
CA SER B 212 11.56 34.32 -0.69
C SER B 212 11.21 33.32 -1.80
N LYS B 213 11.24 33.82 -3.03
CA LYS B 213 10.95 33.06 -4.23
C LYS B 213 12.08 33.26 -5.23
N ALA B 214 12.34 32.24 -6.03
CA ALA B 214 13.41 32.30 -7.01
C ALA B 214 13.04 31.41 -8.19
N LYS B 215 13.90 31.41 -9.21
CA LYS B 215 13.80 30.47 -10.31
C LYS B 215 15.00 29.55 -10.26
N LEU B 216 15.09 28.60 -11.18
CA LEU B 216 16.18 27.65 -11.16
C LEU B 216 17.03 27.84 -12.40
N ASP B 217 17.45 29.08 -12.64
CA ASP B 217 18.24 29.39 -13.82
C ASP B 217 19.66 28.85 -13.72
N LYS B 218 20.24 28.83 -12.53
CA LYS B 218 21.58 28.28 -12.39
C LYS B 218 21.53 26.79 -12.09
N ASP B 219 22.71 26.19 -12.00
CA ASP B 219 22.87 24.76 -11.82
C ASP B 219 24.02 24.54 -10.85
N GLY B 220 23.78 23.74 -9.83
CA GLY B 220 24.77 23.58 -8.77
C GLY B 220 24.90 24.80 -7.90
N MET B 221 23.86 25.62 -7.81
CA MET B 221 23.94 26.88 -7.10
C MET B 221 22.85 27.02 -6.05
N TYR B 222 21.64 26.54 -6.35
CA TYR B 222 20.53 26.61 -5.41
C TYR B 222 20.54 25.37 -4.54
N PRO B 223 20.82 25.47 -3.25
CA PRO B 223 20.85 24.27 -2.41
C PRO B 223 19.44 23.72 -2.18
N VAL B 224 19.38 22.38 -2.09
CA VAL B 224 18.12 21.66 -2.00
C VAL B 224 17.43 21.86 -0.64
N GLU B 225 18.21 22.08 0.42
CA GLU B 225 17.69 22.34 1.75
C GLU B 225 17.17 23.75 1.94
N ILE B 226 17.21 24.60 0.91
CA ILE B 226 16.68 25.94 0.96
C ILE B 226 15.54 26.15 -0.03
N TRP B 227 15.65 25.56 -1.21
CA TRP B 227 14.81 25.89 -2.34
C TRP B 227 13.95 24.70 -2.71
N HIS B 228 12.66 24.85 -2.59
CA HIS B 228 11.67 23.82 -2.78
C HIS B 228 10.71 24.21 -3.89
N PRO B 229 10.27 23.28 -4.73
CA PRO B 229 9.34 23.65 -5.79
C PRO B 229 8.12 24.35 -5.24
N ASP B 230 7.80 25.46 -5.82
CA ASP B 230 6.77 26.36 -5.35
C ASP B 230 5.46 26.04 -6.04
N PRO B 231 4.41 25.68 -5.30
CA PRO B 231 3.07 25.57 -5.92
C PRO B 231 2.43 26.94 -6.13
N ALA B 232 2.84 27.58 -7.21
CA ALA B 232 2.37 28.90 -7.58
C ALA B 232 0.91 28.82 -8.04
N LYS B 233 0.28 29.99 -8.21
CA LYS B 233 -1.06 30.02 -8.75
C LYS B 233 -1.10 29.28 -10.09
N ASN B 234 -0.07 29.50 -10.90
CA ASN B 234 0.09 29.02 -12.26
C ASN B 234 1.33 28.15 -12.36
N GLU B 235 1.38 27.30 -13.39
CA GLU B 235 2.64 26.61 -13.64
C GLU B 235 2.62 25.97 -15.02
N ASN B 236 3.80 25.96 -15.64
CA ASN B 236 4.06 25.30 -16.91
C ASN B 236 5.02 24.13 -16.76
N THR B 237 5.34 23.74 -15.54
CA THR B 237 6.21 22.61 -15.29
C THR B 237 5.47 21.59 -14.45
N ARG B 238 5.74 20.31 -14.69
CA ARG B 238 5.24 19.22 -13.88
C ARG B 238 6.40 18.70 -13.04
N TYR B 239 6.23 18.69 -11.72
CA TYR B 239 7.28 18.23 -10.84
C TYR B 239 6.75 17.11 -9.96
N PHE B 240 7.62 16.15 -9.68
CA PHE B 240 7.30 14.96 -8.90
C PHE B 240 8.43 14.72 -7.92
N GLY B 241 8.16 14.91 -6.65
CA GLY B 241 9.21 14.67 -5.66
C GLY B 241 8.71 13.77 -4.56
N ASN B 242 9.67 13.23 -3.81
CA ASN B 242 9.35 12.53 -2.57
C ASN B 242 10.57 12.49 -1.67
N TYR B 243 10.33 12.55 -0.37
CA TYR B 243 11.35 12.64 0.66
C TYR B 243 11.24 11.46 1.62
N THR B 244 12.38 10.89 1.99
CA THR B 244 12.44 9.87 3.03
C THR B 244 13.58 10.27 3.95
N GLY B 245 13.29 10.35 5.25
CA GLY B 245 14.24 10.86 6.21
C GLY B 245 14.92 9.80 7.03
N GLY B 246 15.39 10.19 8.20
CA GLY B 246 16.05 9.27 9.11
C GLY B 246 17.56 9.32 8.99
N THR B 247 18.19 8.43 9.75
CA THR B 247 19.63 8.33 9.82
C THR B 247 20.19 7.06 9.18
N THR B 248 19.50 5.94 9.34
CA THR B 248 19.93 4.68 8.77
C THR B 248 18.92 4.05 7.84
N THR B 249 17.94 4.82 7.34
CA THR B 249 16.93 4.33 6.42
C THR B 249 17.60 3.72 5.19
N PRO B 250 17.18 2.54 4.76
CA PRO B 250 17.79 1.92 3.59
C PRO B 250 17.34 2.60 2.31
N PRO B 251 18.21 2.77 1.33
CA PRO B 251 17.77 3.24 0.03
C PRO B 251 16.86 2.24 -0.65
N VAL B 252 15.94 2.76 -1.45
CA VAL B 252 15.01 1.95 -2.23
C VAL B 252 14.87 2.61 -3.59
N LEU B 253 15.16 1.88 -4.65
CA LEU B 253 15.06 2.43 -5.99
C LEU B 253 14.50 1.36 -6.92
N GLN B 254 13.60 1.80 -7.80
CA GLN B 254 12.96 0.95 -8.78
C GLN B 254 13.23 1.49 -10.16
N PHE B 255 13.77 0.65 -11.03
CA PHE B 255 14.08 1.08 -12.38
C PHE B 255 13.48 0.09 -13.37
N THR B 256 13.13 0.62 -14.54
CA THR B 256 12.58 -0.14 -15.65
C THR B 256 12.50 0.80 -16.83
N ASN B 257 12.43 0.24 -18.03
CA ASN B 257 12.31 1.01 -19.25
C ASN B 257 10.89 1.01 -19.80
N THR B 258 9.91 0.64 -18.98
CA THR B 258 8.57 0.38 -19.44
C THR B 258 7.52 1.32 -18.87
N LEU B 259 7.87 2.23 -17.97
CA LEU B 259 6.88 3.11 -17.36
C LEU B 259 7.02 4.53 -17.88
N THR B 260 5.89 5.15 -18.19
CA THR B 260 5.85 6.49 -18.74
C THR B 260 5.00 7.39 -17.86
N THR B 261 5.40 8.65 -17.76
CA THR B 261 4.68 9.67 -17.04
C THR B 261 4.00 10.60 -18.03
N VAL B 262 2.71 10.80 -17.86
CA VAL B 262 1.92 11.66 -18.73
C VAL B 262 2.01 13.07 -18.18
N LEU B 263 2.48 14.00 -19.00
CA LEU B 263 2.69 15.37 -18.57
C LEU B 263 1.52 16.28 -18.89
N LEU B 264 0.48 15.77 -19.54
CA LEU B 264 -0.70 16.55 -19.81
C LEU B 264 -1.45 16.88 -18.51
N ASP B 265 -2.35 17.84 -18.60
CA ASP B 265 -3.07 18.37 -17.45
C ASP B 265 -4.57 18.16 -17.63
N GLU B 266 -5.36 18.80 -16.78
CA GLU B 266 -6.81 18.67 -16.81
C GLU B 266 -7.37 18.94 -18.20
N ASN B 267 -6.88 19.97 -18.87
CA ASN B 267 -7.32 20.31 -20.21
C ASN B 267 -6.59 19.52 -21.28
N GLY B 268 -5.57 18.77 -20.91
CA GLY B 268 -4.89 17.91 -21.84
C GLY B 268 -3.82 18.62 -22.64
N VAL B 269 -3.08 19.52 -22.00
CA VAL B 269 -2.09 20.35 -22.69
C VAL B 269 -0.68 19.87 -22.41
N GLY B 270 -0.22 19.96 -21.17
CA GLY B 270 1.16 19.60 -20.90
C GLY B 270 2.10 20.75 -21.17
N PRO B 271 3.31 20.68 -20.64
CA PRO B 271 4.20 21.85 -20.63
C PRO B 271 4.53 22.42 -22.01
N LEU B 272 4.12 23.65 -22.26
CA LEU B 272 4.44 24.35 -23.50
C LEU B 272 5.76 25.09 -23.35
N CYS B 273 6.65 24.90 -24.30
CA CYS B 273 8.01 25.43 -24.21
C CYS B 273 8.00 26.84 -24.75
N LYS B 274 7.93 27.81 -23.85
CA LYS B 274 7.99 29.21 -24.23
C LYS B 274 9.48 29.48 -24.41
N GLY B 275 9.85 30.24 -25.44
CA GLY B 275 11.25 30.52 -25.70
C GLY B 275 12.02 29.34 -26.28
N GLU B 276 11.28 28.42 -26.90
CA GLU B 276 11.83 27.22 -27.54
C GLU B 276 12.60 26.26 -26.63
N GLY B 277 13.00 26.72 -25.45
CA GLY B 277 13.72 25.87 -24.53
C GLY B 277 12.82 24.99 -23.70
N LEU B 278 13.41 23.87 -23.25
CA LEU B 278 12.74 22.85 -22.46
C LEU B 278 13.62 22.55 -21.25
N TYR B 279 13.04 22.64 -20.06
CA TYR B 279 13.82 22.67 -18.82
C TYR B 279 13.64 21.38 -18.04
N LEU B 280 14.76 20.73 -17.72
CA LEU B 280 14.79 19.55 -16.88
C LEU B 280 15.47 19.92 -15.57
N SER B 281 14.86 19.54 -14.46
CA SER B 281 15.44 19.75 -13.15
C SER B 281 15.35 18.45 -12.37
N CYS B 282 16.34 18.20 -11.52
CA CYS B 282 16.33 16.96 -10.75
C CYS B 282 17.27 17.10 -9.56
N VAL B 283 16.99 16.30 -8.53
CA VAL B 283 17.95 16.02 -7.47
C VAL B 283 17.62 14.64 -6.92
N ASP B 284 18.59 13.74 -6.87
CA ASP B 284 18.37 12.37 -6.43
C ASP B 284 19.44 12.03 -5.41
N ILE B 285 19.12 12.25 -4.14
CA ILE B 285 20.02 11.97 -3.04
C ILE B 285 19.70 10.58 -2.50
N MET B 286 20.73 9.77 -2.25
CA MET B 286 20.55 8.38 -1.85
C MET B 286 20.86 8.12 -0.39
N GLY B 287 21.46 9.06 0.31
CA GLY B 287 21.89 8.88 1.68
C GLY B 287 23.32 9.34 1.86
N TRP B 288 23.92 8.84 2.94
CA TRP B 288 25.28 9.20 3.29
C TRP B 288 26.21 7.99 3.25
N ARG B 289 27.46 8.27 2.93
CA ARG B 289 28.57 7.37 3.16
C ARG B 289 29.35 7.87 4.35
N VAL B 290 29.60 7.00 5.32
CA VAL B 290 30.30 7.38 6.54
C VAL B 290 31.73 6.90 6.43
N THR B 291 32.69 7.81 6.63
CA THR B 291 34.09 7.47 6.54
C THR B 291 34.57 6.86 7.84
N ARG B 292 35.79 6.35 7.82
CA ARG B 292 36.33 5.58 8.93
C ARG B 292 36.96 6.45 10.02
N ASN B 293 37.58 7.57 9.64
CA ASN B 293 38.27 8.40 10.62
C ASN B 293 37.32 8.90 11.68
N TYR B 294 36.40 9.77 11.29
CA TYR B 294 35.29 10.18 12.14
C TYR B 294 34.01 9.78 11.43
N ASP B 295 32.88 10.20 11.97
CA ASP B 295 31.64 9.92 11.26
C ASP B 295 31.37 10.99 10.21
N VAL B 296 32.34 11.21 9.31
CA VAL B 296 32.14 12.15 8.23
C VAL B 296 31.16 11.55 7.23
N HIS B 297 30.20 12.37 6.79
CA HIS B 297 28.93 11.90 6.26
C HIS B 297 28.65 12.47 4.87
N HIS B 298 29.58 12.27 3.95
CA HIS B 298 29.39 12.68 2.57
C HIS B 298 28.05 12.21 2.01
N TRP B 299 27.37 13.10 1.29
CA TRP B 299 26.15 12.73 0.59
C TRP B 299 26.47 11.93 -0.66
N ARG B 300 25.48 11.21 -1.15
CA ARG B 300 25.58 10.49 -2.42
C ARG B 300 24.38 10.81 -3.28
N GLY B 301 24.64 11.06 -4.56
CA GLY B 301 23.58 11.28 -5.51
C GLY B 301 23.84 10.51 -6.79
N LEU B 302 22.77 10.12 -7.45
CA LEU B 302 22.93 9.37 -8.68
C LEU B 302 22.34 10.13 -9.85
N PRO B 303 22.83 9.91 -11.07
CA PRO B 303 22.30 10.62 -12.22
C PRO B 303 20.90 10.19 -12.58
N ARG B 304 20.16 11.11 -13.21
CA ARG B 304 18.82 10.86 -13.67
C ARG B 304 18.78 10.98 -15.19
N TYR B 305 18.15 10.01 -15.84
CA TYR B 305 17.98 9.99 -17.28
C TYR B 305 16.57 10.44 -17.62
N PHE B 306 16.42 11.19 -18.70
CA PHE B 306 15.13 11.67 -19.17
C PHE B 306 14.91 11.28 -20.62
N LYS B 307 13.74 10.74 -20.92
CA LYS B 307 13.28 10.65 -22.30
C LYS B 307 11.98 11.43 -22.41
N ILE B 308 12.03 12.60 -23.02
CA ILE B 308 10.89 13.49 -23.15
C ILE B 308 10.37 13.41 -24.57
N THR B 309 9.07 13.17 -24.72
CA THR B 309 8.41 13.12 -26.01
C THR B 309 7.67 14.42 -26.22
N LEU B 310 7.94 15.07 -27.36
CA LEU B 310 7.41 16.38 -27.68
C LEU B 310 6.61 16.33 -28.96
N ARG B 311 5.56 17.14 -29.01
CA ARG B 311 4.77 17.33 -30.22
C ARG B 311 4.60 18.83 -30.45
N LYS B 312 4.04 19.19 -31.58
CA LYS B 312 3.73 20.57 -31.91
C LYS B 312 2.25 20.80 -31.71
N ARG B 313 1.90 21.93 -31.10
CA ARG B 313 0.52 22.28 -30.84
C ARG B 313 0.29 23.70 -31.31
N TRP B 314 -0.84 23.94 -31.96
CA TRP B 314 -1.22 25.30 -32.32
C TRP B 314 -1.86 25.99 -31.13
N VAL B 315 -1.39 27.21 -30.83
CA VAL B 315 -1.90 27.98 -29.71
C VAL B 315 -2.22 29.39 -30.18
N LYS B 316 -3.13 30.05 -29.49
CA LYS B 316 -3.45 31.45 -29.79
C LYS B 316 -2.41 32.36 -29.18
N ASN B 317 -1.99 33.37 -29.93
CA ASN B 317 -1.06 34.36 -29.41
C ASN B 317 -1.74 35.13 -28.28
N PRO B 318 -1.19 35.13 -27.08
CA PRO B 318 -1.89 35.77 -25.96
C PRO B 318 -1.91 37.28 -26.06
N TYR B 319 -0.87 37.85 -26.65
CA TYR B 319 -0.67 39.28 -26.79
C TYR B 319 -0.69 39.69 -28.25
N PRO B 320 -1.53 40.65 -28.63
CA PRO B 320 -1.61 41.05 -30.04
C PRO B 320 -0.31 41.67 -30.50
N MET B 321 0.17 41.21 -31.66
CA MET B 321 1.46 41.68 -32.16
C MET B 321 1.43 43.16 -32.50
N ALA B 322 0.22 43.72 -32.68
CA ALA B 322 0.10 45.15 -32.95
C ALA B 322 0.71 45.98 -31.83
N SER B 323 0.27 45.74 -30.59
CA SER B 323 0.79 46.50 -29.46
C SER B 323 2.28 46.25 -29.26
N LEU B 324 2.73 45.01 -29.50
CA LEU B 324 4.14 44.69 -29.30
C LEU B 324 5.02 45.45 -30.27
N ILE B 325 4.68 45.43 -31.56
CA ILE B 325 5.52 46.14 -32.53
C ILE B 325 5.34 47.64 -32.40
N SER B 326 4.17 48.09 -31.95
CA SER B 326 3.99 49.51 -31.66
C SER B 326 4.92 49.96 -30.55
N SER B 327 5.03 49.18 -29.48
CA SER B 327 5.92 49.55 -28.38
C SER B 327 7.38 49.38 -28.79
N LEU B 328 7.66 48.48 -29.74
CA LEU B 328 9.02 48.35 -30.25
C LEU B 328 9.42 49.56 -31.07
N PHE B 329 8.52 50.08 -31.89
CA PHE B 329 8.83 51.25 -32.70
C PHE B 329 8.80 52.53 -31.89
N ASN B 330 7.96 52.60 -30.86
CA ASN B 330 7.92 53.79 -30.01
C ASN B 330 9.20 53.95 -29.21
N ASN B 331 9.86 52.86 -28.84
CA ASN B 331 11.14 52.94 -28.14
C ASN B 331 12.27 53.39 -29.04
N MET B 332 12.03 53.52 -30.34
CA MET B 332 12.99 54.15 -31.24
C MET B 332 12.84 55.67 -31.28
N LEU B 333 11.66 56.18 -30.96
CA LEU B 333 11.48 57.62 -30.87
C LEU B 333 12.25 58.18 -29.68
N PRO B 334 12.65 59.45 -29.74
CA PRO B 334 13.30 60.06 -28.58
C PRO B 334 12.36 60.09 -27.39
N GLN B 335 12.90 59.78 -26.22
CA GLN B 335 12.13 59.82 -24.97
C GLN B 335 12.40 61.18 -24.32
N VAL B 336 11.35 61.88 -23.93
CA VAL B 336 11.50 63.21 -23.34
C VAL B 336 11.04 63.31 -21.88
N GLN B 337 11.64 64.22 -21.13
CA GLN B 337 11.28 64.43 -19.73
C GLN B 337 10.68 65.83 -19.55
N GLY B 338 9.40 65.95 -19.86
CA GLY B 338 8.70 67.21 -19.75
C GLY B 338 7.91 67.38 -18.47
N GLN B 339 7.09 68.43 -18.44
CA GLN B 339 6.26 68.75 -17.28
C GLN B 339 5.23 67.63 -17.07
N PRO B 340 4.91 67.32 -15.83
CA PRO B 340 4.16 66.08 -15.56
C PRO B 340 2.70 66.13 -15.97
N MET B 341 2.35 65.39 -17.02
CA MET B 341 0.96 65.18 -17.40
C MET B 341 0.47 63.79 -16.98
N GLU B 342 1.08 63.23 -15.95
CA GLU B 342 0.75 61.88 -15.47
C GLU B 342 0.91 61.86 -13.96
N GLY B 343 0.21 60.92 -13.33
CA GLY B 343 0.36 60.72 -11.90
C GLY B 343 -0.52 61.59 -11.06
N GLU B 344 -0.01 62.04 -9.92
CA GLU B 344 -0.83 62.79 -8.97
C GLU B 344 -0.60 64.29 -9.07
N ASN B 345 0.52 64.72 -9.64
CA ASN B 345 0.78 66.12 -9.91
C ASN B 345 0.53 66.46 -11.38
N THR B 346 -0.46 65.80 -11.97
CA THR B 346 -0.87 66.08 -13.35
C THR B 346 -1.15 67.55 -13.53
N GLN B 347 -0.75 68.07 -14.69
CA GLN B 347 -1.17 69.38 -15.14
C GLN B 347 -2.31 69.28 -16.14
N VAL B 348 -2.77 68.08 -16.42
CA VAL B 348 -3.98 67.85 -17.22
C VAL B 348 -5.17 68.14 -16.32
N GLU B 349 -6.03 69.05 -16.77
CA GLU B 349 -7.14 69.55 -15.96
C GLU B 349 -8.50 69.03 -16.42
N GLU B 350 -8.55 68.39 -17.59
CA GLU B 350 -9.83 68.08 -18.21
C GLU B 350 -9.59 67.09 -19.34
N VAL B 351 -10.50 66.15 -19.52
CA VAL B 351 -10.53 65.29 -20.70
C VAL B 351 -11.99 64.96 -20.98
N ARG B 352 -12.46 65.26 -22.18
CA ARG B 352 -13.84 65.01 -22.57
C ARG B 352 -13.86 64.27 -23.90
N VAL B 353 -14.75 63.30 -24.02
CA VAL B 353 -14.90 62.53 -25.25
C VAL B 353 -16.33 62.73 -25.73
N TYR B 354 -16.49 63.22 -26.94
CA TYR B 354 -17.79 63.35 -27.59
C TYR B 354 -17.82 62.42 -28.78
N ASP B 355 -18.93 61.71 -28.97
CA ASP B 355 -19.05 60.81 -30.12
C ASP B 355 -20.17 61.23 -31.06
N GLY B 356 -21.40 61.33 -30.58
CA GLY B 356 -22.53 61.45 -31.47
C GLY B 356 -23.16 62.82 -31.42
N THR B 357 -24.49 62.85 -31.32
CA THR B 357 -25.27 64.07 -31.23
C THR B 357 -26.48 63.78 -30.35
N GLU B 358 -26.90 64.78 -29.59
CA GLU B 358 -28.01 64.65 -28.67
C GLU B 358 -28.72 65.99 -28.56
N PRO B 359 -29.96 66.01 -28.10
CA PRO B 359 -30.61 67.28 -27.81
C PRO B 359 -29.88 68.03 -26.72
N VAL B 360 -29.78 69.35 -26.89
CA VAL B 360 -29.00 70.20 -25.99
C VAL B 360 -29.45 69.95 -24.55
N PRO B 361 -28.58 69.48 -23.67
CA PRO B 361 -29.01 69.14 -22.31
C PRO B 361 -29.24 70.35 -21.45
N GLY B 362 -29.46 70.12 -20.16
CA GLY B 362 -29.85 71.16 -19.24
C GLY B 362 -28.59 71.74 -18.66
N ASP B 363 -28.17 71.26 -17.48
CA ASP B 363 -26.87 71.60 -16.93
C ASP B 363 -25.80 71.59 -18.00
N PRO B 364 -25.22 72.75 -18.33
CA PRO B 364 -24.07 72.76 -19.25
C PRO B 364 -22.79 72.26 -18.61
N ASP B 365 -22.72 72.22 -17.27
CA ASP B 365 -21.59 71.66 -16.55
C ASP B 365 -21.85 70.23 -16.12
N MET B 366 -22.60 69.46 -16.89
CA MET B 366 -22.92 68.10 -16.50
C MET B 366 -21.68 67.22 -16.62
N THR B 367 -21.66 66.17 -15.82
CA THR B 367 -20.62 65.16 -15.87
C THR B 367 -21.26 63.84 -16.23
N ARG B 368 -20.66 63.14 -17.18
CA ARG B 368 -21.11 61.82 -17.58
C ARG B 368 -19.93 60.87 -17.43
N TYR B 369 -20.21 59.63 -17.05
CA TYR B 369 -19.15 58.68 -16.77
C TYR B 369 -19.61 57.29 -17.22
N VAL B 370 -18.67 56.35 -17.23
CA VAL B 370 -18.92 54.97 -17.59
C VAL B 370 -18.51 54.12 -16.39
N ASP B 371 -19.46 53.35 -15.86
CA ASP B 371 -19.24 52.61 -14.62
C ASP B 371 -19.26 51.12 -14.92
N ARG B 372 -18.11 50.60 -15.36
CA ARG B 372 -17.78 49.18 -15.46
C ARG B 372 -18.64 48.39 -16.45
N PHE B 373 -19.73 48.98 -16.94
CA PHE B 373 -20.40 48.41 -18.10
C PHE B 373 -20.83 49.47 -19.11
N GLY B 374 -21.39 50.59 -18.63
CA GLY B 374 -22.10 51.49 -19.53
C GLY B 374 -22.22 52.89 -18.96
N LYS B 375 -22.50 53.83 -19.86
CA LYS B 375 -22.45 55.26 -19.55
C LYS B 375 -23.64 55.66 -18.69
N THR B 376 -23.35 56.28 -17.55
CA THR B 376 -24.36 56.81 -16.64
C THR B 376 -24.06 58.26 -16.35
N LYS B 377 -25.06 59.12 -16.52
CA LYS B 377 -24.90 60.52 -16.18
C LYS B 377 -24.72 60.67 -14.67
N THR B 378 -23.60 61.27 -14.27
CA THR B 378 -23.25 61.37 -12.86
C THR B 378 -24.42 61.90 -12.06
N VAL B 379 -24.66 61.26 -10.91
CA VAL B 379 -25.86 61.40 -10.09
C VAL B 379 -26.23 62.87 -9.95
N PHE B 380 -27.54 63.16 -9.98
CA PHE B 380 -28.01 64.53 -9.96
C PHE B 380 -27.40 65.22 -8.75
N PRO B 381 -26.43 66.12 -8.98
CA PRO B 381 -25.44 66.47 -7.96
C PRO B 381 -25.98 67.17 -6.72
N GLY B 382 -27.30 67.39 -6.67
CA GLY B 382 -27.92 67.95 -5.48
C GLY B 382 -28.36 66.88 -4.51
N ASN B 383 -27.41 66.10 -3.99
CA ASN B 383 -27.71 65.00 -3.09
C ASN B 383 -28.23 65.50 -1.75
N LYS C 17 -26.28 -35.81 -32.99
CA LYS C 17 -26.79 -35.78 -31.63
C LYS C 17 -26.34 -34.52 -30.89
N ALA C 18 -27.15 -34.08 -29.94
CA ALA C 18 -26.83 -32.90 -29.14
C ALA C 18 -25.75 -33.27 -28.14
N CYS C 19 -24.50 -33.12 -28.57
CA CYS C 19 -23.35 -33.43 -27.74
C CYS C 19 -23.10 -32.31 -26.73
N PRO C 20 -22.47 -32.63 -25.60
CA PRO C 20 -21.88 -31.57 -24.78
C PRO C 20 -20.70 -30.95 -25.51
N ARG C 21 -20.49 -29.65 -25.30
CA ARG C 21 -19.44 -28.96 -26.03
C ARG C 21 -18.44 -28.34 -25.05
N PRO C 22 -17.30 -28.98 -24.79
CA PRO C 22 -16.29 -28.38 -23.93
C PRO C 22 -15.82 -27.04 -24.45
N ALA C 23 -15.38 -26.20 -23.51
CA ALA C 23 -14.94 -24.87 -23.88
C ALA C 23 -13.71 -24.93 -24.77
N PRO C 24 -13.60 -24.06 -25.76
CA PRO C 24 -12.42 -24.06 -26.63
C PRO C 24 -11.20 -23.54 -25.92
N VAL C 25 -10.07 -24.17 -26.22
CA VAL C 25 -8.81 -23.94 -25.51
C VAL C 25 -7.70 -24.05 -26.55
N PRO C 26 -6.59 -23.32 -26.41
CA PRO C 26 -5.47 -23.49 -27.35
C PRO C 26 -5.04 -24.93 -27.52
N LYS C 27 -4.77 -25.34 -28.76
CA LYS C 27 -4.45 -26.72 -29.06
C LYS C 27 -2.94 -26.94 -29.05
N LEU C 28 -2.49 -27.84 -28.17
CA LEU C 28 -1.07 -28.18 -28.07
C LEU C 28 -0.68 -29.04 -29.25
N LEU C 29 0.35 -28.63 -29.97
CA LEU C 29 0.83 -29.42 -31.09
C LEU C 29 1.90 -30.41 -30.64
N ILE C 30 2.79 -29.98 -29.76
CA ILE C 30 3.95 -30.77 -29.39
C ILE C 30 4.54 -30.17 -28.12
N LYS C 31 5.13 -31.02 -27.30
CA LYS C 31 5.66 -30.64 -26.01
C LYS C 31 6.92 -31.44 -25.74
N GLY C 32 8.00 -30.76 -25.38
CA GLY C 32 9.24 -31.44 -25.15
C GLY C 32 10.38 -30.52 -24.81
N GLY C 33 11.52 -30.70 -25.45
CA GLY C 33 12.68 -29.88 -25.24
C GLY C 33 12.85 -28.84 -26.32
N MET C 34 14.10 -28.39 -26.50
CA MET C 34 14.37 -27.37 -27.51
C MET C 34 14.32 -27.94 -28.91
N GLU C 35 14.39 -29.27 -29.04
CA GLU C 35 14.28 -29.90 -30.35
C GLU C 35 12.87 -29.84 -30.91
N VAL C 36 11.89 -29.52 -30.06
CA VAL C 36 10.50 -29.42 -30.47
C VAL C 36 10.29 -28.25 -31.41
N LEU C 37 11.22 -27.29 -31.40
CA LEU C 37 11.09 -26.10 -32.22
C LEU C 37 11.42 -26.35 -33.68
N ASP C 38 11.90 -27.53 -34.04
CA ASP C 38 12.13 -27.85 -35.44
C ASP C 38 10.85 -28.26 -36.17
N LEU C 39 9.81 -28.65 -35.45
CA LEU C 39 8.53 -28.94 -36.09
C LEU C 39 7.97 -27.67 -36.72
N VAL C 40 7.69 -27.73 -38.01
CA VAL C 40 7.11 -26.60 -38.75
C VAL C 40 5.64 -26.52 -38.37
N THR C 41 5.23 -25.40 -37.79
CA THR C 41 3.93 -25.32 -37.12
C THR C 41 2.93 -24.44 -37.84
N GLY C 42 3.39 -23.34 -38.42
CA GLY C 42 2.50 -22.43 -39.09
C GLY C 42 2.66 -21.00 -38.63
N PRO C 43 2.01 -20.07 -39.31
CA PRO C 43 2.24 -18.65 -39.03
C PRO C 43 1.63 -18.15 -37.73
N ASP C 44 0.59 -18.81 -37.23
CA ASP C 44 -0.15 -18.32 -36.08
C ASP C 44 0.09 -19.17 -34.84
N SER C 45 1.16 -19.95 -34.83
CA SER C 45 1.48 -20.80 -33.69
C SER C 45 2.22 -20.01 -32.63
N VAL C 46 2.09 -20.48 -31.38
CA VAL C 46 2.59 -19.79 -30.21
C VAL C 46 3.49 -20.76 -29.45
N THR C 47 4.69 -20.32 -29.13
CA THR C 47 5.65 -21.14 -28.39
C THR C 47 5.83 -20.60 -26.98
N GLU C 48 5.88 -21.53 -26.01
CA GLU C 48 6.14 -21.21 -24.62
C GLU C 48 7.41 -21.94 -24.21
N ILE C 49 8.50 -21.21 -24.08
CA ILE C 49 9.76 -21.79 -23.63
C ILE C 49 9.93 -21.55 -22.15
N GLU C 50 10.45 -22.57 -21.46
CA GLU C 50 10.63 -22.55 -20.01
C GLU C 50 12.11 -22.74 -19.73
N ALA C 51 12.72 -21.80 -19.02
CA ALA C 51 14.14 -21.86 -18.73
C ALA C 51 14.39 -21.30 -17.34
N PHE C 52 15.60 -21.49 -16.85
CA PHE C 52 16.01 -20.86 -15.61
C PHE C 52 17.46 -20.39 -15.74
N LEU C 53 17.87 -19.58 -14.79
CA LEU C 53 19.20 -18.99 -14.72
C LEU C 53 19.67 -19.06 -13.27
N ASN C 54 20.89 -19.52 -13.05
CA ASN C 54 21.38 -19.68 -11.70
C ASN C 54 22.11 -18.43 -11.23
N PRO C 55 22.16 -18.20 -9.93
CA PRO C 55 22.91 -17.04 -9.40
C PRO C 55 24.40 -17.25 -9.55
N ARG C 56 24.99 -16.57 -10.51
CA ARG C 56 26.42 -16.65 -10.74
C ARG C 56 27.04 -15.44 -10.07
N MET C 57 27.27 -15.55 -8.76
CA MET C 57 27.76 -14.42 -7.96
C MET C 57 28.94 -14.78 -7.07
N GLY C 58 30.14 -14.73 -7.61
CA GLY C 58 31.30 -15.11 -6.82
C GLY C 58 31.88 -16.46 -7.18
N GLN C 59 31.61 -17.46 -6.37
CA GLN C 59 32.15 -18.79 -6.57
C GLN C 59 31.52 -19.46 -7.80
N PRO C 60 32.31 -19.85 -8.79
CA PRO C 60 31.74 -20.49 -9.99
C PRO C 60 31.28 -21.90 -9.69
N PRO C 61 30.58 -22.55 -10.62
CA PRO C 61 30.17 -23.94 -10.41
C PRO C 61 31.25 -24.97 -10.69
N THR C 62 32.47 -24.54 -11.03
CA THR C 62 33.41 -25.47 -11.65
C THR C 62 34.04 -26.44 -10.65
N PRO C 63 34.40 -26.04 -9.42
CA PRO C 63 34.75 -27.07 -8.42
C PRO C 63 33.50 -27.64 -7.77
N GLU C 64 33.14 -28.87 -8.12
CA GLU C 64 31.90 -29.46 -7.62
C GLU C 64 32.02 -29.99 -6.20
N SER C 65 33.24 -30.13 -5.69
CA SER C 65 33.42 -30.82 -4.42
C SER C 65 32.96 -29.95 -3.26
N LEU C 66 32.16 -30.56 -2.38
CA LEU C 66 31.68 -29.90 -1.19
C LEU C 66 32.77 -29.63 -0.17
N THR C 67 33.98 -30.10 -0.42
CA THR C 67 35.12 -29.89 0.45
C THR C 67 36.21 -29.04 -0.18
N GLU C 68 36.49 -29.26 -1.47
CA GLU C 68 37.54 -28.52 -2.16
C GLU C 68 37.24 -27.03 -2.15
N GLY C 69 36.14 -26.63 -2.78
CA GLY C 69 35.73 -25.25 -2.76
C GLY C 69 34.76 -24.88 -1.65
N GLY C 70 34.50 -25.78 -0.70
CA GLY C 70 33.57 -25.57 0.40
C GLY C 70 32.13 -25.49 -0.08
N GLN C 71 32.00 -25.32 -1.39
CA GLN C 71 30.75 -25.11 -2.10
C GLN C 71 29.97 -23.92 -1.53
N TYR C 72 30.60 -22.78 -1.76
CA TYR C 72 29.93 -21.49 -1.79
C TYR C 72 29.22 -21.25 -3.09
N TYR C 73 28.94 -22.30 -3.85
CA TYR C 73 28.14 -22.16 -5.07
C TYR C 73 26.75 -21.66 -4.71
N GLY C 74 26.34 -20.58 -5.36
CA GLY C 74 25.20 -19.81 -4.95
C GLY C 74 25.52 -18.71 -3.98
N TRP C 75 26.78 -18.63 -3.52
CA TRP C 75 27.23 -17.63 -2.58
C TRP C 75 28.47 -16.95 -3.15
N SER C 76 28.88 -15.86 -2.53
CA SER C 76 30.19 -15.30 -2.81
C SER C 76 31.22 -15.93 -1.89
N ARG C 77 32.48 -15.52 -2.04
CA ARG C 77 33.56 -16.22 -1.35
C ARG C 77 33.95 -15.52 -0.06
N GLY C 78 33.72 -14.23 0.04
CA GLY C 78 33.96 -13.52 1.28
C GLY C 78 34.49 -12.14 0.96
N ILE C 79 33.85 -11.15 1.57
CA ILE C 79 34.10 -9.76 1.23
C ILE C 79 35.28 -9.29 2.06
N ASN C 80 36.35 -8.87 1.38
CA ASN C 80 37.52 -8.30 2.03
C ASN C 80 37.47 -6.80 1.89
N LEU C 81 37.71 -6.08 2.97
CA LEU C 81 37.65 -4.63 2.96
C LEU C 81 38.94 -4.05 2.41
N ALA C 82 38.91 -2.74 2.14
CA ALA C 82 40.08 -2.06 1.63
C ALA C 82 41.05 -1.76 2.76
N THR C 83 42.34 -1.78 2.43
CA THR C 83 43.39 -1.53 3.41
C THR C 83 43.64 -0.05 3.65
N SER C 84 43.39 0.80 2.66
CA SER C 84 43.48 2.24 2.83
C SER C 84 42.51 2.91 1.88
N ASP C 85 42.41 4.23 2.00
CA ASP C 85 41.50 4.99 1.15
C ASP C 85 41.85 4.83 -0.31
N THR C 86 43.13 4.65 -0.61
CA THR C 86 43.59 4.55 -1.99
C THR C 86 43.82 3.12 -2.45
N GLU C 87 43.67 2.12 -1.57
CA GLU C 87 44.01 0.73 -1.85
C GLU C 87 42.75 -0.13 -1.77
N ASP C 88 42.13 -0.38 -2.91
CA ASP C 88 40.90 -1.18 -2.99
C ASP C 88 41.01 -2.17 -4.13
N SER C 89 41.10 -3.46 -3.78
CA SER C 89 41.29 -4.52 -4.78
C SER C 89 40.54 -5.75 -4.30
N PRO C 90 39.23 -5.83 -4.57
CA PRO C 90 38.39 -6.76 -3.81
C PRO C 90 38.71 -8.24 -3.96
N GLU C 91 38.27 -8.84 -5.07
CA GLU C 91 38.66 -10.14 -5.65
C GLU C 91 37.62 -10.43 -6.72
N ASN C 92 37.82 -11.44 -7.55
CA ASN C 92 36.78 -11.73 -8.54
C ASN C 92 35.70 -12.64 -8.00
N ASN C 93 36.04 -13.55 -7.09
CA ASN C 93 35.11 -14.48 -6.49
C ASN C 93 34.30 -13.85 -5.38
N THR C 94 34.33 -12.53 -5.26
CA THR C 94 33.64 -11.79 -4.23
C THR C 94 32.55 -10.87 -4.80
N LEU C 95 32.61 -10.56 -6.09
CA LEU C 95 31.68 -9.64 -6.71
C LEU C 95 30.56 -10.40 -7.39
N PRO C 96 29.30 -10.19 -7.01
CA PRO C 96 28.20 -10.76 -7.80
C PRO C 96 28.14 -10.15 -9.19
N THR C 97 27.74 -10.97 -10.16
CA THR C 97 27.79 -10.61 -11.56
C THR C 97 26.45 -10.87 -12.21
N TRP C 98 26.36 -10.52 -13.49
CA TRP C 98 25.13 -10.70 -14.24
C TRP C 98 25.05 -12.11 -14.81
N SER C 99 23.96 -12.80 -14.51
CA SER C 99 23.63 -14.07 -15.15
C SER C 99 22.96 -13.78 -16.49
N MET C 100 23.34 -14.52 -17.51
CA MET C 100 22.67 -14.38 -18.80
C MET C 100 22.70 -15.72 -19.54
N ALA C 101 21.71 -15.89 -20.39
CA ALA C 101 21.65 -17.00 -21.33
C ALA C 101 21.16 -16.46 -22.66
N LYS C 102 21.31 -17.26 -23.71
CA LYS C 102 20.72 -16.94 -25.00
C LYS C 102 20.06 -18.20 -25.54
N LEU C 103 18.76 -18.11 -25.83
CA LEU C 103 18.03 -19.22 -26.43
C LEU C 103 18.03 -19.06 -27.95
N GLN C 104 18.66 -20.01 -28.63
CA GLN C 104 18.77 -19.98 -30.08
C GLN C 104 17.54 -20.65 -30.68
N LEU C 105 16.70 -19.87 -31.34
CA LEU C 105 15.46 -20.32 -31.92
C LEU C 105 15.65 -20.66 -33.40
N PRO C 106 14.75 -21.45 -33.98
CA PRO C 106 14.92 -21.86 -35.39
C PRO C 106 14.69 -20.71 -36.36
N MET C 107 15.36 -20.81 -37.51
CA MET C 107 15.23 -19.80 -38.55
C MET C 107 13.91 -19.98 -39.28
N LEU C 108 13.25 -18.86 -39.57
CA LEU C 108 11.82 -18.86 -39.88
C LEU C 108 11.51 -18.67 -41.36
N ASN C 109 12.39 -18.01 -42.10
CA ASN C 109 12.01 -17.38 -43.35
C ASN C 109 12.90 -17.86 -44.49
N GLU C 110 12.37 -17.74 -45.71
CA GLU C 110 13.11 -17.93 -46.96
C GLU C 110 12.66 -16.88 -47.98
N ASP C 111 12.20 -15.74 -47.48
CA ASP C 111 11.37 -14.81 -48.26
C ASP C 111 12.13 -13.57 -48.72
N LEU C 112 13.39 -13.71 -49.13
CA LEU C 112 14.13 -12.53 -49.60
C LEU C 112 13.81 -12.22 -51.07
N THR C 113 12.52 -12.13 -51.39
CA THR C 113 12.09 -11.72 -52.72
C THR C 113 11.07 -10.58 -52.59
N CYS C 114 10.33 -10.60 -51.50
CA CYS C 114 9.63 -9.42 -50.98
C CYS C 114 10.33 -9.01 -49.70
N ASP C 115 10.37 -7.70 -49.44
CA ASP C 115 11.19 -7.24 -48.33
C ASP C 115 10.57 -7.54 -46.98
N THR C 116 9.47 -8.27 -46.93
CA THR C 116 8.97 -8.73 -45.65
C THR C 116 9.67 -10.03 -45.24
N LEU C 117 9.68 -10.28 -43.94
CA LEU C 117 10.44 -11.37 -43.36
C LEU C 117 9.92 -11.55 -41.95
N GLN C 118 9.85 -12.78 -41.47
CA GLN C 118 9.25 -13.03 -40.16
C GLN C 118 10.28 -13.51 -39.16
N MET C 119 10.18 -12.99 -37.94
CA MET C 119 11.05 -13.41 -36.86
C MET C 119 10.21 -13.68 -35.61
N TRP C 120 10.91 -14.04 -34.54
CA TRP C 120 10.25 -14.33 -33.27
C TRP C 120 10.11 -13.06 -32.45
N GLU C 121 9.08 -13.04 -31.61
CA GLU C 121 8.71 -11.81 -30.92
C GLU C 121 8.19 -12.19 -29.54
N ALA C 122 8.88 -11.70 -28.51
CA ALA C 122 8.53 -12.04 -27.14
C ALA C 122 7.33 -11.22 -26.69
N VAL C 123 6.26 -11.91 -26.30
CA VAL C 123 4.97 -11.26 -26.04
C VAL C 123 4.71 -11.12 -24.55
N SER C 124 4.99 -12.17 -23.79
CA SER C 124 4.72 -12.23 -22.37
C SER C 124 5.94 -12.83 -21.70
N VAL C 125 6.02 -12.63 -20.39
CA VAL C 125 7.00 -13.36 -19.58
C VAL C 125 6.41 -13.62 -18.21
N LYS C 126 6.59 -14.84 -17.73
CA LYS C 126 6.22 -15.28 -16.40
C LYS C 126 7.51 -15.65 -15.70
N THR C 127 7.92 -14.86 -14.73
CA THR C 127 9.20 -15.05 -14.09
C THR C 127 9.02 -15.13 -12.57
N GLU C 128 10.00 -15.73 -11.91
CA GLU C 128 9.91 -16.03 -10.49
C GLU C 128 11.28 -16.36 -9.92
N VAL C 129 11.57 -15.89 -8.72
CA VAL C 129 12.78 -16.27 -8.00
C VAL C 129 12.45 -17.51 -7.17
N VAL C 130 13.32 -18.52 -7.22
CA VAL C 130 13.06 -19.82 -6.60
C VAL C 130 13.99 -20.00 -5.42
N GLY C 131 13.45 -20.45 -4.29
CA GLY C 131 14.27 -20.85 -3.18
C GLY C 131 14.18 -19.97 -1.96
N SER C 132 13.11 -19.18 -1.85
CA SER C 132 13.01 -18.18 -0.78
C SER C 132 12.86 -18.83 0.57
N GLY C 133 12.12 -19.94 0.65
CA GLY C 133 11.93 -20.62 1.92
C GLY C 133 13.18 -21.27 2.43
N SER C 134 14.18 -21.45 1.58
CA SER C 134 15.46 -21.97 2.03
C SER C 134 16.19 -20.99 2.94
N LEU C 135 15.87 -19.70 2.82
CA LEU C 135 16.39 -18.69 3.72
C LEU C 135 15.86 -18.83 5.14
N LEU C 136 15.00 -19.81 5.40
CA LEU C 136 14.53 -20.12 6.74
C LEU C 136 15.42 -21.14 7.45
N ASP C 137 16.61 -21.38 6.95
CA ASP C 137 17.59 -22.26 7.57
C ASP C 137 18.32 -21.44 8.64
N VAL C 138 17.84 -21.54 9.88
CA VAL C 138 18.38 -20.78 10.99
C VAL C 138 19.16 -21.68 11.94
N HIS C 139 19.39 -22.92 11.56
CA HIS C 139 20.46 -23.70 12.15
C HIS C 139 21.71 -23.42 11.32
N GLY C 140 22.82 -24.06 11.63
CA GLY C 140 24.02 -23.82 10.87
C GLY C 140 24.96 -22.83 11.53
N PHE C 141 26.17 -22.77 10.98
CA PHE C 141 27.30 -22.13 11.65
C PHE C 141 27.49 -20.71 11.13
N ASN C 142 26.49 -19.87 11.37
CA ASN C 142 26.58 -18.44 11.11
C ASN C 142 26.53 -17.71 12.43
N LYS C 143 26.87 -16.43 12.38
CA LYS C 143 26.91 -15.61 13.58
C LYS C 143 25.59 -15.73 14.34
N PRO C 144 25.61 -16.10 15.62
CA PRO C 144 24.37 -16.29 16.35
C PRO C 144 23.71 -14.97 16.70
N THR C 145 22.49 -15.07 17.23
CA THR C 145 21.76 -13.87 17.60
C THR C 145 22.11 -13.46 19.02
N ASP C 146 22.32 -14.43 19.91
CA ASP C 146 22.85 -14.20 21.25
C ASP C 146 24.35 -14.42 21.16
N THR C 147 25.10 -13.33 20.99
CA THR C 147 26.52 -13.44 20.74
C THR C 147 27.37 -13.49 22.01
N VAL C 148 26.84 -13.03 23.14
CA VAL C 148 27.64 -13.02 24.36
C VAL C 148 27.70 -14.41 24.98
N ASN C 149 26.82 -15.32 24.55
CA ASN C 149 26.97 -16.74 24.85
C ASN C 149 27.14 -17.61 23.61
N THR C 150 27.04 -17.03 22.41
CA THR C 150 27.12 -17.76 21.15
C THR C 150 26.05 -18.86 21.10
N LYS C 151 24.80 -18.42 21.26
CA LYS C 151 23.64 -19.28 21.19
C LYS C 151 22.50 -18.50 20.54
N GLY C 152 21.33 -19.13 20.46
CA GLY C 152 20.18 -18.47 19.88
C GLY C 152 19.74 -19.04 18.56
N ILE C 153 19.96 -18.28 17.49
CA ILE C 153 19.57 -18.66 16.13
C ILE C 153 20.72 -18.27 15.21
N SER C 154 20.98 -19.10 14.21
CA SER C 154 21.91 -18.73 13.14
C SER C 154 21.29 -17.59 12.34
N THR C 155 21.94 -16.44 12.33
CA THR C 155 21.37 -15.26 11.69
C THR C 155 21.13 -15.53 10.22
N PRO C 156 19.92 -15.29 9.71
CA PRO C 156 19.64 -15.58 8.31
C PRO C 156 20.13 -14.49 7.36
N VAL C 157 19.95 -14.71 6.07
CA VAL C 157 20.40 -13.77 5.05
C VAL C 157 19.63 -12.47 5.18
N GLU C 158 20.35 -11.35 5.18
CA GLU C 158 19.80 -10.00 5.28
C GLU C 158 20.71 -9.05 4.55
N GLY C 159 20.26 -7.83 4.37
CA GLY C 159 21.11 -6.76 3.89
C GLY C 159 20.56 -6.13 2.63
N SER C 160 21.47 -5.82 1.72
CA SER C 160 21.10 -5.22 0.45
C SER C 160 20.54 -6.29 -0.48
N GLN C 161 19.48 -5.93 -1.20
CA GLN C 161 18.83 -6.79 -2.17
C GLN C 161 18.84 -6.13 -3.53
N TYR C 162 19.02 -6.94 -4.57
CA TYR C 162 19.12 -6.44 -5.92
C TYR C 162 18.48 -7.45 -6.84
N HIS C 163 17.37 -7.08 -7.46
CA HIS C 163 16.59 -7.97 -8.31
C HIS C 163 16.34 -7.30 -9.64
N VAL C 164 17.09 -7.69 -10.66
CA VAL C 164 16.89 -7.21 -12.01
C VAL C 164 16.69 -8.42 -12.92
N PHE C 165 15.78 -8.30 -13.88
CA PHE C 165 15.68 -9.29 -14.95
C PHE C 165 15.33 -8.57 -16.24
N ALA C 166 15.82 -9.12 -17.35
CA ALA C 166 15.64 -8.52 -18.67
C ALA C 166 15.29 -9.62 -19.65
N VAL C 167 14.46 -9.29 -20.63
CA VAL C 167 14.12 -10.18 -21.73
C VAL C 167 14.18 -9.36 -23.01
N GLY C 168 15.07 -9.73 -23.92
CA GLY C 168 15.24 -8.99 -25.15
C GLY C 168 15.52 -9.89 -26.34
N GLY C 169 15.77 -9.26 -27.47
CA GLY C 169 16.13 -9.95 -28.68
C GLY C 169 17.59 -9.76 -29.03
N GLU C 170 18.28 -8.96 -28.21
CA GLU C 170 19.71 -8.76 -28.30
C GLU C 170 20.26 -8.72 -26.89
N PRO C 171 21.59 -8.69 -26.74
CA PRO C 171 22.16 -8.60 -25.39
C PRO C 171 21.80 -7.30 -24.70
N LEU C 172 21.70 -7.35 -23.39
CA LEU C 172 21.40 -6.17 -22.60
C LEU C 172 22.54 -5.17 -22.68
N ASP C 173 22.24 -3.96 -23.16
CA ASP C 173 23.18 -2.86 -23.17
C ASP C 173 23.40 -2.40 -21.73
N LEU C 174 24.65 -2.18 -21.35
CA LEU C 174 25.01 -1.83 -19.99
C LEU C 174 25.62 -0.44 -19.95
N GLN C 175 25.65 0.13 -18.74
CA GLN C 175 26.21 1.45 -18.50
C GLN C 175 27.05 1.38 -17.24
N GLY C 176 28.31 1.81 -17.34
CA GLY C 176 29.23 1.76 -16.24
C GLY C 176 29.04 2.93 -15.29
N LEU C 177 29.04 2.62 -13.99
CA LEU C 177 28.93 3.62 -12.94
C LEU C 177 29.40 2.95 -11.65
N VAL C 178 30.38 3.54 -10.98
CA VAL C 178 31.00 2.92 -9.83
C VAL C 178 30.92 3.84 -8.63
N THR C 179 31.05 3.25 -7.44
CA THR C 179 31.11 4.05 -6.22
C THR C 179 32.44 4.78 -6.12
N ASP C 180 33.54 4.08 -6.35
CA ASP C 180 34.87 4.66 -6.34
C ASP C 180 35.51 4.39 -7.70
N ALA C 181 36.04 5.44 -8.32
CA ALA C 181 36.74 5.32 -9.59
C ALA C 181 38.18 4.92 -9.41
N ARG C 182 38.62 4.68 -8.18
CA ARG C 182 39.99 4.28 -7.90
C ARG C 182 40.11 2.83 -7.47
N THR C 183 39.02 2.08 -7.45
CA THR C 183 39.09 0.67 -7.12
C THR C 183 39.92 -0.07 -8.15
N LYS C 184 40.75 -0.99 -7.67
CA LYS C 184 41.65 -1.75 -8.53
C LYS C 184 41.04 -3.13 -8.74
N TYR C 185 40.12 -3.20 -9.70
CA TYR C 185 39.59 -4.49 -10.11
C TYR C 185 40.64 -5.24 -10.89
N LYS C 186 40.62 -6.56 -10.80
CA LYS C 186 41.59 -7.37 -11.53
C LYS C 186 41.41 -7.16 -13.03
N GLU C 187 42.50 -7.24 -13.78
CA GLU C 187 42.45 -7.03 -15.22
C GLU C 187 42.15 -8.30 -15.99
N GLU C 188 42.00 -9.44 -15.30
CA GLU C 188 41.67 -10.71 -15.93
C GLU C 188 40.54 -11.36 -15.16
N GLY C 189 39.66 -12.04 -15.87
CA GLY C 189 38.58 -12.79 -15.26
C GLY C 189 37.29 -12.01 -15.07
N VAL C 190 37.34 -10.69 -15.12
CA VAL C 190 36.16 -9.86 -14.91
C VAL C 190 36.21 -8.71 -15.90
N VAL C 191 35.04 -8.30 -16.38
CA VAL C 191 34.94 -7.20 -17.33
C VAL C 191 34.66 -5.93 -16.55
N THR C 192 35.51 -4.93 -16.74
CA THR C 192 35.50 -3.69 -16.00
C THR C 192 35.37 -2.55 -17.00
N ILE C 193 35.05 -1.35 -16.51
CA ILE C 193 35.04 -0.17 -17.38
C ILE C 193 36.36 -0.04 -18.12
N LYS C 194 37.47 -0.36 -17.47
CA LYS C 194 38.78 -0.27 -18.10
C LYS C 194 38.95 -1.32 -19.20
N THR C 195 38.36 -2.50 -19.02
CA THR C 195 38.39 -3.52 -20.07
C THR C 195 37.75 -3.02 -21.36
N ILE C 196 36.79 -2.11 -21.28
CA ILE C 196 36.08 -1.60 -22.44
C ILE C 196 36.72 -0.33 -22.99
N THR C 197 37.03 0.64 -22.13
CA THR C 197 37.61 1.89 -22.58
C THR C 197 39.10 1.82 -22.83
N LYS C 198 39.77 0.80 -22.28
CA LYS C 198 41.18 0.50 -22.44
C LYS C 198 42.09 1.49 -21.72
N LYS C 199 41.55 2.37 -20.89
CA LYS C 199 42.34 3.25 -20.05
C LYS C 199 41.67 3.38 -18.69
N ASP C 200 42.49 3.72 -17.69
CA ASP C 200 42.02 3.80 -16.31
C ASP C 200 40.85 4.76 -16.19
N MET C 201 40.02 4.52 -15.18
CA MET C 201 38.76 5.24 -15.02
C MET C 201 38.99 6.66 -14.54
N VAL C 202 38.05 7.53 -14.87
CA VAL C 202 38.13 8.95 -14.58
C VAL C 202 37.08 9.28 -13.52
N ASN C 203 37.05 10.54 -13.12
CA ASN C 203 36.06 10.97 -12.13
C ASN C 203 34.65 10.97 -12.71
N LYS C 204 34.50 11.09 -14.03
CA LYS C 204 33.18 11.02 -14.65
C LYS C 204 32.61 9.62 -14.63
N ASP C 205 33.31 8.64 -14.07
CA ASP C 205 32.80 7.29 -13.99
C ASP C 205 32.14 6.99 -12.66
N GLN C 206 32.08 7.95 -11.74
CA GLN C 206 31.24 7.86 -10.57
C GLN C 206 29.89 8.54 -10.77
N VAL C 207 29.70 9.15 -11.93
CA VAL C 207 28.42 9.68 -12.40
C VAL C 207 28.22 9.07 -13.78
N LEU C 208 27.21 9.50 -14.52
CA LEU C 208 27.02 8.96 -15.85
C LEU C 208 28.11 9.45 -16.80
N ASN C 209 28.86 8.51 -17.35
CA ASN C 209 29.79 8.78 -18.44
C ASN C 209 29.22 8.11 -19.68
N PRO C 210 28.95 8.83 -20.75
CA PRO C 210 28.35 8.18 -21.93
C PRO C 210 29.32 7.27 -22.65
N ILE C 211 30.54 7.18 -22.14
CA ILE C 211 31.59 6.41 -22.80
C ILE C 211 31.71 5.01 -22.19
N SER C 212 31.33 4.86 -20.92
CA SER C 212 31.40 3.57 -20.23
C SER C 212 30.17 2.74 -20.60
N LYS C 213 30.22 2.17 -21.80
CA LYS C 213 29.14 1.38 -22.34
C LYS C 213 29.64 0.02 -22.78
N ALA C 214 28.92 -1.03 -22.39
CA ALA C 214 29.24 -2.40 -22.78
C ALA C 214 27.95 -3.12 -23.11
N LYS C 215 28.07 -4.39 -23.47
CA LYS C 215 26.93 -5.27 -23.70
C LYS C 215 27.09 -6.50 -22.83
N LEU C 216 25.97 -7.01 -22.33
CA LEU C 216 25.96 -8.23 -21.51
C LEU C 216 26.11 -9.48 -22.37
N ASP C 217 27.30 -9.76 -22.85
CA ASP C 217 27.52 -10.92 -23.71
C ASP C 217 28.13 -12.10 -22.96
N LYS C 218 28.94 -11.82 -21.95
CA LYS C 218 29.49 -12.87 -21.12
C LYS C 218 28.62 -13.06 -19.89
N ASP C 219 28.73 -14.23 -19.26
CA ASP C 219 27.90 -14.57 -18.12
C ASP C 219 28.79 -14.83 -16.93
N GLY C 220 28.47 -14.20 -15.80
CA GLY C 220 29.34 -14.28 -14.65
C GLY C 220 30.65 -13.56 -14.84
N MET C 221 30.66 -12.49 -15.64
CA MET C 221 31.87 -11.76 -15.97
C MET C 221 31.71 -10.27 -15.74
N TYR C 222 30.48 -9.76 -15.87
CA TYR C 222 30.20 -8.34 -15.68
C TYR C 222 29.64 -8.13 -14.29
N PRO C 223 30.38 -7.50 -13.37
CA PRO C 223 29.85 -7.27 -12.03
C PRO C 223 28.70 -6.27 -12.00
N VAL C 224 27.70 -6.56 -11.15
CA VAL C 224 26.49 -5.75 -11.09
C VAL C 224 26.69 -4.41 -10.41
N GLU C 225 27.84 -4.18 -9.78
CA GLU C 225 28.14 -2.90 -9.15
C GLU C 225 28.94 -1.97 -10.07
N ILE C 226 29.21 -2.39 -11.29
CA ILE C 226 29.77 -1.54 -12.33
C ILE C 226 28.77 -1.31 -13.45
N TRP C 227 28.05 -2.35 -13.83
CA TRP C 227 27.25 -2.37 -15.04
C TRP C 227 25.79 -2.42 -14.69
N HIS C 228 25.03 -1.45 -15.17
CA HIS C 228 23.62 -1.32 -14.90
C HIS C 228 22.87 -1.22 -16.23
N PRO C 229 21.60 -1.64 -16.27
CA PRO C 229 20.85 -1.51 -17.52
C PRO C 229 20.84 -0.08 -18.02
N ASP C 230 21.28 0.08 -19.25
CA ASP C 230 21.42 1.32 -20.00
C ASP C 230 20.08 1.74 -20.57
N PRO C 231 19.58 2.92 -20.25
CA PRO C 231 18.47 3.47 -21.03
C PRO C 231 18.93 4.19 -22.30
N ALA C 232 19.21 3.38 -23.31
CA ALA C 232 19.66 3.86 -24.60
C ALA C 232 18.51 4.51 -25.36
N LYS C 233 18.82 5.19 -26.46
CA LYS C 233 17.79 5.90 -27.20
C LYS C 233 16.66 4.97 -27.59
N ASN C 234 16.93 3.98 -28.44
CA ASN C 234 15.93 3.03 -28.93
C ASN C 234 16.39 1.64 -28.48
N GLU C 235 15.45 0.80 -28.03
CA GLU C 235 15.84 -0.46 -27.39
C GLU C 235 14.89 -1.60 -27.72
N ASN C 236 15.42 -2.82 -27.64
CA ASN C 236 14.75 -4.07 -27.96
C ASN C 236 14.73 -5.02 -26.77
N THR C 237 14.72 -4.46 -25.56
CA THR C 237 14.88 -5.21 -24.33
C THR C 237 13.97 -4.58 -23.30
N ARG C 238 13.25 -5.40 -22.55
CA ARG C 238 12.47 -4.94 -21.41
C ARG C 238 13.14 -5.42 -20.13
N TYR C 239 13.61 -4.49 -19.31
CA TYR C 239 14.24 -4.83 -18.05
C TYR C 239 13.43 -4.27 -16.90
N PHE C 240 13.41 -5.02 -15.79
CA PHE C 240 12.69 -4.67 -14.58
C PHE C 240 13.59 -4.90 -13.38
N GLY C 241 14.00 -3.83 -12.72
CA GLY C 241 14.87 -3.98 -11.58
C GLY C 241 14.33 -3.26 -10.37
N ASN C 242 14.86 -3.63 -9.21
CA ASN C 242 14.58 -2.90 -7.99
C ASN C 242 15.68 -3.18 -6.97
N TYR C 243 15.93 -2.20 -6.11
CA TYR C 243 17.04 -2.20 -5.17
C TYR C 243 16.52 -1.91 -3.77
N THR C 244 17.13 -2.55 -2.77
CA THR C 244 16.84 -2.26 -1.37
C THR C 244 18.15 -2.31 -0.63
N GLY C 245 18.60 -1.18 -0.11
CA GLY C 245 19.87 -1.10 0.58
C GLY C 245 19.77 -1.47 2.04
N GLY C 246 20.80 -1.09 2.78
CA GLY C 246 20.88 -1.35 4.20
C GLY C 246 21.81 -2.50 4.52
N THR C 247 22.03 -2.69 5.82
CA THR C 247 22.88 -3.76 6.32
C THR C 247 22.09 -4.94 6.89
N THR C 248 20.96 -4.67 7.53
CA THR C 248 20.14 -5.74 8.07
C THR C 248 18.69 -5.64 7.59
N THR C 249 18.46 -5.13 6.40
CA THR C 249 17.12 -5.10 5.84
C THR C 249 16.62 -6.53 5.66
N PRO C 250 15.40 -6.84 6.09
CA PRO C 250 14.86 -8.18 5.86
C PRO C 250 14.62 -8.44 4.39
N PRO C 251 14.94 -9.63 3.89
CA PRO C 251 14.54 -9.99 2.54
C PRO C 251 13.03 -10.15 2.44
N VAL C 252 12.50 -9.76 1.28
CA VAL C 252 11.08 -9.87 0.99
C VAL C 252 10.94 -10.43 -0.40
N LEU C 253 10.17 -11.51 -0.54
CA LEU C 253 9.96 -12.14 -1.83
C LEU C 253 8.51 -12.58 -1.94
N GLN C 254 8.00 -12.60 -3.16
CA GLN C 254 6.62 -13.00 -3.43
C GLN C 254 6.63 -13.89 -4.66
N PHE C 255 6.12 -15.11 -4.52
CA PHE C 255 6.06 -16.00 -5.64
C PHE C 255 4.63 -16.43 -5.88
N THR C 256 4.34 -16.81 -7.13
CA THR C 256 3.05 -17.33 -7.54
C THR C 256 3.19 -17.74 -9.00
N ASN C 257 2.23 -18.48 -9.52
CA ASN C 257 2.24 -18.86 -10.93
C ASN C 257 1.08 -18.25 -11.70
N THR C 258 0.59 -17.10 -11.25
CA THR C 258 -0.70 -16.61 -11.72
C THR C 258 -0.60 -15.31 -12.51
N LEU C 259 0.55 -14.63 -12.45
CA LEU C 259 0.66 -13.33 -13.11
C LEU C 259 1.84 -13.27 -14.08
N THR C 260 1.59 -12.62 -15.21
CA THR C 260 2.51 -12.42 -16.32
C THR C 260 2.88 -10.94 -16.45
N THR C 261 4.02 -10.69 -17.08
CA THR C 261 4.43 -9.37 -17.53
C THR C 261 4.26 -9.31 -19.05
N VAL C 262 3.60 -8.27 -19.52
CA VAL C 262 3.42 -8.05 -20.96
C VAL C 262 4.64 -7.35 -21.49
N LEU C 263 5.24 -7.88 -22.55
CA LEU C 263 6.47 -7.35 -23.10
C LEU C 263 6.26 -6.46 -24.30
N LEU C 264 5.01 -6.19 -24.69
CA LEU C 264 4.74 -5.31 -25.80
C LEU C 264 4.88 -3.84 -25.40
N ASP C 265 5.35 -3.03 -26.34
CA ASP C 265 5.56 -1.61 -26.12
C ASP C 265 4.32 -0.82 -26.54
N GLU C 266 4.47 0.50 -26.70
CA GLU C 266 3.35 1.35 -27.08
C GLU C 266 2.83 1.02 -28.46
N ASN C 267 3.70 0.59 -29.37
CA ASN C 267 3.29 0.15 -30.69
C ASN C 267 2.75 -1.27 -30.70
N GLY C 268 2.84 -1.97 -29.57
CA GLY C 268 2.33 -3.31 -29.45
C GLY C 268 3.20 -4.35 -30.14
N VAL C 269 4.52 -4.21 -30.01
CA VAL C 269 5.47 -5.06 -30.73
C VAL C 269 6.23 -5.98 -29.78
N GLY C 270 6.99 -5.43 -28.86
CA GLY C 270 7.71 -6.28 -27.95
C GLY C 270 8.92 -6.93 -28.59
N PRO C 271 9.87 -7.39 -27.76
CA PRO C 271 11.20 -7.76 -28.25
C PRO C 271 11.24 -8.68 -29.46
N LEU C 272 11.75 -8.17 -30.58
CA LEU C 272 11.96 -8.95 -31.79
C LEU C 272 13.30 -9.65 -31.70
N CYS C 273 13.31 -10.96 -31.91
CA CYS C 273 14.51 -11.76 -31.69
C CYS C 273 15.38 -11.69 -32.93
N LYS C 274 16.37 -10.81 -32.90
CA LYS C 274 17.25 -10.63 -34.04
C LYS C 274 18.42 -11.60 -33.96
N GLY C 275 18.97 -11.91 -35.13
CA GLY C 275 19.60 -13.20 -35.27
C GLY C 275 18.47 -14.18 -35.29
N GLU C 276 18.49 -15.14 -34.38
CA GLU C 276 17.27 -15.84 -34.01
C GLU C 276 17.21 -16.03 -32.50
N GLY C 277 18.03 -15.30 -31.76
CA GLY C 277 18.24 -15.56 -30.37
C GLY C 277 17.39 -14.72 -29.45
N LEU C 278 17.14 -15.28 -28.27
CA LEU C 278 16.36 -14.66 -27.22
C LEU C 278 17.23 -14.61 -25.98
N TYR C 279 17.56 -13.42 -25.52
CA TYR C 279 18.50 -13.24 -24.43
C TYR C 279 17.76 -13.02 -23.12
N LEU C 280 18.17 -13.75 -22.09
CA LEU C 280 17.64 -13.60 -20.75
C LEU C 280 18.75 -13.16 -19.83
N SER C 281 18.48 -12.16 -19.00
CA SER C 281 19.44 -11.62 -18.06
C SER C 281 18.79 -11.52 -16.69
N CYS C 282 19.58 -11.71 -15.65
CA CYS C 282 19.04 -11.60 -14.30
C CYS C 282 20.16 -11.39 -13.31
N VAL C 283 19.80 -10.84 -12.16
CA VAL C 283 20.61 -10.88 -10.95
C VAL C 283 19.64 -10.81 -9.77
N ASP C 284 19.71 -11.79 -8.87
CA ASP C 284 18.83 -11.83 -7.70
C ASP C 284 19.72 -11.95 -6.47
N ILE C 285 19.92 -10.83 -5.79
CA ILE C 285 20.70 -10.78 -4.58
C ILE C 285 19.73 -10.70 -3.40
N MET C 286 19.92 -11.56 -2.41
CA MET C 286 19.04 -11.59 -1.24
C MET C 286 19.63 -10.88 -0.03
N GLY C 287 20.92 -10.71 0.01
CA GLY C 287 21.64 -10.16 1.13
C GLY C 287 22.88 -10.96 1.36
N TRP C 288 23.38 -10.92 2.58
CA TRP C 288 24.59 -11.64 2.94
C TRP C 288 24.35 -12.42 4.22
N ARG C 289 25.12 -13.49 4.39
CA ARG C 289 25.27 -14.15 5.68
C ARG C 289 26.63 -13.83 6.25
N VAL C 290 26.69 -13.57 7.54
CA VAL C 290 27.92 -13.27 8.25
C VAL C 290 28.34 -14.51 9.03
N THR C 291 29.63 -14.86 8.95
CA THR C 291 30.10 -16.13 9.47
C THR C 291 30.50 -16.02 10.94
N ARG C 292 30.80 -17.18 11.52
CA ARG C 292 31.11 -17.32 12.94
C ARG C 292 32.61 -17.14 13.17
N ASN C 293 33.07 -15.95 12.81
CA ASN C 293 34.49 -15.63 12.71
C ASN C 293 34.57 -14.10 12.80
N TYR C 294 35.69 -13.52 12.36
CA TYR C 294 35.61 -12.14 11.91
C TYR C 294 34.44 -12.03 10.96
N ASP C 295 33.69 -10.93 11.02
CA ASP C 295 32.37 -10.96 10.43
C ASP C 295 32.42 -11.02 8.92
N VAL C 296 32.88 -12.14 8.36
CA VAL C 296 32.98 -12.31 6.93
C VAL C 296 31.56 -12.43 6.37
N HIS C 297 31.23 -11.58 5.40
CA HIS C 297 29.94 -11.65 4.74
C HIS C 297 30.07 -12.41 3.43
N HIS C 298 29.00 -13.12 3.08
CA HIS C 298 28.91 -13.84 1.82
C HIS C 298 27.58 -13.52 1.19
N TRP C 299 27.60 -12.99 -0.04
CA TRP C 299 26.36 -12.71 -0.75
C TRP C 299 25.63 -13.99 -1.13
N ARG C 300 24.30 -13.95 -0.96
CA ARG C 300 23.42 -15.02 -1.39
C ARG C 300 22.66 -14.59 -2.62
N GLY C 301 22.54 -15.48 -3.59
CA GLY C 301 21.67 -15.27 -4.73
C GLY C 301 20.81 -16.49 -4.97
N LEU C 302 19.64 -16.26 -5.50
CA LEU C 302 18.72 -17.35 -5.79
C LEU C 302 18.45 -17.43 -7.29
N PRO C 303 18.10 -18.61 -7.81
CA PRO C 303 17.84 -18.72 -9.24
C PRO C 303 16.54 -18.03 -9.65
N ARG C 304 16.42 -17.80 -10.95
CA ARG C 304 15.23 -17.19 -11.52
C ARG C 304 14.68 -18.08 -12.62
N TYR C 305 13.38 -18.32 -12.58
CA TYR C 305 12.68 -19.09 -13.58
C TYR C 305 12.05 -18.14 -14.59
N PHE C 306 12.12 -18.51 -15.87
CA PHE C 306 11.54 -17.72 -16.95
C PHE C 306 10.53 -18.55 -17.72
N LYS C 307 9.45 -17.91 -18.15
CA LYS C 307 8.52 -18.54 -19.09
C LYS C 307 8.15 -17.51 -20.15
N ILE C 308 8.81 -17.58 -21.29
CA ILE C 308 8.65 -16.61 -22.36
C ILE C 308 7.69 -17.17 -23.39
N THR C 309 6.76 -16.34 -23.83
CA THR C 309 5.77 -16.69 -24.83
C THR C 309 6.12 -15.97 -26.12
N LEU C 310 6.41 -16.73 -27.16
CA LEU C 310 6.84 -16.17 -28.42
C LEU C 310 5.79 -16.41 -29.50
N ARG C 311 5.59 -15.40 -30.34
CA ARG C 311 4.79 -15.55 -31.53
C ARG C 311 5.64 -15.14 -32.72
N LYS C 312 5.11 -15.37 -33.92
CA LYS C 312 5.79 -15.01 -35.15
C LYS C 312 5.22 -13.72 -35.69
N ARG C 313 6.10 -12.85 -36.15
CA ARG C 313 5.69 -11.55 -36.64
C ARG C 313 6.32 -11.29 -37.99
N TRP C 314 5.54 -10.73 -38.91
CA TRP C 314 6.07 -10.27 -40.18
C TRP C 314 6.68 -8.89 -40.00
N VAL C 315 7.94 -8.73 -40.42
CA VAL C 315 8.65 -7.46 -40.34
C VAL C 315 9.25 -7.16 -41.71
N LYS C 316 9.78 -5.96 -41.86
CA LYS C 316 10.50 -5.57 -43.06
C LYS C 316 11.95 -6.02 -42.95
N ASN C 317 12.51 -6.43 -44.08
CA ASN C 317 13.75 -7.20 -44.12
C ASN C 317 14.89 -6.56 -43.33
N PRO C 318 15.34 -7.16 -42.24
CA PRO C 318 16.49 -6.64 -41.50
C PRO C 318 17.85 -7.09 -42.03
N TYR C 319 17.88 -7.76 -43.17
CA TYR C 319 19.10 -8.16 -43.84
C TYR C 319 19.29 -7.29 -45.07
N PRO C 320 20.14 -6.27 -45.02
CA PRO C 320 20.42 -5.49 -46.23
C PRO C 320 21.38 -6.23 -47.15
N MET C 321 20.86 -6.74 -48.26
CA MET C 321 21.73 -7.42 -49.20
C MET C 321 22.65 -6.45 -49.93
N ALA C 322 22.31 -5.15 -49.92
CA ALA C 322 23.24 -4.14 -50.39
C ALA C 322 24.52 -4.15 -49.58
N SER C 323 24.44 -4.55 -48.31
CA SER C 323 25.65 -4.77 -47.52
C SER C 323 26.58 -5.77 -48.19
N LEU C 324 26.02 -6.87 -48.70
CA LEU C 324 26.86 -7.86 -49.37
C LEU C 324 27.34 -7.36 -50.72
N ILE C 325 26.47 -6.69 -51.47
CA ILE C 325 26.86 -6.17 -52.78
C ILE C 325 27.95 -5.11 -52.67
N SER C 326 28.00 -4.36 -51.57
CA SER C 326 29.02 -3.36 -51.36
C SER C 326 30.23 -3.88 -50.61
N SER C 327 30.08 -4.94 -49.81
CA SER C 327 31.26 -5.64 -49.33
C SER C 327 31.99 -6.33 -50.48
N LEU C 328 31.26 -6.67 -51.54
CA LEU C 328 31.94 -7.15 -52.75
C LEU C 328 32.65 -6.01 -53.48
N PHE C 329 32.09 -4.79 -53.44
CA PHE C 329 32.75 -3.61 -54.00
C PHE C 329 33.97 -3.23 -53.15
N ASN C 330 33.95 -3.61 -51.87
CA ASN C 330 34.99 -3.15 -50.94
C ASN C 330 36.12 -4.18 -50.79
N ASN C 331 35.80 -5.47 -50.82
CA ASN C 331 36.84 -6.48 -50.67
C ASN C 331 37.62 -6.71 -51.94
N MET C 332 37.18 -6.12 -53.05
CA MET C 332 37.99 -6.05 -54.26
C MET C 332 39.02 -4.93 -54.20
N LEU C 333 38.76 -3.90 -53.40
CA LEU C 333 39.61 -2.75 -53.21
C LEU C 333 40.43 -2.90 -51.94
N PRO C 334 41.64 -2.34 -51.90
CA PRO C 334 42.42 -2.36 -50.67
C PRO C 334 41.79 -1.46 -49.61
N GLN C 335 42.25 -1.61 -48.38
CA GLN C 335 41.76 -0.80 -47.29
C GLN C 335 42.72 0.37 -47.27
N VAL C 336 42.16 1.59 -47.24
CA VAL C 336 42.99 2.78 -47.28
C VAL C 336 43.01 3.56 -45.97
N GLN C 337 44.13 4.23 -45.72
CA GLN C 337 44.29 5.04 -44.54
C GLN C 337 43.72 6.43 -44.82
N GLY C 338 44.49 7.25 -45.52
CA GLY C 338 44.05 8.59 -45.86
C GLY C 338 43.91 9.58 -44.71
N GLN C 339 43.27 10.71 -45.00
CA GLN C 339 43.06 11.76 -44.02
C GLN C 339 41.66 11.66 -43.44
N PRO C 340 41.47 12.05 -42.18
CA PRO C 340 40.22 11.74 -41.49
C PRO C 340 39.00 12.46 -42.04
N MET C 341 38.05 11.69 -42.57
CA MET C 341 36.75 12.21 -42.96
C MET C 341 35.65 11.69 -42.04
N GLU C 342 36.00 11.34 -40.81
CA GLU C 342 35.05 10.78 -39.87
C GLU C 342 35.56 10.98 -38.45
N GLY C 343 34.65 11.23 -37.52
CA GLY C 343 35.05 11.36 -36.13
C GLY C 343 35.01 12.79 -35.62
N GLU C 344 35.94 13.14 -34.74
CA GLU C 344 36.01 14.49 -34.21
C GLU C 344 36.99 15.37 -34.96
N ASN C 345 37.96 14.77 -35.65
CA ASN C 345 38.89 15.50 -36.50
C ASN C 345 38.49 15.37 -37.97
N THR C 346 37.19 15.36 -38.22
CA THR C 346 36.66 15.33 -39.57
C THR C 346 37.21 16.49 -40.39
N GLN C 347 37.55 16.21 -41.64
CA GLN C 347 37.89 17.25 -42.60
C GLN C 347 36.75 17.52 -43.56
N VAL C 348 35.60 16.91 -43.32
CA VAL C 348 34.38 17.20 -44.05
C VAL C 348 33.78 18.45 -43.43
N GLU C 349 33.69 19.52 -44.22
CA GLU C 349 33.21 20.80 -43.69
C GLU C 349 31.69 20.83 -43.63
N GLU C 350 31.02 20.30 -44.64
CA GLU C 350 29.59 20.50 -44.76
C GLU C 350 29.00 19.51 -45.75
N VAL C 351 27.81 19.02 -45.42
CA VAL C 351 27.04 18.16 -46.30
C VAL C 351 25.63 18.74 -46.35
N ARG C 352 25.12 18.98 -47.55
CA ARG C 352 23.75 19.43 -47.70
C ARG C 352 23.05 18.67 -48.81
N VAL C 353 21.78 18.37 -48.60
CA VAL C 353 20.99 17.53 -49.48
C VAL C 353 19.86 18.38 -50.06
N TYR C 354 19.57 18.18 -51.34
CA TYR C 354 18.48 18.86 -52.04
C TYR C 354 17.58 17.81 -52.66
N ASP C 355 16.27 17.95 -52.48
CA ASP C 355 15.35 16.95 -53.02
C ASP C 355 14.36 17.51 -54.03
N GLY C 356 13.69 18.61 -53.72
CA GLY C 356 12.70 19.14 -54.65
C GLY C 356 13.04 20.51 -55.20
N THR C 357 12.06 21.41 -55.22
CA THR C 357 12.26 22.81 -55.58
C THR C 357 11.39 23.67 -54.68
N GLU C 358 11.89 24.84 -54.33
CA GLU C 358 11.21 25.79 -53.48
C GLU C 358 11.32 27.20 -54.05
N PRO C 359 10.50 28.14 -53.59
CA PRO C 359 10.74 29.54 -53.91
C PRO C 359 12.06 30.01 -53.31
N VAL C 360 12.79 30.82 -54.06
CA VAL C 360 14.11 31.29 -53.64
C VAL C 360 13.99 31.94 -52.28
N PRO C 361 14.67 31.45 -51.26
CA PRO C 361 14.56 32.01 -49.92
C PRO C 361 15.37 33.31 -49.82
N GLY C 362 15.32 33.90 -48.63
CA GLY C 362 16.00 35.15 -48.37
C GLY C 362 17.35 34.82 -47.79
N ASP C 363 17.49 34.88 -46.48
CA ASP C 363 18.60 34.21 -45.82
C ASP C 363 18.44 32.71 -45.98
N PRO C 364 19.30 32.01 -46.72
CA PRO C 364 19.19 30.54 -46.76
C PRO C 364 19.96 29.87 -45.63
N ASP C 365 21.01 30.49 -45.13
CA ASP C 365 21.73 29.98 -43.96
C ASP C 365 21.19 30.58 -42.67
N MET C 366 19.86 30.54 -42.52
CA MET C 366 19.23 31.26 -41.44
C MET C 366 19.11 30.38 -40.21
N THR C 367 19.53 30.92 -39.06
CA THR C 367 19.43 30.18 -37.81
C THR C 367 17.98 30.01 -37.43
N ARG C 368 17.61 28.81 -37.03
CA ARG C 368 16.26 28.55 -36.54
C ARG C 368 16.20 28.43 -35.03
N TYR C 369 17.20 28.95 -34.32
CA TYR C 369 17.24 28.97 -32.87
C TYR C 369 17.30 30.41 -32.38
N VAL C 370 16.48 30.73 -31.38
CA VAL C 370 16.39 32.12 -30.94
C VAL C 370 17.59 32.51 -30.08
N ASP C 371 18.22 31.55 -29.42
CA ASP C 371 19.40 31.87 -28.63
C ASP C 371 20.57 32.35 -29.51
N ARG C 372 20.55 32.04 -30.80
CA ARG C 372 21.57 32.54 -31.72
C ARG C 372 21.29 33.95 -32.20
N PHE C 373 20.41 34.69 -31.52
CA PHE C 373 20.14 36.08 -31.87
C PHE C 373 20.83 37.01 -30.87
N LYS D 17 -47.59 -11.90 -8.21
CA LYS D 17 -48.91 -11.31 -8.44
C LYS D 17 -49.06 -9.99 -7.66
N ALA D 18 -49.69 -10.08 -6.49
CA ALA D 18 -49.97 -8.88 -5.71
C ALA D 18 -48.83 -8.52 -4.78
N CYS D 19 -48.25 -9.51 -4.11
CA CYS D 19 -47.26 -9.25 -3.07
C CYS D 19 -45.85 -9.24 -3.67
N PRO D 20 -44.86 -8.68 -2.97
CA PRO D 20 -43.56 -8.42 -3.60
C PRO D 20 -42.73 -9.68 -3.79
N ARG D 21 -41.64 -9.54 -4.54
CA ARG D 21 -40.74 -10.61 -4.86
C ARG D 21 -39.37 -10.33 -4.25
N PRO D 22 -38.87 -11.18 -3.36
CA PRO D 22 -37.48 -11.06 -2.94
C PRO D 22 -36.55 -11.25 -4.12
N ALA D 23 -35.31 -10.80 -3.95
CA ALA D 23 -34.34 -10.93 -5.02
C ALA D 23 -33.93 -12.39 -5.19
N PRO D 24 -33.55 -12.80 -6.39
CA PRO D 24 -33.09 -14.18 -6.57
C PRO D 24 -31.68 -14.38 -6.05
N VAL D 25 -31.49 -15.51 -5.39
CA VAL D 25 -30.18 -15.92 -4.90
C VAL D 25 -29.99 -17.39 -5.25
N PRO D 26 -28.75 -17.89 -5.22
CA PRO D 26 -28.54 -19.33 -5.46
C PRO D 26 -29.34 -20.17 -4.48
N LYS D 27 -29.96 -21.23 -4.99
CA LYS D 27 -30.78 -22.09 -4.15
C LYS D 27 -29.94 -23.18 -3.52
N LEU D 28 -29.92 -23.21 -2.19
CA LEU D 28 -29.21 -24.25 -1.48
C LEU D 28 -29.96 -25.57 -1.58
N LEU D 29 -29.27 -26.61 -2.06
CA LEU D 29 -29.88 -27.92 -2.19
C LEU D 29 -29.67 -28.77 -0.95
N ILE D 30 -28.48 -28.71 -0.36
CA ILE D 30 -28.17 -29.52 0.80
C ILE D 30 -26.95 -28.93 1.48
N LYS D 31 -26.90 -29.06 2.79
CA LYS D 31 -25.79 -28.58 3.59
C LYS D 31 -25.43 -29.66 4.60
N GLY D 32 -24.14 -29.81 4.87
CA GLY D 32 -23.72 -30.85 5.78
C GLY D 32 -22.24 -31.14 5.73
N GLY D 33 -21.88 -32.41 5.61
CA GLY D 33 -20.51 -32.82 5.50
C GLY D 33 -20.15 -33.32 4.12
N MET D 34 -19.07 -34.08 4.05
CA MET D 34 -18.66 -34.65 2.77
C MET D 34 -19.65 -35.70 2.29
N GLU D 35 -20.53 -36.15 3.18
CA GLU D 35 -21.58 -37.09 2.85
C GLU D 35 -22.63 -36.49 1.91
N VAL D 36 -22.81 -35.17 1.93
CA VAL D 36 -23.86 -34.55 1.11
C VAL D 36 -23.43 -34.46 -0.33
N LEU D 37 -22.18 -34.80 -0.62
CA LEU D 37 -21.71 -34.81 -2.00
C LEU D 37 -22.22 -36.01 -2.78
N ASP D 38 -22.77 -37.01 -2.10
CA ASP D 38 -23.32 -38.19 -2.77
C ASP D 38 -24.68 -37.91 -3.40
N LEU D 39 -25.31 -36.80 -3.07
CA LEU D 39 -26.55 -36.42 -3.74
C LEU D 39 -26.25 -35.98 -5.17
N VAL D 40 -26.95 -36.58 -6.13
CA VAL D 40 -26.78 -36.22 -7.53
C VAL D 40 -27.56 -34.93 -7.79
N THR D 41 -26.90 -33.91 -8.33
CA THR D 41 -27.49 -32.59 -8.39
C THR D 41 -27.72 -32.06 -9.80
N GLY D 42 -26.93 -32.47 -10.77
CA GLY D 42 -27.09 -31.94 -12.11
C GLY D 42 -25.84 -31.28 -12.63
N PRO D 43 -25.89 -30.78 -13.86
CA PRO D 43 -24.69 -30.25 -14.51
C PRO D 43 -24.30 -28.83 -14.09
N ASP D 44 -25.24 -28.03 -13.58
CA ASP D 44 -24.98 -26.63 -13.31
C ASP D 44 -24.98 -26.32 -11.82
N SER D 45 -24.60 -27.30 -11.00
CA SER D 45 -24.61 -27.13 -9.56
C SER D 45 -23.22 -26.77 -9.04
N VAL D 46 -23.21 -25.93 -8.01
CA VAL D 46 -22.00 -25.38 -7.43
C VAL D 46 -21.85 -25.89 -6.01
N THR D 47 -20.64 -26.31 -5.66
CA THR D 47 -20.32 -26.88 -4.35
C THR D 47 -19.31 -25.98 -3.65
N GLU D 48 -19.51 -25.77 -2.35
CA GLU D 48 -18.59 -24.98 -1.52
C GLU D 48 -18.18 -25.82 -0.33
N ILE D 49 -16.89 -26.06 -0.19
CA ILE D 49 -16.34 -26.89 0.88
C ILE D 49 -15.48 -26.03 1.77
N GLU D 50 -15.85 -25.94 3.05
CA GLU D 50 -15.00 -25.38 4.10
C GLU D 50 -14.05 -26.45 4.59
N ALA D 51 -12.82 -26.07 4.90
CA ALA D 51 -11.83 -26.99 5.42
C ALA D 51 -10.70 -26.16 6.00
N PHE D 52 -9.89 -26.79 6.86
CA PHE D 52 -8.75 -26.11 7.43
C PHE D 52 -7.59 -27.06 7.50
N LEU D 53 -6.39 -26.50 7.50
CA LEU D 53 -5.14 -27.24 7.62
C LEU D 53 -4.37 -26.67 8.79
N ASN D 54 -3.88 -27.51 9.58
CA ASN D 54 -3.19 -27.14 10.80
C ASN D 54 -1.69 -27.00 10.55
N PRO D 55 -1.00 -26.19 11.37
CA PRO D 55 0.44 -25.96 11.19
C PRO D 55 1.33 -27.13 11.60
N ARG D 56 1.52 -28.05 10.67
CA ARG D 56 2.37 -29.20 10.95
C ARG D 56 3.83 -28.80 10.85
N MET D 57 4.39 -28.23 11.93
CA MET D 57 5.76 -27.70 11.91
C MET D 57 6.52 -28.04 13.20
N GLY D 58 7.22 -29.17 13.19
CA GLY D 58 7.98 -29.56 14.35
C GLY D 58 7.34 -30.64 15.19
N GLN D 59 6.72 -30.25 16.29
CA GLN D 59 6.13 -31.20 17.21
C GLN D 59 4.83 -31.78 16.63
N PRO D 60 4.70 -33.10 16.51
CA PRO D 60 3.50 -33.69 15.95
C PRO D 60 2.35 -33.64 16.95
N PRO D 61 1.14 -33.98 16.51
CA PRO D 61 -0.01 -33.93 17.43
C PRO D 61 -0.17 -35.17 18.31
N THR D 62 0.73 -36.14 18.24
CA THR D 62 0.49 -37.46 18.83
C THR D 62 0.54 -37.45 20.35
N PRO D 63 1.57 -36.89 21.01
CA PRO D 63 1.52 -36.81 22.47
C PRO D 63 0.58 -35.71 22.95
N GLU D 64 -0.71 -36.04 23.07
CA GLU D 64 -1.71 -35.05 23.44
C GLU D 64 -1.51 -34.48 24.83
N SER D 65 -0.55 -34.99 25.60
CA SER D 65 -0.40 -34.62 26.99
C SER D 65 0.38 -33.31 27.11
N LEU D 66 -0.15 -32.39 27.92
CA LEU D 66 0.42 -31.06 28.08
C LEU D 66 1.64 -31.06 29.00
N THR D 67 2.17 -32.22 29.34
CA THR D 67 3.37 -32.28 30.17
C THR D 67 4.45 -33.17 29.55
N GLU D 68 4.04 -34.26 28.91
CA GLU D 68 5.02 -35.17 28.33
C GLU D 68 5.52 -34.68 26.98
N GLY D 69 4.74 -33.84 26.33
CA GLY D 69 5.23 -33.12 25.17
C GLY D 69 5.60 -31.68 25.44
N GLY D 70 5.24 -31.13 26.61
CA GLY D 70 5.40 -29.72 26.92
C GLY D 70 4.40 -28.90 26.13
N GLN D 71 3.77 -29.60 25.21
CA GLN D 71 2.87 -29.08 24.18
C GLN D 71 3.40 -27.88 23.43
N TYR D 72 4.44 -28.14 22.67
CA TYR D 72 4.84 -27.34 21.53
C TYR D 72 4.03 -27.67 20.29
N TYR D 73 2.89 -28.32 20.42
CA TYR D 73 2.02 -28.49 19.27
C TYR D 73 1.53 -27.14 18.78
N GLY D 74 1.72 -26.87 17.49
CA GLY D 74 1.63 -25.54 16.96
C GLY D 74 2.95 -24.84 16.87
N TRP D 75 3.96 -25.32 17.59
CA TRP D 75 5.31 -24.79 17.61
C TRP D 75 6.28 -25.85 17.13
N SER D 76 7.52 -25.44 16.94
CA SER D 76 8.61 -26.38 16.73
C SER D 76 9.29 -26.65 18.05
N ARG D 77 10.16 -27.65 18.08
CA ARG D 77 10.69 -28.08 19.36
C ARG D 77 11.75 -27.13 19.90
N GLY D 78 12.86 -26.97 19.19
CA GLY D 78 13.83 -25.98 19.58
C GLY D 78 15.04 -26.09 18.69
N ILE D 79 15.49 -24.97 18.13
CA ILE D 79 16.45 -25.01 17.05
C ILE D 79 17.85 -25.14 17.65
N ASN D 80 18.56 -26.18 17.23
CA ASN D 80 19.92 -26.42 17.67
C ASN D 80 20.88 -26.03 16.55
N LEU D 81 21.84 -25.17 16.87
CA LEU D 81 22.78 -24.68 15.87
C LEU D 81 23.82 -25.75 15.56
N ALA D 82 24.45 -25.65 14.40
CA ALA D 82 25.49 -26.57 13.99
C ALA D 82 26.73 -26.37 14.85
N THR D 83 27.42 -27.48 15.11
CA THR D 83 28.60 -27.45 15.96
C THR D 83 29.85 -27.01 15.21
N SER D 84 29.91 -27.22 13.90
CA SER D 84 31.04 -26.77 13.10
C SER D 84 30.53 -26.41 11.72
N ASP D 85 31.45 -25.97 10.86
CA ASP D 85 31.06 -25.61 9.51
C ASP D 85 30.69 -26.82 8.69
N THR D 86 31.10 -28.02 9.12
CA THR D 86 30.84 -29.23 8.36
C THR D 86 29.78 -30.12 8.98
N GLU D 87 29.52 -29.99 10.27
CA GLU D 87 28.56 -30.83 10.97
C GLU D 87 27.29 -30.03 11.25
N ASP D 88 26.16 -30.51 10.73
CA ASP D 88 24.88 -29.81 10.89
C ASP D 88 23.77 -30.84 10.82
N SER D 89 23.23 -31.21 11.98
CA SER D 89 22.16 -32.20 12.07
C SER D 89 20.93 -31.54 12.69
N PRO D 90 19.85 -31.34 11.92
CA PRO D 90 18.80 -30.41 12.36
C PRO D 90 17.61 -31.03 13.08
N GLU D 91 17.61 -32.31 13.45
CA GLU D 91 16.61 -32.78 14.42
C GLU D 91 15.17 -32.63 13.97
N ASN D 92 14.66 -33.52 13.13
CA ASN D 92 13.37 -33.40 12.42
C ASN D 92 12.26 -32.69 13.17
N ASN D 93 12.16 -32.86 14.48
CA ASN D 93 11.15 -32.14 15.25
C ASN D 93 11.43 -30.64 15.35
N THR D 94 12.43 -30.14 14.64
CA THR D 94 12.80 -28.73 14.61
C THR D 94 12.36 -28.06 13.31
N LEU D 95 12.28 -28.82 12.23
CA LEU D 95 12.03 -28.28 10.91
C LEU D 95 10.55 -28.15 10.62
N PRO D 96 10.04 -26.96 10.33
CA PRO D 96 8.68 -26.85 9.81
C PRO D 96 8.54 -27.50 8.44
N THR D 97 7.36 -28.00 8.15
CA THR D 97 7.10 -28.79 6.96
C THR D 97 5.82 -28.31 6.30
N TRP D 98 5.54 -28.87 5.13
CA TRP D 98 4.34 -28.54 4.39
C TRP D 98 3.13 -29.29 4.94
N SER D 99 2.06 -28.56 5.21
CA SER D 99 0.77 -29.14 5.52
C SER D 99 0.03 -29.43 4.23
N MET D 100 -0.63 -30.57 4.15
CA MET D 100 -1.42 -30.87 2.98
C MET D 100 -2.61 -31.74 3.33
N ALA D 101 -3.64 -31.67 2.50
CA ALA D 101 -4.80 -32.52 2.60
C ALA D 101 -5.26 -32.86 1.19
N LYS D 102 -6.08 -33.89 1.09
CA LYS D 102 -6.71 -34.25 -0.18
C LYS D 102 -8.16 -34.57 0.09
N LEU D 103 -9.06 -33.89 -0.60
CA LEU D 103 -10.49 -34.09 -0.45
C LEU D 103 -10.99 -34.95 -1.60
N GLN D 104 -11.57 -36.10 -1.27
CA GLN D 104 -12.04 -37.06 -2.26
C GLN D 104 -13.47 -36.71 -2.64
N LEU D 105 -13.68 -36.37 -3.89
CA LEU D 105 -14.93 -35.93 -4.45
C LEU D 105 -15.59 -37.08 -5.22
N PRO D 106 -16.91 -37.02 -5.42
CA PRO D 106 -17.61 -38.11 -6.09
C PRO D 106 -17.30 -38.18 -7.58
N MET D 107 -17.43 -39.39 -8.12
CA MET D 107 -17.31 -39.59 -9.56
C MET D 107 -18.49 -38.96 -10.27
N LEU D 108 -18.27 -38.57 -11.53
CA LEU D 108 -19.22 -37.75 -12.26
C LEU D 108 -19.72 -38.49 -13.49
N ASN D 109 -20.46 -37.76 -14.32
CA ASN D 109 -21.08 -38.33 -15.51
C ASN D 109 -20.06 -38.48 -16.62
N GLU D 110 -20.53 -38.88 -17.79
CA GLU D 110 -19.71 -39.09 -18.97
C GLU D 110 -20.67 -39.31 -20.13
N ASP D 111 -20.12 -39.23 -21.34
CA ASP D 111 -20.93 -39.36 -22.55
C ASP D 111 -20.03 -40.01 -23.59
N LEU D 112 -20.06 -41.34 -23.64
CA LEU D 112 -19.11 -42.09 -24.45
C LEU D 112 -19.29 -41.85 -25.95
N THR D 113 -20.48 -41.43 -26.39
CA THR D 113 -20.69 -41.25 -27.81
C THR D 113 -20.02 -39.98 -28.31
N CYS D 114 -19.93 -38.95 -27.47
CA CYS D 114 -19.20 -37.73 -27.80
C CYS D 114 -17.82 -37.70 -27.15
N ASP D 115 -17.47 -38.72 -26.37
CA ASP D 115 -16.15 -38.87 -25.76
C ASP D 115 -15.84 -37.76 -24.75
N THR D 116 -16.87 -37.17 -24.16
CA THR D 116 -16.69 -36.09 -23.20
C THR D 116 -16.92 -36.62 -21.80
N LEU D 117 -16.14 -36.10 -20.87
CA LEU D 117 -16.18 -36.46 -19.46
C LEU D 117 -16.60 -35.23 -18.64
N GLN D 118 -17.04 -35.48 -17.42
CA GLN D 118 -17.29 -34.40 -16.46
C GLN D 118 -16.30 -34.54 -15.32
N MET D 119 -15.62 -33.46 -14.97
CA MET D 119 -14.77 -33.49 -13.80
C MET D 119 -14.92 -32.20 -13.03
N TRP D 120 -14.55 -32.26 -11.75
CA TRP D 120 -14.62 -31.10 -10.86
C TRP D 120 -13.54 -30.10 -11.21
N GLU D 121 -13.80 -28.85 -10.86
CA GLU D 121 -12.94 -27.76 -11.31
C GLU D 121 -13.03 -26.63 -10.28
N ALA D 122 -11.91 -26.33 -9.63
CA ALA D 122 -11.88 -25.28 -8.63
C ALA D 122 -11.97 -23.92 -9.30
N VAL D 123 -12.86 -23.07 -8.80
CA VAL D 123 -13.20 -21.83 -9.49
C VAL D 123 -12.73 -20.62 -8.70
N SER D 124 -12.77 -20.70 -7.38
CA SER D 124 -12.34 -19.61 -6.52
C SER D 124 -11.95 -20.20 -5.17
N VAL D 125 -11.23 -19.41 -4.38
CA VAL D 125 -10.88 -19.82 -3.03
C VAL D 125 -10.96 -18.60 -2.12
N LYS D 126 -11.54 -18.81 -0.95
CA LYS D 126 -11.49 -17.88 0.16
C LYS D 126 -10.58 -18.50 1.21
N THR D 127 -9.46 -17.86 1.47
CA THR D 127 -8.52 -18.41 2.43
C THR D 127 -8.19 -17.38 3.50
N GLU D 128 -7.73 -17.86 4.64
CA GLU D 128 -7.47 -17.02 5.79
C GLU D 128 -6.58 -17.71 6.81
N VAL D 129 -5.66 -16.99 7.42
CA VAL D 129 -4.85 -17.53 8.51
C VAL D 129 -5.51 -17.13 9.83
N VAL D 130 -5.79 -18.11 10.67
CA VAL D 130 -6.62 -17.92 11.85
C VAL D 130 -5.73 -17.91 13.10
N GLY D 131 -5.99 -16.99 14.01
CA GLY D 131 -5.30 -16.97 15.27
C GLY D 131 -4.28 -15.87 15.45
N SER D 132 -4.39 -14.82 14.64
CA SER D 132 -3.43 -13.73 14.70
C SER D 132 -3.42 -13.04 16.05
N GLY D 133 -4.61 -12.80 16.61
CA GLY D 133 -4.72 -12.13 17.88
C GLY D 133 -4.18 -12.91 19.04
N SER D 134 -3.96 -14.20 18.85
CA SER D 134 -3.33 -15.00 19.88
C SER D 134 -1.86 -14.64 20.06
N LEU D 135 -1.30 -13.90 19.12
CA LEU D 135 0.07 -13.43 19.24
C LEU D 135 0.19 -12.19 20.10
N LEU D 136 -0.93 -11.71 20.64
CA LEU D 136 -0.95 -10.66 21.64
C LEU D 136 -0.84 -11.21 23.06
N ASP D 137 -0.37 -12.44 23.23
CA ASP D 137 -0.15 -13.05 24.54
C ASP D 137 1.25 -12.64 24.99
N VAL D 138 1.32 -11.59 25.81
CA VAL D 138 2.59 -11.02 26.23
C VAL D 138 2.93 -11.37 27.67
N HIS D 139 2.10 -12.15 28.34
CA HIS D 139 2.49 -12.83 29.56
C HIS D 139 3.21 -14.10 29.16
N GLY D 140 3.79 -14.81 30.12
CA GLY D 140 4.43 -16.06 29.81
C GLY D 140 5.94 -16.00 29.93
N PHE D 141 6.54 -17.17 29.80
CA PHE D 141 7.96 -17.35 30.10
C PHE D 141 8.82 -17.27 28.84
N ASN D 142 8.72 -16.14 28.16
CA ASN D 142 9.61 -15.85 27.05
C ASN D 142 10.64 -14.83 27.50
N LYS D 143 11.68 -14.67 26.71
CA LYS D 143 12.72 -13.70 27.01
C LYS D 143 12.09 -12.33 27.21
N PRO D 144 12.24 -11.71 28.38
CA PRO D 144 11.57 -10.44 28.64
C PRO D 144 12.17 -9.30 27.81
N THR D 145 11.40 -8.21 27.73
CA THR D 145 11.85 -7.05 26.97
C THR D 145 12.90 -6.27 27.73
N ASP D 146 12.80 -6.27 29.06
CA ASP D 146 13.81 -5.68 29.94
C ASP D 146 14.55 -6.84 30.58
N THR D 147 15.57 -7.34 29.90
CA THR D 147 16.16 -8.63 30.27
C THR D 147 17.17 -8.51 31.40
N VAL D 148 17.59 -7.30 31.75
CA VAL D 148 18.59 -7.16 32.81
C VAL D 148 17.95 -7.32 34.19
N ASN D 149 16.70 -6.89 34.34
CA ASN D 149 15.93 -7.12 35.55
C ASN D 149 14.86 -8.18 35.37
N THR D 150 14.73 -8.75 34.17
CA THR D 150 13.70 -9.74 33.83
C THR D 150 12.32 -9.19 34.19
N LYS D 151 11.97 -8.11 33.51
CA LYS D 151 10.67 -7.48 33.63
C LYS D 151 10.27 -6.94 32.27
N GLY D 152 9.06 -6.40 32.19
CA GLY D 152 8.58 -5.84 30.94
C GLY D 152 7.36 -6.58 30.43
N ILE D 153 7.50 -7.20 29.26
CA ILE D 153 6.52 -8.16 28.77
C ILE D 153 7.29 -9.35 28.21
N SER D 154 6.60 -10.47 28.09
CA SER D 154 7.12 -11.60 27.33
C SER D 154 7.15 -11.23 25.85
N THR D 155 8.34 -11.29 25.25
CA THR D 155 8.49 -10.89 23.85
C THR D 155 7.56 -11.74 22.97
N PRO D 156 6.83 -11.13 22.05
CA PRO D 156 5.94 -11.92 21.20
C PRO D 156 6.66 -12.58 20.03
N VAL D 157 5.90 -13.25 19.17
CA VAL D 157 6.50 -13.92 18.02
C VAL D 157 6.99 -12.88 17.03
N GLU D 158 8.22 -13.06 16.55
CA GLU D 158 8.84 -12.17 15.59
C GLU D 158 9.81 -12.97 14.73
N GLY D 159 10.20 -12.40 13.60
CA GLY D 159 11.27 -13.00 12.86
C GLY D 159 10.87 -13.26 11.43
N SER D 160 11.42 -14.32 10.87
CA SER D 160 11.10 -14.70 9.51
C SER D 160 9.70 -15.28 9.44
N GLN D 161 8.99 -14.97 8.36
CA GLN D 161 7.67 -15.50 8.09
C GLN D 161 7.60 -16.04 6.67
N TYR D 162 6.66 -16.95 6.47
CA TYR D 162 6.57 -17.68 5.21
C TYR D 162 5.13 -18.15 5.09
N HIS D 163 4.38 -17.59 4.14
CA HIS D 163 2.98 -17.90 3.95
C HIS D 163 2.76 -18.34 2.51
N VAL D 164 2.64 -19.65 2.30
CA VAL D 164 2.33 -20.20 1.00
C VAL D 164 1.06 -21.02 1.12
N PHE D 165 0.23 -21.01 0.09
CA PHE D 165 -0.90 -21.93 0.00
C PHE D 165 -1.17 -22.23 -1.46
N ALA D 166 -1.61 -23.45 -1.72
CA ALA D 166 -1.85 -23.92 -3.07
C ALA D 166 -3.19 -24.63 -3.13
N VAL D 167 -3.81 -24.62 -4.29
CA VAL D 167 -5.07 -25.31 -4.55
C VAL D 167 -4.98 -25.89 -5.94
N GLY D 168 -4.96 -27.21 -6.03
CA GLY D 168 -4.84 -27.85 -7.32
C GLY D 168 -5.71 -29.09 -7.39
N GLY D 169 -5.70 -29.70 -8.56
CA GLY D 169 -6.34 -30.97 -8.80
C GLY D 169 -5.43 -32.16 -8.71
N GLU D 170 -4.20 -31.96 -8.25
CA GLU D 170 -3.23 -33.02 -8.06
C GLU D 170 -2.18 -32.50 -7.07
N PRO D 171 -1.36 -33.40 -6.49
CA PRO D 171 -0.41 -32.94 -5.48
C PRO D 171 0.55 -31.89 -6.02
N LEU D 172 0.91 -30.95 -5.15
CA LEU D 172 1.79 -29.86 -5.54
C LEU D 172 3.20 -30.37 -5.85
N ASP D 173 3.75 -29.88 -6.95
CA ASP D 173 5.09 -30.24 -7.37
C ASP D 173 6.10 -29.37 -6.62
N LEU D 174 7.22 -29.95 -6.24
CA LEU D 174 8.21 -29.28 -5.43
C LEU D 174 9.56 -29.30 -6.12
N GLN D 175 10.40 -28.32 -5.77
CA GLN D 175 11.74 -28.19 -6.30
C GLN D 175 12.71 -28.02 -5.14
N GLY D 176 13.69 -28.92 -5.06
CA GLY D 176 14.65 -28.91 -3.98
C GLY D 176 15.67 -27.81 -4.11
N LEU D 177 15.94 -27.11 -3.01
CA LEU D 177 16.88 -26.00 -3.01
C LEU D 177 17.23 -25.73 -1.56
N VAL D 178 18.52 -25.66 -1.24
CA VAL D 178 18.95 -25.54 0.14
C VAL D 178 20.06 -24.50 0.25
N THR D 179 20.31 -24.08 1.49
CA THR D 179 21.54 -23.43 1.88
C THR D 179 22.57 -24.55 1.93
N ASP D 180 23.61 -24.45 2.75
CA ASP D 180 24.67 -25.45 2.73
C ASP D 180 24.17 -26.86 2.41
N ALA D 181 24.74 -27.47 1.38
CA ALA D 181 24.36 -28.79 0.89
C ALA D 181 25.08 -29.90 1.62
N ARG D 182 25.78 -29.58 2.70
CA ARG D 182 26.44 -30.55 3.54
C ARG D 182 25.65 -30.87 4.79
N THR D 183 24.42 -30.38 4.89
CA THR D 183 23.58 -30.62 6.05
C THR D 183 23.22 -32.11 6.14
N LYS D 184 23.29 -32.63 7.35
CA LYS D 184 23.00 -34.04 7.62
C LYS D 184 21.56 -34.14 8.12
N TYR D 185 20.62 -34.10 7.20
CA TYR D 185 19.23 -34.33 7.57
C TYR D 185 19.02 -35.80 7.89
N LYS D 186 18.13 -36.05 8.84
CA LYS D 186 17.88 -37.41 9.29
C LYS D 186 17.32 -38.26 8.15
N GLU D 187 17.80 -39.49 8.04
CA GLU D 187 17.43 -40.35 6.93
C GLU D 187 16.11 -41.06 7.14
N GLU D 188 15.39 -40.75 8.21
CA GLU D 188 14.06 -41.31 8.44
C GLU D 188 13.21 -40.27 9.15
N GLY D 189 11.92 -40.25 8.84
CA GLY D 189 11.02 -39.30 9.42
C GLY D 189 10.90 -37.99 8.68
N VAL D 190 11.72 -37.77 7.66
CA VAL D 190 11.71 -36.54 6.87
C VAL D 190 12.06 -36.90 5.44
N VAL D 191 11.59 -36.09 4.51
CA VAL D 191 11.90 -36.27 3.09
C VAL D 191 12.93 -35.22 2.71
N THR D 192 14.12 -35.68 2.39
CA THR D 192 15.27 -34.89 1.99
C THR D 192 15.40 -34.97 0.48
N ILE D 193 16.34 -34.22 -0.08
CA ILE D 193 16.70 -34.44 -1.49
C ILE D 193 17.38 -35.79 -1.66
N LYS D 194 18.05 -36.27 -0.60
CA LYS D 194 18.69 -37.59 -0.66
C LYS D 194 17.66 -38.71 -0.64
N THR D 195 16.51 -38.50 -0.02
CA THR D 195 15.44 -39.49 -0.07
C THR D 195 14.92 -39.65 -1.49
N ILE D 196 14.86 -38.56 -2.25
CA ILE D 196 14.31 -38.57 -3.61
C ILE D 196 15.39 -39.05 -4.58
N THR D 197 16.54 -38.38 -4.57
CA THR D 197 17.70 -38.84 -5.32
C THR D 197 18.60 -39.59 -4.34
N LYS D 198 18.74 -40.89 -4.53
CA LYS D 198 19.34 -41.76 -3.52
C LYS D 198 20.80 -41.44 -3.22
N LYS D 199 21.35 -40.40 -3.85
CA LYS D 199 22.70 -39.95 -3.60
C LYS D 199 22.71 -38.74 -2.68
N ASP D 200 23.90 -38.37 -2.22
CA ASP D 200 24.03 -37.20 -1.36
C ASP D 200 23.81 -35.93 -2.16
N MET D 201 23.54 -34.84 -1.44
CA MET D 201 23.37 -33.54 -2.07
C MET D 201 24.67 -33.10 -2.71
N VAL D 202 24.54 -32.38 -3.82
CA VAL D 202 25.69 -31.86 -4.55
C VAL D 202 25.67 -30.36 -4.45
N ASN D 203 26.68 -29.69 -5.02
CA ASN D 203 26.71 -28.24 -4.94
C ASN D 203 25.64 -27.60 -5.82
N LYS D 204 25.17 -28.31 -6.83
CA LYS D 204 24.10 -27.80 -7.68
C LYS D 204 22.76 -27.76 -6.96
N ASP D 205 22.65 -28.41 -5.81
CA ASP D 205 21.44 -28.37 -5.01
C ASP D 205 21.35 -27.12 -4.15
N GLN D 206 22.36 -26.27 -4.20
CA GLN D 206 22.29 -24.97 -3.58
C GLN D 206 21.83 -23.87 -4.53
N VAL D 207 21.69 -24.17 -5.83
CA VAL D 207 21.15 -23.17 -6.73
C VAL D 207 19.84 -23.63 -7.34
N LEU D 208 19.89 -24.55 -8.29
CA LEU D 208 18.69 -25.13 -8.87
C LEU D 208 19.07 -26.37 -9.67
N ASN D 209 18.63 -27.52 -9.21
CA ASN D 209 18.89 -28.78 -9.89
C ASN D 209 17.57 -29.27 -10.44
N PRO D 210 17.45 -29.48 -11.74
CA PRO D 210 16.21 -30.03 -12.29
C PRO D 210 15.98 -31.46 -11.84
N ILE D 211 17.02 -32.07 -11.25
CA ILE D 211 16.93 -33.42 -10.75
C ILE D 211 16.23 -33.48 -9.39
N SER D 212 16.34 -32.41 -8.60
CA SER D 212 15.79 -32.36 -7.25
C SER D 212 14.31 -31.96 -7.30
N LYS D 213 13.48 -32.91 -7.67
CA LYS D 213 12.05 -32.69 -7.78
C LYS D 213 11.28 -33.70 -6.95
N ALA D 214 10.08 -33.31 -6.53
CA ALA D 214 9.24 -34.15 -5.69
C ALA D 214 7.80 -33.73 -5.83
N LYS D 215 6.93 -34.44 -5.13
CA LYS D 215 5.51 -34.13 -5.04
C LYS D 215 5.14 -33.98 -3.57
N LEU D 216 4.40 -32.94 -3.24
CA LEU D 216 3.94 -32.75 -1.86
C LEU D 216 2.79 -33.73 -1.64
N ASP D 217 3.14 -34.92 -1.19
CA ASP D 217 2.17 -36.00 -1.15
C ASP D 217 1.94 -36.57 0.23
N LYS D 218 2.91 -36.54 1.14
CA LYS D 218 2.61 -37.29 2.35
C LYS D 218 1.83 -36.46 3.37
N ASP D 219 2.53 -35.71 4.21
CA ASP D 219 2.10 -34.48 4.90
C ASP D 219 3.07 -34.30 6.05
N GLY D 220 3.28 -33.09 6.55
CA GLY D 220 4.16 -32.88 7.67
C GLY D 220 5.49 -33.62 7.55
N MET D 221 5.94 -33.83 6.32
CA MET D 221 7.13 -34.61 6.04
C MET D 221 8.15 -33.91 5.16
N TYR D 222 7.73 -32.99 4.28
CA TYR D 222 8.64 -32.28 3.39
C TYR D 222 9.02 -30.97 4.02
N PRO D 223 10.25 -30.78 4.49
CA PRO D 223 10.61 -29.52 5.15
C PRO D 223 10.52 -28.34 4.20
N VAL D 224 10.02 -27.24 4.73
CA VAL D 224 9.70 -26.07 3.91
C VAL D 224 10.97 -25.36 3.46
N GLU D 225 12.09 -25.61 4.14
CA GLU D 225 13.38 -25.06 3.77
C GLU D 225 14.15 -25.91 2.77
N ILE D 226 13.59 -27.03 2.33
CA ILE D 226 14.18 -27.87 1.29
C ILE D 226 13.32 -27.86 0.03
N TRP D 227 12.02 -27.80 0.20
CA TRP D 227 11.07 -28.03 -0.88
C TRP D 227 10.25 -26.77 -1.10
N HIS D 228 10.24 -26.29 -2.32
CA HIS D 228 9.63 -25.06 -2.76
C HIS D 228 8.71 -25.34 -3.93
N PRO D 229 7.61 -24.62 -4.07
CA PRO D 229 6.70 -24.90 -5.19
C PRO D 229 7.41 -24.69 -6.52
N ASP D 230 7.42 -25.73 -7.31
CA ASP D 230 8.18 -25.83 -8.55
C ASP D 230 7.38 -25.26 -9.70
N PRO D 231 7.92 -24.28 -10.43
CA PRO D 231 7.26 -23.82 -11.65
C PRO D 231 7.57 -24.72 -12.85
N ALA D 232 6.78 -25.79 -12.94
CA ALA D 232 6.89 -26.80 -13.97
C ALA D 232 6.44 -26.24 -15.32
N LYS D 233 6.65 -27.03 -16.38
CA LYS D 233 6.28 -26.56 -17.71
C LYS D 233 4.79 -26.24 -17.74
N ASN D 234 3.96 -27.26 -17.56
CA ASN D 234 2.50 -27.13 -17.54
C ASN D 234 2.02 -27.56 -16.15
N GLU D 235 0.99 -26.88 -15.63
CA GLU D 235 0.59 -27.04 -14.23
C GLU D 235 -0.92 -26.95 -14.04
N ASN D 236 -1.39 -27.58 -12.97
CA ASN D 236 -2.78 -27.77 -12.60
C ASN D 236 -3.02 -27.29 -11.17
N THR D 237 -2.14 -26.43 -10.67
CA THR D 237 -2.15 -25.98 -9.29
C THR D 237 -1.86 -24.49 -9.27
N ARG D 238 -2.60 -23.75 -8.45
CA ARG D 238 -2.35 -22.32 -8.24
C ARG D 238 -1.79 -22.12 -6.84
N TYR D 239 -0.54 -21.71 -6.75
CA TYR D 239 0.09 -21.45 -5.47
C TYR D 239 0.38 -19.97 -5.32
N PHE D 240 0.23 -19.46 -4.11
CA PHE D 240 0.51 -18.07 -3.77
C PHE D 240 1.33 -18.03 -2.49
N GLY D 241 2.58 -17.63 -2.60
CA GLY D 241 3.42 -17.55 -1.42
C GLY D 241 4.07 -16.19 -1.29
N ASN D 242 4.59 -15.93 -0.10
CA ASN D 242 5.38 -14.73 0.13
C ASN D 242 6.25 -14.92 1.37
N TYR D 243 7.43 -14.32 1.33
CA TYR D 243 8.46 -14.52 2.33
C TYR D 243 8.89 -13.18 2.91
N THR D 244 9.07 -13.16 4.22
CA THR D 244 9.59 -11.97 4.91
C THR D 244 10.71 -12.44 5.84
N GLY D 245 11.90 -11.93 5.63
CA GLY D 245 13.07 -12.38 6.37
C GLY D 245 13.28 -11.62 7.66
N GLY D 246 14.48 -11.77 8.22
CA GLY D 246 14.87 -11.01 9.38
C GLY D 246 14.85 -11.85 10.65
N THR D 247 15.25 -11.19 11.74
CA THR D 247 15.27 -11.80 13.07
C THR D 247 14.28 -11.19 14.03
N THR D 248 13.87 -9.94 13.82
CA THR D 248 12.92 -9.27 14.70
C THR D 248 11.80 -8.60 13.90
N THR D 249 11.56 -9.07 12.68
CA THR D 249 10.54 -8.45 11.85
C THR D 249 9.16 -8.62 12.47
N PRO D 250 8.36 -7.57 12.58
CA PRO D 250 7.02 -7.70 13.12
C PRO D 250 6.14 -8.55 12.21
N PRO D 251 5.41 -9.53 12.77
CA PRO D 251 4.42 -10.22 11.96
C PRO D 251 3.28 -9.30 11.55
N VAL D 252 2.85 -9.44 10.31
CA VAL D 252 1.73 -8.69 9.77
C VAL D 252 0.75 -9.69 9.18
N LEU D 253 -0.53 -9.54 9.50
CA LEU D 253 -1.55 -10.41 8.96
C LEU D 253 -2.86 -9.65 8.89
N GLN D 254 -3.54 -9.79 7.75
CA GLN D 254 -4.83 -9.18 7.54
C GLN D 254 -5.85 -10.27 7.29
N PHE D 255 -6.93 -10.25 8.04
CA PHE D 255 -7.98 -11.23 7.90
C PHE D 255 -9.30 -10.54 7.61
N THR D 256 -10.13 -11.22 6.85
CA THR D 256 -11.46 -10.76 6.47
C THR D 256 -12.18 -11.96 5.90
N ASN D 257 -13.50 -11.88 5.82
CA ASN D 257 -14.28 -12.92 5.18
C ASN D 257 -14.90 -12.44 3.86
N THR D 258 -14.32 -11.40 3.26
CA THR D 258 -14.98 -10.61 2.24
C THR D 258 -14.29 -10.65 0.90
N LEU D 259 -13.08 -11.21 0.79
CA LEU D 259 -12.41 -11.25 -0.51
C LEU D 259 -12.02 -12.67 -0.90
N THR D 260 -12.13 -12.93 -2.20
CA THR D 260 -11.93 -14.22 -2.83
C THR D 260 -10.74 -14.15 -3.78
N THR D 261 -10.21 -15.31 -4.13
CA THR D 261 -9.15 -15.45 -5.12
C THR D 261 -9.66 -16.32 -6.24
N VAL D 262 -9.57 -15.82 -7.46
CA VAL D 262 -10.03 -16.57 -8.63
C VAL D 262 -8.94 -17.54 -9.05
N LEU D 263 -9.31 -18.80 -9.21
CA LEU D 263 -8.36 -19.84 -9.58
C LEU D 263 -8.38 -20.13 -11.07
N LEU D 264 -9.11 -19.36 -11.84
CA LEU D 264 -9.16 -19.54 -13.28
C LEU D 264 -7.90 -18.99 -13.93
N ASP D 265 -7.45 -19.68 -14.98
CA ASP D 265 -6.26 -19.30 -15.71
C ASP D 265 -6.64 -18.41 -16.89
N GLU D 266 -5.70 -18.23 -17.82
CA GLU D 266 -5.91 -17.42 -19.01
C GLU D 266 -7.08 -17.91 -19.86
N ASN D 267 -7.21 -19.23 -20.06
CA ASN D 267 -8.32 -19.81 -20.79
C ASN D 267 -9.57 -19.91 -19.95
N GLY D 268 -9.49 -19.61 -18.65
CA GLY D 268 -10.64 -19.62 -17.78
C GLY D 268 -11.03 -21.01 -17.35
N VAL D 269 -10.08 -21.83 -16.91
CA VAL D 269 -10.34 -23.19 -16.53
C VAL D 269 -10.15 -23.42 -15.02
N GLY D 270 -8.96 -23.21 -14.50
CA GLY D 270 -8.77 -23.47 -13.09
C GLY D 270 -8.61 -24.94 -12.80
N PRO D 271 -8.15 -25.26 -11.60
CA PRO D 271 -7.63 -26.60 -11.32
C PRO D 271 -8.65 -27.74 -11.48
N LEU D 272 -8.44 -28.57 -12.49
CA LEU D 272 -9.27 -29.74 -12.71
C LEU D 272 -8.81 -30.89 -11.84
N CYS D 273 -9.76 -31.54 -11.17
CA CYS D 273 -9.43 -32.50 -10.13
C CYS D 273 -9.10 -33.85 -10.76
N LYS D 274 -7.80 -34.11 -10.92
CA LYS D 274 -7.32 -35.37 -11.45
C LYS D 274 -7.65 -36.51 -10.51
N GLY D 275 -7.89 -37.68 -11.09
CA GLY D 275 -8.52 -38.73 -10.32
C GLY D 275 -9.88 -38.19 -9.96
N GLU D 276 -10.12 -37.94 -8.68
CA GLU D 276 -11.26 -37.13 -8.26
C GLU D 276 -10.93 -36.23 -7.08
N GLY D 277 -9.65 -35.97 -6.80
CA GLY D 277 -9.26 -35.35 -5.54
C GLY D 277 -8.89 -33.89 -5.68
N LEU D 278 -9.10 -33.16 -4.59
CA LEU D 278 -8.80 -31.73 -4.50
C LEU D 278 -7.74 -31.54 -3.44
N TYR D 279 -6.56 -31.08 -3.84
CA TYR D 279 -5.38 -31.03 -3.00
C TYR D 279 -5.18 -29.63 -2.44
N LEU D 280 -5.10 -29.52 -1.12
CA LEU D 280 -4.83 -28.27 -0.44
C LEU D 280 -3.49 -28.37 0.27
N SER D 281 -2.66 -27.34 0.14
CA SER D 281 -1.36 -27.32 0.77
C SER D 281 -1.10 -25.92 1.31
N CYS D 282 -0.46 -25.84 2.46
CA CYS D 282 -0.15 -24.54 3.03
C CYS D 282 1.06 -24.65 3.94
N VAL D 283 1.64 -23.50 4.25
CA VAL D 283 2.58 -23.34 5.35
C VAL D 283 2.49 -21.89 5.80
N ASP D 284 2.28 -21.66 7.09
CA ASP D 284 2.12 -20.30 7.61
C ASP D 284 3.03 -20.14 8.83
N ILE D 285 4.23 -19.69 8.58
CA ILE D 285 5.19 -19.42 9.64
C ILE D 285 5.05 -17.96 10.06
N MET D 286 5.05 -17.72 11.37
CA MET D 286 4.87 -16.37 11.89
C MET D 286 6.13 -15.77 12.46
N GLY D 287 7.05 -16.60 12.91
CA GLY D 287 8.29 -16.15 13.49
C GLY D 287 8.71 -17.10 14.58
N TRP D 288 9.43 -16.58 15.55
CA TRP D 288 9.93 -17.37 16.65
C TRP D 288 9.47 -16.79 17.96
N ARG D 289 9.41 -17.63 18.98
CA ARG D 289 9.46 -17.18 20.36
C ARG D 289 10.79 -17.62 20.94
N VAL D 290 11.31 -16.79 21.84
CA VAL D 290 12.60 -17.02 22.50
C VAL D 290 12.32 -17.32 23.96
N THR D 291 13.04 -18.29 24.51
CA THR D 291 12.80 -18.72 25.89
C THR D 291 13.73 -18.02 26.86
N ARG D 292 13.38 -18.12 28.14
CA ARG D 292 14.11 -17.46 29.22
C ARG D 292 15.24 -18.35 29.71
N ASN D 293 16.10 -18.72 28.75
CA ASN D 293 17.17 -19.68 28.92
C ASN D 293 18.21 -19.37 27.87
N TYR D 294 19.09 -20.32 27.56
CA TYR D 294 19.76 -20.26 26.28
C TYR D 294 18.69 -20.00 25.22
N ASP D 295 18.95 -19.03 24.36
CA ASP D 295 17.87 -18.46 23.57
C ASP D 295 17.33 -19.40 22.50
N VAL D 296 16.71 -20.51 22.91
CA VAL D 296 16.16 -21.41 21.90
C VAL D 296 14.91 -20.76 21.31
N HIS D 297 14.64 -21.09 20.05
CA HIS D 297 13.88 -20.25 19.13
C HIS D 297 12.76 -21.02 18.45
N HIS D 298 11.87 -21.62 19.22
CA HIS D 298 10.71 -22.31 18.67
C HIS D 298 10.01 -21.49 17.58
N TRP D 299 9.69 -22.15 16.47
CA TRP D 299 8.85 -21.54 15.44
C TRP D 299 7.40 -21.51 15.88
N ARG D 300 6.63 -20.61 15.27
CA ARG D 300 5.18 -20.59 15.45
C ARG D 300 4.51 -20.65 14.09
N GLY D 301 3.50 -21.48 13.97
CA GLY D 301 2.68 -21.49 12.78
C GLY D 301 1.20 -21.45 13.13
N LEU D 302 0.43 -20.83 12.26
CA LEU D 302 -1.00 -20.74 12.51
C LEU D 302 -1.78 -21.52 11.47
N PRO D 303 -2.99 -21.95 11.78
CA PRO D 303 -3.78 -22.73 10.82
C PRO D 303 -4.34 -21.87 9.70
N ARG D 304 -4.62 -22.51 8.58
CA ARG D 304 -5.20 -21.85 7.43
C ARG D 304 -6.56 -22.44 7.12
N TYR D 305 -7.53 -21.58 6.85
CA TYR D 305 -8.88 -21.98 6.51
C TYR D 305 -9.08 -21.84 5.00
N PHE D 306 -9.71 -22.84 4.39
CA PHE D 306 -9.96 -22.86 2.95
C PHE D 306 -11.45 -22.88 2.69
N LYS D 307 -11.88 -22.14 1.68
CA LYS D 307 -13.24 -22.27 1.16
C LYS D 307 -13.17 -22.34 -0.36
N ILE D 308 -13.15 -23.56 -0.89
CA ILE D 308 -13.02 -23.79 -2.32
C ILE D 308 -14.41 -23.90 -2.92
N THR D 309 -14.64 -23.19 -4.01
CA THR D 309 -15.87 -23.27 -4.78
C THR D 309 -15.58 -24.11 -6.01
N LEU D 310 -16.37 -25.15 -6.22
CA LEU D 310 -16.16 -26.07 -7.32
C LEU D 310 -17.40 -26.10 -8.20
N ARG D 311 -17.17 -26.44 -9.47
CA ARG D 311 -18.24 -26.68 -10.41
C ARG D 311 -17.86 -27.88 -11.24
N LYS D 312 -18.78 -28.33 -12.09
CA LYS D 312 -18.54 -29.45 -12.99
C LYS D 312 -18.25 -28.92 -14.38
N ARG D 313 -17.24 -29.48 -15.02
CA ARG D 313 -16.86 -29.08 -16.36
C ARG D 313 -16.90 -30.27 -17.30
N TRP D 314 -17.42 -30.04 -18.50
CA TRP D 314 -17.35 -31.01 -19.57
C TRP D 314 -15.98 -30.90 -20.23
N VAL D 315 -15.20 -31.97 -20.14
CA VAL D 315 -13.88 -32.03 -20.77
C VAL D 315 -13.91 -33.13 -21.81
N LYS D 316 -12.87 -33.15 -22.64
CA LYS D 316 -12.77 -34.13 -23.71
C LYS D 316 -11.77 -35.21 -23.31
N ASN D 317 -12.16 -36.45 -23.42
CA ASN D 317 -11.25 -37.56 -23.13
C ASN D 317 -10.12 -37.56 -24.14
N PRO D 318 -8.87 -37.41 -23.73
CA PRO D 318 -7.76 -37.31 -24.68
C PRO D 318 -7.14 -38.64 -25.08
N TYR D 319 -7.61 -39.76 -24.53
CA TYR D 319 -6.97 -41.05 -24.74
C TYR D 319 -7.94 -42.03 -25.37
N PRO D 320 -7.44 -42.96 -26.18
CA PRO D 320 -8.32 -43.99 -26.74
C PRO D 320 -8.83 -44.93 -25.67
N MET D 321 -10.03 -45.45 -25.87
CA MET D 321 -10.64 -46.32 -24.87
C MET D 321 -9.90 -47.65 -24.77
N ALA D 322 -9.37 -48.12 -25.89
CA ALA D 322 -8.58 -49.36 -25.86
C ALA D 322 -7.31 -49.18 -25.04
N SER D 323 -6.69 -48.01 -25.13
CA SER D 323 -5.49 -47.73 -24.35
C SER D 323 -5.79 -47.69 -22.86
N LEU D 324 -6.92 -47.06 -22.50
CA LEU D 324 -7.36 -47.04 -21.11
C LEU D 324 -7.70 -48.42 -20.59
N ILE D 325 -8.28 -49.28 -21.42
CA ILE D 325 -8.58 -50.64 -21.00
C ILE D 325 -7.30 -51.44 -20.80
N SER D 326 -6.35 -51.28 -21.73
CA SER D 326 -5.05 -51.94 -21.60
C SER D 326 -4.35 -51.51 -20.32
N SER D 327 -4.40 -50.21 -20.01
CA SER D 327 -3.77 -49.71 -18.80
C SER D 327 -4.48 -50.25 -17.56
N LEU D 328 -5.81 -50.29 -17.58
CA LEU D 328 -6.54 -50.85 -16.46
C LEU D 328 -6.11 -52.27 -16.17
N PHE D 329 -5.98 -53.08 -17.23
CA PHE D 329 -5.60 -54.48 -17.04
C PHE D 329 -4.14 -54.61 -16.62
N ASN D 330 -3.27 -53.74 -17.14
CA ASN D 330 -1.87 -53.79 -16.77
C ASN D 330 -1.65 -53.39 -15.32
N ASN D 331 -2.54 -52.56 -14.78
CA ASN D 331 -2.44 -52.18 -13.38
C ASN D 331 -3.16 -53.15 -12.47
N MET D 332 -4.20 -53.81 -12.98
CA MET D 332 -4.95 -54.81 -12.22
C MET D 332 -4.10 -56.04 -11.93
N LEU D 333 -3.39 -56.54 -12.93
CA LEU D 333 -2.67 -57.80 -12.84
C LEU D 333 -1.26 -57.58 -12.30
N PRO D 334 -0.77 -58.55 -11.50
CA PRO D 334 0.56 -58.46 -10.91
C PRO D 334 1.67 -58.75 -11.90
N GLN D 335 2.75 -57.98 -11.86
CA GLN D 335 3.88 -58.18 -12.76
C GLN D 335 4.55 -59.51 -12.45
N VAL D 336 4.31 -60.52 -13.29
CA VAL D 336 4.89 -61.84 -13.07
C VAL D 336 6.24 -62.05 -13.73
N GLN D 337 7.08 -62.84 -13.07
CA GLN D 337 8.41 -63.15 -13.59
C GLN D 337 8.27 -64.14 -14.74
N GLY D 338 8.15 -65.42 -14.42
CA GLY D 338 7.99 -66.42 -15.46
C GLY D 338 9.14 -66.90 -16.27
N GLN D 339 8.99 -68.01 -16.97
CA GLN D 339 10.05 -68.59 -17.76
C GLN D 339 10.15 -67.85 -19.10
N PRO D 340 11.35 -67.76 -19.67
CA PRO D 340 11.55 -66.85 -20.81
C PRO D 340 10.78 -67.24 -22.06
N MET D 341 9.83 -66.41 -22.48
CA MET D 341 9.09 -66.60 -23.71
C MET D 341 9.42 -65.54 -24.76
N GLU D 342 10.41 -64.70 -24.47
CA GLU D 342 10.85 -63.70 -25.43
C GLU D 342 12.34 -63.44 -25.22
N GLY D 343 13.02 -63.15 -26.31
CA GLY D 343 14.45 -62.92 -26.25
C GLY D 343 15.25 -63.94 -27.04
N GLU D 344 16.32 -64.45 -26.43
CA GLU D 344 17.20 -65.37 -27.13
C GLU D 344 17.08 -66.79 -26.57
N ASN D 345 16.77 -66.92 -25.28
CA ASN D 345 16.54 -68.21 -24.65
C ASN D 345 15.05 -68.51 -24.57
N THR D 346 14.30 -68.08 -25.59
CA THR D 346 12.85 -68.29 -25.62
C THR D 346 12.51 -69.75 -25.49
N GLN D 347 11.36 -70.02 -24.88
CA GLN D 347 10.87 -71.38 -24.78
C GLN D 347 9.70 -71.65 -25.73
N VAL D 348 9.22 -70.64 -26.43
CA VAL D 348 8.23 -70.84 -27.49
C VAL D 348 8.96 -71.39 -28.71
N GLU D 349 8.40 -72.45 -29.31
CA GLU D 349 9.08 -73.19 -30.37
C GLU D 349 8.64 -72.75 -31.76
N GLU D 350 7.34 -72.78 -32.03
CA GLU D 350 6.81 -72.34 -33.32
C GLU D 350 5.53 -71.56 -33.11
N VAL D 351 5.25 -70.65 -34.04
CA VAL D 351 4.01 -69.90 -34.07
C VAL D 351 3.51 -69.89 -35.51
N ARG D 352 2.30 -70.39 -35.73
CA ARG D 352 1.71 -70.52 -37.05
C ARG D 352 0.42 -69.73 -37.11
N VAL D 353 0.11 -69.19 -38.29
CA VAL D 353 -1.08 -68.38 -38.51
C VAL D 353 -1.82 -68.98 -39.69
N TYR D 354 -3.12 -69.24 -39.51
CA TYR D 354 -3.99 -69.74 -40.56
C TYR D 354 -5.15 -68.76 -40.79
N ASP D 355 -5.60 -68.70 -42.03
CA ASP D 355 -6.80 -67.92 -42.27
C ASP D 355 -7.87 -68.70 -43.01
N GLY D 356 -7.50 -69.53 -43.97
CA GLY D 356 -8.48 -70.29 -44.74
C GLY D 356 -8.00 -70.73 -46.10
N ALA E 18 -38.16 32.76 -15.79
CA ALA E 18 -37.99 31.55 -14.99
C ALA E 18 -36.61 31.51 -14.34
N CYS E 19 -36.56 31.41 -13.02
CA CYS E 19 -35.27 31.34 -12.33
C CYS E 19 -34.77 29.90 -12.21
N PRO E 20 -33.48 29.72 -11.92
CA PRO E 20 -32.82 28.42 -11.79
C PRO E 20 -33.35 27.54 -10.66
N ARG E 21 -33.41 26.23 -10.91
CA ARG E 21 -33.88 25.27 -9.92
C ARG E 21 -32.68 24.53 -9.34
N PRO E 22 -32.83 23.95 -8.14
CA PRO E 22 -31.74 23.23 -7.47
C PRO E 22 -31.60 21.81 -8.00
N ALA E 23 -30.65 21.09 -7.41
CA ALA E 23 -30.38 19.72 -7.82
C ALA E 23 -31.06 18.73 -6.88
N PRO E 24 -31.36 17.53 -7.37
CA PRO E 24 -32.08 16.55 -6.53
C PRO E 24 -31.20 15.88 -5.48
N VAL E 25 -31.03 16.53 -4.33
CA VAL E 25 -30.33 15.93 -3.20
C VAL E 25 -31.32 15.02 -2.49
N PRO E 26 -30.89 13.90 -1.90
CA PRO E 26 -31.83 13.07 -1.13
C PRO E 26 -32.49 13.85 -0.01
N LYS E 27 -33.76 13.56 0.23
CA LYS E 27 -34.59 14.35 1.14
C LYS E 27 -34.57 13.74 2.53
N LEU E 28 -34.17 14.54 3.51
CA LEU E 28 -34.11 14.10 4.89
C LEU E 28 -35.50 14.18 5.49
N LEU E 29 -36.03 13.05 5.96
CA LEU E 29 -37.36 13.02 6.53
C LEU E 29 -37.36 13.48 7.97
N ILE E 30 -36.45 12.95 8.78
CA ILE E 30 -36.34 13.34 10.18
C ILE E 30 -34.98 12.87 10.68
N LYS E 31 -34.39 13.67 11.55
CA LYS E 31 -33.14 13.33 12.20
C LYS E 31 -33.34 13.41 13.71
N GLY E 32 -32.65 12.55 14.44
CA GLY E 32 -32.80 12.53 15.88
C GLY E 32 -32.03 11.41 16.54
N GLY E 33 -32.70 10.65 17.39
CA GLY E 33 -32.12 9.50 18.02
C GLY E 33 -32.80 8.21 17.60
N MET E 34 -32.72 7.21 18.47
CA MET E 34 -33.42 5.96 18.20
C MET E 34 -34.93 6.13 18.28
N GLU E 35 -35.40 7.17 18.98
CA GLU E 35 -36.78 7.62 18.92
C GLU E 35 -37.29 7.74 17.48
N VAL E 36 -36.43 8.18 16.56
CA VAL E 36 -36.82 8.49 15.19
C VAL E 36 -37.14 7.24 14.41
N LEU E 37 -36.63 6.09 14.85
CA LEU E 37 -36.88 4.83 14.18
C LEU E 37 -38.29 4.32 14.41
N ASP E 38 -39.02 4.88 15.38
CA ASP E 38 -40.38 4.43 15.66
C ASP E 38 -41.34 4.87 14.57
N LEU E 39 -41.29 6.16 14.19
CA LEU E 39 -42.20 6.70 13.19
C LEU E 39 -42.16 5.88 11.91
N VAL E 40 -43.32 5.39 11.48
CA VAL E 40 -43.42 4.59 10.27
C VAL E 40 -43.05 5.46 9.07
N THR E 41 -42.01 5.05 8.35
CA THR E 41 -41.37 5.91 7.37
C THR E 41 -41.73 5.57 5.93
N GLY E 42 -41.86 4.29 5.61
CA GLY E 42 -42.16 3.90 4.25
C GLY E 42 -41.36 2.69 3.81
N PRO E 43 -41.65 2.19 2.61
CA PRO E 43 -41.01 0.95 2.16
C PRO E 43 -39.58 1.14 1.67
N ASP E 44 -39.31 2.27 1.01
CA ASP E 44 -38.03 2.48 0.36
C ASP E 44 -37.28 3.63 1.02
N SER E 45 -37.30 3.67 2.35
CA SER E 45 -36.55 4.68 3.08
C SER E 45 -35.22 4.11 3.56
N VAL E 46 -34.26 5.01 3.74
CA VAL E 46 -32.91 4.65 4.14
C VAL E 46 -32.62 5.28 5.49
N THR E 47 -31.99 4.51 6.38
CA THR E 47 -31.63 4.96 7.72
C THR E 47 -30.12 4.97 7.86
N GLU E 48 -29.60 6.01 8.47
CA GLU E 48 -28.18 6.12 8.81
C GLU E 48 -28.05 6.23 10.32
N ILE E 49 -27.55 5.18 10.95
CA ILE E 49 -27.38 5.15 12.40
C ILE E 49 -25.90 5.31 12.68
N GLU E 50 -25.58 6.22 13.58
CA GLU E 50 -24.21 6.42 14.01
C GLU E 50 -24.06 6.14 15.48
N ALA E 51 -22.96 5.48 15.81
CA ALA E 51 -22.72 4.99 17.16
C ALA E 51 -21.22 4.92 17.34
N PHE E 52 -20.82 4.50 18.53
CA PHE E 52 -19.41 4.30 18.80
C PHE E 52 -19.25 3.23 19.85
N LEU E 53 -18.08 2.60 19.86
CA LEU E 53 -17.72 1.58 20.83
C LEU E 53 -16.43 2.00 21.49
N ASN E 54 -16.39 1.95 22.81
CA ASN E 54 -15.22 2.32 23.59
C ASN E 54 -14.28 1.13 23.77
N PRO E 55 -12.98 1.39 23.93
CA PRO E 55 -12.03 0.29 24.11
C PRO E 55 -12.18 -0.34 25.48
N ARG E 56 -12.73 -1.53 25.52
CA ARG E 56 -12.93 -2.24 26.78
C ARG E 56 -11.82 -3.26 26.90
N MET E 57 -10.66 -2.81 27.39
CA MET E 57 -9.47 -3.66 27.49
C MET E 57 -8.83 -3.60 28.88
N GLY E 58 -9.36 -4.38 29.81
CA GLY E 58 -8.79 -4.41 31.13
C GLY E 58 -9.56 -3.59 32.15
N GLN E 59 -9.05 -2.42 32.47
CA GLN E 59 -9.69 -1.58 33.49
C GLN E 59 -11.10 -1.19 33.05
N PRO E 60 -12.13 -1.60 33.78
CA PRO E 60 -13.50 -1.29 33.39
C PRO E 60 -13.81 0.19 33.56
N PRO E 61 -14.97 0.65 33.10
CA PRO E 61 -15.33 2.06 33.27
C PRO E 61 -15.84 2.43 34.65
N THR E 62 -15.98 1.48 35.56
CA THR E 62 -16.88 1.67 36.70
C THR E 62 -16.32 2.53 37.83
N PRO E 63 -15.04 2.40 38.25
CA PRO E 63 -14.53 3.34 39.27
C PRO E 63 -14.17 4.68 38.65
N GLU E 64 -15.16 5.56 38.50
CA GLU E 64 -14.99 6.76 37.70
C GLU E 64 -13.96 7.73 38.26
N SER E 65 -13.51 7.52 39.49
CA SER E 65 -12.60 8.47 40.12
C SER E 65 -11.19 8.32 39.57
N LEU E 66 -10.52 9.45 39.37
CA LEU E 66 -9.19 9.49 38.76
C LEU E 66 -8.09 9.20 39.77
N THR E 67 -8.48 8.74 40.96
CA THR E 67 -7.50 8.42 41.99
C THR E 67 -7.61 6.99 42.50
N GLU E 68 -8.81 6.41 42.51
CA GLU E 68 -8.97 5.03 42.94
C GLU E 68 -8.43 4.05 41.92
N GLY E 69 -9.01 4.02 40.72
CA GLY E 69 -8.44 3.21 39.67
C GLY E 69 -7.27 3.84 38.95
N GLY E 70 -6.81 5.03 39.37
CA GLY E 70 -5.78 5.78 38.68
C GLY E 70 -6.25 6.21 37.30
N GLN E 71 -7.44 5.73 36.96
CA GLN E 71 -8.04 5.76 35.64
C GLN E 71 -7.07 5.37 34.53
N TYR E 72 -6.71 4.10 34.57
CA TYR E 72 -6.31 3.36 33.39
C TYR E 72 -7.48 3.03 32.50
N TYR E 73 -8.64 3.65 32.69
CA TYR E 73 -9.73 3.49 31.76
C TYR E 73 -9.31 3.97 30.38
N GLY E 74 -9.58 3.18 29.35
CA GLY E 74 -8.99 3.33 28.05
C GLY E 74 -7.66 2.62 27.92
N TRP E 75 -7.10 2.16 29.03
CA TRP E 75 -5.85 1.41 29.07
C TRP E 75 -6.09 0.08 29.77
N SER E 76 -5.07 -0.77 29.73
CA SER E 76 -5.07 -1.96 30.55
C SER E 76 -4.51 -1.64 31.92
N ARG E 77 -4.48 -2.64 32.79
CA ARG E 77 -4.18 -2.37 34.20
C ARG E 77 -2.72 -2.60 34.53
N GLY E 78 -2.06 -3.46 33.76
CA GLY E 78 -0.65 -3.75 33.97
C GLY E 78 -0.33 -4.92 33.08
N ILE E 79 0.84 -5.52 33.23
CA ILE E 79 1.12 -6.82 32.61
C ILE E 79 1.96 -7.60 33.61
N ASN E 80 1.50 -8.80 33.96
CA ASN E 80 2.19 -9.63 34.93
C ASN E 80 2.75 -10.83 34.17
N LEU E 81 4.09 -10.88 34.10
CA LEU E 81 4.74 -12.01 33.46
C LEU E 81 4.48 -13.29 34.25
N ALA E 82 4.61 -14.43 33.60
CA ALA E 82 4.49 -15.70 34.29
C ALA E 82 5.68 -15.90 35.23
N THR E 83 5.50 -16.78 36.20
CA THR E 83 6.54 -17.07 37.17
C THR E 83 7.33 -18.33 36.83
N SER E 84 6.74 -19.22 36.04
CA SER E 84 7.45 -20.39 35.53
C SER E 84 6.83 -20.79 34.20
N ASP E 85 7.41 -21.83 33.58
CA ASP E 85 6.84 -22.34 32.35
C ASP E 85 5.41 -22.80 32.55
N THR E 86 5.14 -23.44 33.69
CA THR E 86 3.89 -24.14 33.89
C THR E 86 2.84 -23.32 34.63
N GLU E 87 3.21 -22.19 35.22
CA GLU E 87 2.29 -21.39 36.04
C GLU E 87 2.22 -19.98 35.48
N ASP E 88 1.12 -19.67 34.79
CA ASP E 88 0.89 -18.36 34.20
C ASP E 88 -0.55 -17.95 34.50
N SER E 89 -0.72 -16.82 35.19
CA SER E 89 -2.04 -16.32 35.58
C SER E 89 -2.19 -14.89 35.09
N PRO E 90 -3.07 -14.64 34.12
CA PRO E 90 -3.04 -13.36 33.40
C PRO E 90 -3.78 -12.20 34.05
N GLU E 91 -4.52 -12.40 35.16
CA GLU E 91 -5.09 -11.25 35.86
C GLU E 91 -6.06 -10.43 35.02
N ASN E 92 -7.32 -10.87 34.92
CA ASN E 92 -8.35 -10.36 34.00
C ASN E 92 -8.28 -8.88 33.65
N ASN E 93 -7.98 -8.01 34.61
CA ASN E 93 -7.87 -6.60 34.21
C ASN E 93 -6.66 -6.30 33.34
N THR E 94 -5.84 -7.26 32.92
CA THR E 94 -4.74 -6.98 32.02
C THR E 94 -4.98 -7.50 30.61
N LEU E 95 -6.13 -8.12 30.37
CA LEU E 95 -6.40 -8.73 29.08
C LEU E 95 -7.34 -7.86 28.28
N PRO E 96 -6.94 -7.39 27.10
CA PRO E 96 -7.87 -6.70 26.21
C PRO E 96 -8.94 -7.65 25.69
N THR E 97 -10.15 -7.11 25.53
CA THR E 97 -11.31 -7.92 25.22
C THR E 97 -12.07 -7.31 24.05
N TRP E 98 -13.10 -8.02 23.62
CA TRP E 98 -13.92 -7.57 22.51
C TRP E 98 -14.99 -6.59 22.98
N SER E 99 -15.07 -5.45 22.31
CA SER E 99 -16.19 -4.53 22.48
C SER E 99 -17.33 -5.00 21.60
N MET E 100 -18.56 -4.81 22.05
CA MET E 100 -19.71 -5.14 21.23
C MET E 100 -20.91 -4.32 21.66
N ALA E 101 -21.88 -4.23 20.76
CA ALA E 101 -23.13 -3.55 21.02
C ALA E 101 -24.21 -4.26 20.23
N LYS E 102 -25.47 -3.90 20.52
CA LYS E 102 -26.61 -4.39 19.76
C LYS E 102 -27.61 -3.27 19.64
N LEU E 103 -27.84 -2.81 18.42
CA LEU E 103 -28.85 -1.79 18.15
C LEU E 103 -30.19 -2.48 17.95
N GLN E 104 -31.15 -2.18 18.79
CA GLN E 104 -32.48 -2.79 18.69
C GLN E 104 -33.31 -1.93 17.75
N LEU E 105 -33.56 -2.45 16.56
CA LEU E 105 -34.34 -1.76 15.55
C LEU E 105 -35.81 -2.13 15.66
N PRO E 106 -36.71 -1.28 15.17
CA PRO E 106 -38.14 -1.53 15.34
C PRO E 106 -38.65 -2.69 14.50
N MET E 107 -39.73 -3.29 15.00
CA MET E 107 -40.41 -4.35 14.27
C MET E 107 -41.04 -3.80 13.00
N LEU E 108 -41.05 -4.62 11.95
CA LEU E 108 -41.40 -4.13 10.62
C LEU E 108 -42.74 -4.63 10.10
N ASN E 109 -42.92 -5.94 10.19
CA ASN E 109 -44.08 -6.61 9.66
C ASN E 109 -45.03 -7.21 10.67
N GLU E 110 -45.36 -6.45 11.71
CA GLU E 110 -46.27 -6.91 12.74
C GLU E 110 -47.69 -6.92 12.21
N ASP E 111 -47.91 -6.15 11.14
CA ASP E 111 -49.23 -6.04 10.53
C ASP E 111 -49.74 -7.36 9.94
N LEU E 112 -48.93 -7.90 8.99
CA LEU E 112 -49.15 -9.15 8.17
C LEU E 112 -48.00 -9.42 7.17
N THR E 113 -48.13 -10.51 6.39
CA THR E 113 -47.16 -10.92 5.34
C THR E 113 -47.73 -11.85 4.24
N CYS E 114 -47.17 -11.81 3.02
CA CYS E 114 -47.64 -12.65 1.89
C CYS E 114 -46.64 -13.74 1.58
N ASP E 115 -46.31 -14.54 2.60
CA ASP E 115 -45.32 -15.63 2.53
C ASP E 115 -43.91 -15.12 2.14
N THR E 116 -43.60 -13.93 2.64
CA THR E 116 -42.37 -13.18 2.44
C THR E 116 -42.54 -12.04 3.42
N LEU E 117 -41.59 -11.96 4.37
CA LEU E 117 -41.45 -11.09 5.54
C LEU E 117 -40.68 -9.86 5.08
N GLN E 118 -40.00 -9.19 6.01
CA GLN E 118 -39.27 -7.96 5.72
C GLN E 118 -38.34 -7.68 6.89
N MET E 119 -37.05 -7.52 6.60
CA MET E 119 -36.09 -7.28 7.67
C MET E 119 -35.15 -6.17 7.26
N TRP E 120 -34.43 -5.66 8.26
CA TRP E 120 -33.42 -4.65 8.06
C TRP E 120 -32.17 -5.28 7.47
N GLU E 121 -31.43 -4.48 6.69
CA GLU E 121 -30.30 -5.02 5.94
C GLU E 121 -29.24 -3.94 5.88
N ALA E 122 -28.07 -4.20 6.47
CA ALA E 122 -26.98 -3.25 6.42
C ALA E 122 -26.29 -3.32 5.07
N VAL E 123 -26.19 -2.17 4.39
CA VAL E 123 -25.70 -2.15 3.03
C VAL E 123 -24.30 -1.55 2.97
N SER E 124 -23.99 -0.66 3.91
CA SER E 124 -22.74 0.08 3.90
C SER E 124 -22.33 0.37 5.33
N VAL E 125 -21.07 0.73 5.52
CA VAL E 125 -20.60 1.18 6.82
C VAL E 125 -19.42 2.14 6.62
N LYS E 126 -19.51 3.30 7.26
CA LYS E 126 -18.38 4.20 7.44
C LYS E 126 -17.89 4.01 8.86
N THR E 127 -16.64 3.61 9.01
CA THR E 127 -16.06 3.38 10.31
C THR E 127 -14.80 4.20 10.44
N GLU E 128 -14.33 4.34 11.67
CA GLU E 128 -13.17 5.18 11.96
C GLU E 128 -12.73 4.93 13.38
N VAL E 129 -11.42 4.87 13.59
CA VAL E 129 -10.84 4.88 14.93
C VAL E 129 -10.55 6.33 15.30
N VAL E 130 -10.89 6.72 16.51
CA VAL E 130 -10.85 8.11 16.92
C VAL E 130 -9.83 8.29 18.02
N GLY E 131 -9.06 9.37 17.94
CA GLY E 131 -8.15 9.75 19.01
C GLY E 131 -6.69 9.45 18.74
N SER E 132 -6.30 9.40 17.47
CA SER E 132 -4.93 9.02 17.14
C SER E 132 -3.94 10.13 17.48
N GLY E 133 -4.34 11.38 17.30
CA GLY E 133 -3.50 12.49 17.72
C GLY E 133 -3.33 12.57 19.21
N SER E 134 -4.20 11.92 19.97
CA SER E 134 -4.01 11.78 21.40
C SER E 134 -2.71 11.09 21.73
N LEU E 135 -2.19 10.30 20.81
CA LEU E 135 -0.94 9.56 21.00
C LEU E 135 0.29 10.43 20.81
N LEU E 136 0.11 11.74 20.65
CA LEU E 136 1.20 12.69 20.57
C LEU E 136 1.51 13.32 21.92
N ASP E 137 0.89 12.84 23.00
CA ASP E 137 1.19 13.29 24.35
C ASP E 137 2.49 12.65 24.80
N VAL E 138 3.61 13.35 24.60
CA VAL E 138 4.92 12.84 24.95
C VAL E 138 5.49 13.50 26.21
N HIS E 139 4.69 14.30 26.91
CA HIS E 139 4.99 14.60 28.30
C HIS E 139 4.43 13.45 29.13
N GLY E 140 4.41 13.58 30.43
CA GLY E 140 3.88 12.50 31.25
C GLY E 140 4.96 11.58 31.76
N PHE E 141 4.55 10.72 32.69
CA PHE E 141 5.47 9.92 33.49
C PHE E 141 5.58 8.53 32.88
N ASN E 142 6.12 8.45 31.68
CA ASN E 142 6.41 7.19 31.03
C ASN E 142 7.91 7.06 30.88
N LYS E 143 8.36 5.86 30.56
CA LYS E 143 9.78 5.57 30.44
C LYS E 143 10.44 6.59 29.51
N PRO E 144 11.38 7.39 29.99
CA PRO E 144 11.94 8.45 29.16
C PRO E 144 12.71 7.90 27.97
N THR E 145 13.03 8.79 27.05
CA THR E 145 13.83 8.42 25.89
C THR E 145 15.30 8.27 26.28
N ASP E 146 15.86 9.30 26.91
CA ASP E 146 17.21 9.21 27.47
C ASP E 146 17.13 8.59 28.86
N THR E 147 17.33 7.29 28.94
CA THR E 147 17.09 6.56 30.18
C THR E 147 18.25 6.62 31.15
N VAL E 148 19.40 7.19 30.76
CA VAL E 148 20.51 7.35 31.69
C VAL E 148 20.26 8.54 32.61
N ASN E 149 19.80 9.65 32.05
CA ASN E 149 19.55 10.87 32.81
C ASN E 149 18.08 11.09 33.08
N THR E 150 17.20 10.18 32.67
CA THR E 150 15.75 10.32 32.76
C THR E 150 15.30 11.69 32.24
N LYS E 151 15.75 11.98 31.03
CA LYS E 151 15.33 13.18 30.31
C LYS E 151 14.95 12.77 28.90
N GLY E 152 14.48 13.74 28.14
CA GLY E 152 14.15 13.51 26.75
C GLY E 152 12.67 13.66 26.44
N ILE E 153 12.04 12.55 26.09
CA ILE E 153 10.63 12.51 25.72
C ILE E 153 10.02 11.29 26.41
N SER E 154 8.81 11.43 26.89
CA SER E 154 8.07 10.29 27.45
C SER E 154 7.67 9.38 26.30
N THR E 155 8.27 8.19 26.24
CA THR E 155 8.09 7.24 25.15
C THR E 155 6.62 7.08 24.80
N PRO E 156 6.23 7.33 23.55
CA PRO E 156 4.82 7.21 23.17
C PRO E 156 4.37 5.77 23.05
N VAL E 157 3.07 5.58 22.84
CA VAL E 157 2.49 4.25 22.69
C VAL E 157 3.06 3.58 21.45
N GLU E 158 3.41 2.29 21.58
CA GLU E 158 4.14 1.56 20.55
C GLU E 158 3.92 0.08 20.77
N GLY E 159 4.24 -0.71 19.74
CA GLY E 159 4.27 -2.15 19.87
C GLY E 159 3.22 -2.82 19.00
N SER E 160 2.63 -3.87 19.53
CA SER E 160 1.67 -4.67 18.78
C SER E 160 0.36 -3.92 18.62
N GLN E 161 -0.20 -3.98 17.42
CA GLN E 161 -1.47 -3.36 17.07
C GLN E 161 -2.42 -4.43 16.58
N TYR E 162 -3.70 -4.22 16.83
CA TYR E 162 -4.72 -5.19 16.47
C TYR E 162 -6.02 -4.44 16.24
N HIS E 163 -6.49 -4.42 15.00
CA HIS E 163 -7.66 -3.65 14.61
C HIS E 163 -8.64 -4.57 13.91
N VAL E 164 -9.72 -4.91 14.58
CA VAL E 164 -10.79 -5.71 13.99
C VAL E 164 -12.09 -4.95 14.20
N PHE E 165 -13.00 -5.04 13.24
CA PHE E 165 -14.37 -4.62 13.46
C PHE E 165 -15.29 -5.50 12.62
N ALA E 166 -16.53 -5.57 13.05
CA ALA E 166 -17.51 -6.43 12.40
C ALA E 166 -18.87 -5.76 12.42
N VAL E 167 -19.65 -5.98 11.38
CA VAL E 167 -21.03 -5.51 11.30
C VAL E 167 -21.87 -6.68 10.86
N GLY E 168 -22.83 -7.07 11.69
CA GLY E 168 -23.61 -8.26 11.39
C GLY E 168 -25.05 -8.12 11.79
N GLY E 169 -25.80 -9.17 11.51
CA GLY E 169 -27.19 -9.28 11.92
C GLY E 169 -27.38 -10.23 13.07
N GLU E 170 -26.29 -10.79 13.57
CA GLU E 170 -26.29 -11.65 14.74
C GLU E 170 -24.93 -11.53 15.40
N PRO E 171 -24.78 -12.05 16.62
CA PRO E 171 -23.48 -11.95 17.30
C PRO E 171 -22.39 -12.65 16.51
N LEU E 172 -21.18 -12.09 16.63
CA LEU E 172 -20.03 -12.62 15.93
C LEU E 172 -19.65 -13.98 16.50
N ASP E 173 -19.54 -14.99 15.64
CA ASP E 173 -19.01 -16.28 16.05
C ASP E 173 -17.52 -16.16 16.28
N LEU E 174 -17.00 -16.88 17.26
CA LEU E 174 -15.59 -16.82 17.59
C LEU E 174 -15.00 -18.23 17.54
N GLN E 175 -13.69 -18.31 17.31
CA GLN E 175 -12.95 -19.55 17.34
C GLN E 175 -11.81 -19.41 18.34
N GLY E 176 -11.71 -20.38 19.24
CA GLY E 176 -10.69 -20.34 20.27
C GLY E 176 -9.35 -20.85 19.77
N LEU E 177 -8.30 -20.13 20.14
CA LEU E 177 -6.94 -20.46 19.74
C LEU E 177 -6.02 -19.68 20.65
N VAL E 178 -5.08 -20.35 21.30
CA VAL E 178 -4.27 -19.73 22.34
C VAL E 178 -2.80 -20.03 22.07
N THR E 179 -1.95 -19.10 22.54
CA THR E 179 -0.50 -19.29 22.49
C THR E 179 -0.09 -20.49 23.33
N ASP E 180 -0.60 -20.58 24.55
CA ASP E 180 -0.31 -21.67 25.47
C ASP E 180 -1.62 -22.23 25.99
N ALA E 181 -1.75 -23.55 26.00
CA ALA E 181 -2.92 -24.23 26.54
C ALA E 181 -2.80 -24.53 28.01
N ARG E 182 -1.67 -24.18 28.63
CA ARG E 182 -1.42 -24.38 30.06
C ARG E 182 -1.58 -23.08 30.83
N THR E 183 -2.28 -22.11 30.28
CA THR E 183 -2.47 -20.82 30.91
C THR E 183 -3.71 -20.86 31.80
N LYS E 184 -3.58 -20.34 33.02
CA LYS E 184 -4.65 -20.41 34.00
C LYS E 184 -5.38 -19.07 34.04
N TYR E 185 -6.32 -18.90 33.11
CA TYR E 185 -7.19 -17.75 33.16
C TYR E 185 -8.17 -17.88 34.31
N LYS E 186 -8.42 -16.79 35.01
CA LYS E 186 -9.35 -16.80 36.13
C LYS E 186 -10.72 -17.30 35.68
N GLU E 187 -11.33 -18.11 36.54
CA GLU E 187 -12.56 -18.80 36.17
C GLU E 187 -13.80 -17.93 36.30
N GLU E 188 -13.67 -16.72 36.85
CA GLU E 188 -14.78 -15.79 36.98
C GLU E 188 -14.40 -14.44 36.41
N GLY E 189 -15.34 -13.84 35.69
CA GLY E 189 -15.15 -12.52 35.14
C GLY E 189 -14.68 -12.48 33.70
N VAL E 190 -14.27 -13.61 33.14
CA VAL E 190 -13.77 -13.68 31.79
C VAL E 190 -14.28 -14.97 31.17
N VAL E 191 -14.46 -14.97 29.86
CA VAL E 191 -14.91 -16.14 29.13
C VAL E 191 -13.71 -16.71 28.38
N THR E 192 -13.38 -17.96 28.67
CA THR E 192 -12.26 -18.64 28.03
C THR E 192 -12.77 -19.91 27.35
N ILE E 193 -11.84 -20.73 26.88
CA ILE E 193 -12.23 -21.99 26.24
C ILE E 193 -12.79 -22.95 27.28
N LYS E 194 -12.21 -22.94 28.49
CA LYS E 194 -12.72 -23.76 29.58
C LYS E 194 -14.12 -23.35 30.02
N THR E 195 -14.49 -22.07 29.87
CA THR E 195 -15.84 -21.65 30.22
C THR E 195 -16.87 -22.22 29.25
N ILE E 196 -16.51 -22.34 27.98
CA ILE E 196 -17.48 -22.79 26.98
C ILE E 196 -17.50 -24.30 26.87
N THR E 197 -16.33 -24.93 26.81
CA THR E 197 -16.18 -26.37 26.93
C THR E 197 -15.76 -26.65 28.37
N LYS E 198 -16.67 -27.21 29.15
CA LYS E 198 -16.48 -27.23 30.61
C LYS E 198 -15.24 -28.00 31.05
N LYS E 199 -14.45 -28.54 30.13
CA LYS E 199 -13.21 -29.21 30.48
C LYS E 199 -12.03 -28.25 30.34
N ASP E 200 -10.84 -28.75 30.66
CA ASP E 200 -9.64 -27.96 30.51
C ASP E 200 -9.33 -27.74 29.03
N MET E 201 -8.31 -26.93 28.77
CA MET E 201 -7.80 -26.77 27.41
C MET E 201 -6.85 -27.89 27.07
N VAL E 202 -6.88 -28.31 25.80
CA VAL E 202 -6.05 -29.41 25.33
C VAL E 202 -4.99 -28.83 24.40
N ASN E 203 -4.08 -29.67 23.92
CA ASN E 203 -3.03 -29.19 23.03
C ASN E 203 -3.60 -28.75 21.69
N LYS E 204 -4.70 -29.36 21.26
CA LYS E 204 -5.32 -28.98 20.01
C LYS E 204 -5.86 -27.58 20.04
N ASP E 205 -6.06 -27.01 21.22
CA ASP E 205 -6.51 -25.63 21.34
C ASP E 205 -5.40 -24.64 21.04
N GLN E 206 -4.21 -25.11 20.75
CA GLN E 206 -3.13 -24.26 20.28
C GLN E 206 -3.02 -24.22 18.77
N VAL E 207 -3.79 -25.03 18.05
CA VAL E 207 -3.73 -24.96 16.59
C VAL E 207 -5.08 -24.57 16.00
N LEU E 208 -6.06 -25.48 16.00
CA LEU E 208 -7.43 -25.13 15.63
C LEU E 208 -8.31 -26.28 16.05
N ASN E 209 -9.17 -26.03 17.02
CA ASN E 209 -10.11 -27.03 17.48
C ASN E 209 -11.49 -26.63 16.98
N PRO E 210 -12.14 -27.44 16.15
CA PRO E 210 -13.52 -27.13 15.75
C PRO E 210 -14.49 -27.14 16.93
N ILE E 211 -14.03 -27.49 18.12
CA ILE E 211 -14.90 -27.66 19.27
C ILE E 211 -14.95 -26.40 20.10
N SER E 212 -13.86 -25.65 20.16
CA SER E 212 -13.77 -24.44 20.96
C SER E 212 -14.30 -23.26 20.14
N LYS E 213 -15.62 -23.15 20.11
CA LYS E 213 -16.33 -22.09 19.42
C LYS E 213 -17.22 -21.35 20.40
N ALA E 214 -17.55 -20.11 20.07
CA ALA E 214 -18.37 -19.27 20.94
C ALA E 214 -18.97 -18.15 20.11
N LYS E 215 -19.89 -17.41 20.73
CA LYS E 215 -20.51 -16.22 20.17
C LYS E 215 -20.11 -15.00 21.00
N LEU E 216 -19.89 -13.89 20.33
CA LEU E 216 -19.60 -12.63 21.03
C LEU E 216 -20.90 -12.10 21.64
N ASP E 217 -21.17 -12.63 22.83
CA ASP E 217 -22.43 -12.32 23.51
C ASP E 217 -22.25 -11.15 24.47
N LYS E 218 -21.25 -11.23 25.32
CA LYS E 218 -21.02 -10.20 26.31
C LYS E 218 -20.01 -9.20 25.77
N ASP E 219 -19.70 -8.21 26.58
CA ASP E 219 -18.84 -7.12 26.16
C ASP E 219 -17.79 -6.88 27.24
N GLY E 220 -16.54 -6.83 26.83
CA GLY E 220 -15.46 -6.75 27.80
C GLY E 220 -15.24 -8.04 28.54
N MET E 221 -15.57 -9.18 27.94
CA MET E 221 -15.52 -10.48 28.58
C MET E 221 -14.70 -11.51 27.80
N TYR E 222 -14.72 -11.47 26.48
CA TYR E 222 -14.00 -12.42 25.63
C TYR E 222 -12.66 -11.83 25.24
N PRO E 223 -11.53 -12.31 25.78
CA PRO E 223 -10.25 -11.72 25.42
C PRO E 223 -9.87 -12.02 23.98
N VAL E 224 -9.23 -11.03 23.33
CA VAL E 224 -8.90 -11.14 21.91
C VAL E 224 -7.76 -12.09 21.64
N GLU E 225 -6.94 -12.39 22.64
CA GLU E 225 -5.88 -13.37 22.52
C GLU E 225 -6.38 -14.81 22.57
N ILE E 226 -7.68 -15.00 22.83
CA ILE E 226 -8.30 -16.32 22.86
C ILE E 226 -9.32 -16.47 21.75
N TRP E 227 -10.05 -15.40 21.45
CA TRP E 227 -11.26 -15.48 20.65
C TRP E 227 -11.08 -14.69 19.36
N HIS E 228 -11.11 -15.41 18.25
CA HIS E 228 -10.85 -14.88 16.93
C HIS E 228 -12.09 -15.03 16.07
N PRO E 229 -12.36 -14.09 15.17
CA PRO E 229 -13.51 -14.25 14.28
C PRO E 229 -13.39 -15.55 13.47
N ASP E 230 -14.35 -16.40 13.63
CA ASP E 230 -14.38 -17.76 13.10
C ASP E 230 -14.98 -17.77 11.70
N PRO E 231 -14.25 -18.27 10.70
CA PRO E 231 -14.83 -18.46 9.35
C PRO E 231 -15.69 -19.72 9.25
N ALA E 232 -16.95 -19.55 9.62
CA ALA E 232 -17.94 -20.61 9.53
C ALA E 232 -18.40 -20.81 8.09
N LYS E 233 -19.22 -21.83 7.87
CA LYS E 233 -19.66 -22.13 6.51
C LYS E 233 -20.40 -20.96 5.89
N ASN E 234 -21.57 -20.62 6.45
CA ASN E 234 -22.41 -19.54 5.95
C ASN E 234 -22.61 -18.51 7.05
N GLU E 235 -22.54 -17.22 6.68
CA GLU E 235 -22.42 -16.21 7.72
C GLU E 235 -23.23 -14.97 7.37
N ASN E 236 -23.65 -14.25 8.42
CA ASN E 236 -24.44 -13.04 8.35
C ASN E 236 -23.68 -11.83 8.85
N THR E 237 -22.35 -11.92 8.90
CA THR E 237 -21.48 -10.91 9.49
C THR E 237 -20.37 -10.62 8.50
N ARG E 238 -20.00 -9.35 8.37
CA ARG E 238 -18.79 -8.95 7.66
C ARG E 238 -17.79 -8.46 8.69
N TYR E 239 -16.60 -9.04 8.69
CA TYR E 239 -15.55 -8.60 9.60
C TYR E 239 -14.29 -8.31 8.81
N PHE E 240 -13.58 -7.27 9.23
CA PHE E 240 -12.32 -6.86 8.64
C PHE E 240 -11.33 -6.63 9.76
N GLY E 241 -10.19 -7.32 9.70
CA GLY E 241 -9.20 -7.16 10.75
C GLY E 241 -7.80 -7.16 10.21
N ASN E 242 -6.89 -6.64 11.02
CA ASN E 242 -5.47 -6.68 10.67
C ASN E 242 -4.64 -6.62 11.94
N TYR E 243 -3.50 -7.29 11.91
CA TYR E 243 -2.62 -7.44 13.04
C TYR E 243 -1.21 -7.05 12.64
N THR E 244 -0.55 -6.29 13.52
CA THR E 244 0.84 -5.89 13.33
C THR E 244 1.58 -6.23 14.62
N GLY E 245 2.52 -7.16 14.54
CA GLY E 245 3.21 -7.62 15.71
C GLY E 245 4.37 -6.74 16.10
N GLY E 246 5.26 -7.29 16.91
CA GLY E 246 6.48 -6.61 17.29
C GLY E 246 6.42 -6.02 18.68
N THR E 247 7.52 -5.37 19.06
CA THR E 247 7.64 -4.71 20.34
C THR E 247 7.72 -3.20 20.25
N THR E 248 8.41 -2.65 19.26
CA THR E 248 8.47 -1.20 19.10
C THR E 248 7.43 -0.72 18.07
N THR E 249 7.57 -1.13 16.80
CA THR E 249 6.50 -1.09 15.81
C THR E 249 5.64 0.17 15.87
N PRO E 250 6.08 1.28 15.29
CA PRO E 250 5.29 2.52 15.29
C PRO E 250 3.82 2.26 15.00
N PRO E 251 2.91 2.87 15.75
CA PRO E 251 1.50 2.84 15.36
C PRO E 251 1.26 3.64 14.10
N VAL E 252 0.33 3.14 13.29
CA VAL E 252 -0.08 3.82 12.06
C VAL E 252 -1.59 3.83 12.03
N LEU E 253 -2.18 4.98 11.73
CA LEU E 253 -3.63 5.11 11.64
C LEU E 253 -3.97 6.20 10.65
N GLN E 254 -5.02 5.95 9.88
CA GLN E 254 -5.48 6.89 8.85
C GLN E 254 -6.98 7.08 8.98
N PHE E 255 -7.38 8.31 9.21
CA PHE E 255 -8.78 8.65 9.40
C PHE E 255 -9.22 9.60 8.31
N THR E 256 -10.48 9.48 7.91
CA THR E 256 -11.01 10.29 6.83
C THR E 256 -12.53 10.26 6.91
N ASN E 257 -13.16 11.30 6.38
CA ASN E 257 -14.61 11.36 6.41
C ASN E 257 -15.17 11.16 5.00
N THR E 258 -14.56 10.25 4.25
CA THR E 258 -14.99 9.99 2.87
C THR E 258 -15.01 8.54 2.42
N LEU E 259 -14.33 7.63 3.12
CA LEU E 259 -14.33 6.26 2.65
C LEU E 259 -15.46 5.45 3.26
N THR E 260 -16.01 4.51 2.49
CA THR E 260 -17.12 3.68 2.90
C THR E 260 -16.82 2.23 2.57
N THR E 261 -17.39 1.32 3.36
CA THR E 261 -17.27 -0.11 3.15
C THR E 261 -18.62 -0.66 2.75
N VAL E 262 -18.68 -1.34 1.62
CA VAL E 262 -19.91 -1.97 1.15
C VAL E 262 -20.04 -3.31 1.85
N LEU E 263 -21.18 -3.55 2.48
CA LEU E 263 -21.40 -4.77 3.24
C LEU E 263 -22.17 -5.82 2.45
N LEU E 264 -22.50 -5.56 1.19
CA LEU E 264 -23.17 -6.55 0.37
C LEU E 264 -22.22 -7.65 -0.05
N ASP E 265 -22.73 -8.87 -0.15
CA ASP E 265 -21.92 -10.04 -0.44
C ASP E 265 -21.97 -10.39 -1.92
N GLU E 266 -21.48 -11.57 -2.25
CA GLU E 266 -21.48 -12.09 -3.62
C GLU E 266 -22.82 -11.93 -4.32
N ASN E 267 -23.92 -12.16 -3.61
CA ASN E 267 -25.27 -12.10 -4.19
C ASN E 267 -25.93 -10.75 -4.00
N GLY E 268 -25.26 -9.80 -3.38
CA GLY E 268 -25.77 -8.46 -3.29
C GLY E 268 -26.77 -8.24 -2.17
N VAL E 269 -26.56 -8.88 -1.02
CA VAL E 269 -27.51 -8.83 0.08
C VAL E 269 -26.95 -8.11 1.29
N GLY E 270 -25.89 -8.61 1.90
CA GLY E 270 -25.39 -7.96 3.08
C GLY E 270 -26.19 -8.30 4.33
N PRO E 271 -25.66 -7.92 5.50
CA PRO E 271 -26.14 -8.50 6.76
C PRO E 271 -27.61 -8.23 7.09
N LEU E 272 -28.40 -9.30 7.06
CA LEU E 272 -29.81 -9.25 7.43
C LEU E 272 -29.97 -9.35 8.93
N CYS E 273 -30.69 -8.40 9.52
CA CYS E 273 -30.70 -8.25 10.97
C CYS E 273 -31.72 -9.20 11.58
N LYS E 274 -31.23 -10.33 12.09
CA LYS E 274 -32.07 -11.35 12.70
C LYS E 274 -32.71 -10.79 13.95
N GLY E 275 -33.93 -11.22 14.25
CA GLY E 275 -34.68 -10.44 15.20
C GLY E 275 -34.90 -9.10 14.54
N GLU E 276 -34.46 -8.05 15.23
CA GLU E 276 -34.19 -6.76 14.61
C GLU E 276 -32.95 -6.11 15.21
N GLY E 277 -31.93 -6.91 15.49
CA GLY E 277 -30.72 -6.43 16.14
C GLY E 277 -29.60 -6.23 15.14
N LEU E 278 -28.81 -5.18 15.36
CA LEU E 278 -27.62 -4.90 14.58
C LEU E 278 -26.44 -4.93 15.52
N TYR E 279 -25.51 -5.84 15.26
CA TYR E 279 -24.41 -6.11 16.18
C TYR E 279 -23.13 -5.50 15.63
N LEU E 280 -22.48 -4.67 16.44
CA LEU E 280 -21.20 -4.09 16.13
C LEU E 280 -20.16 -4.65 17.09
N SER E 281 -19.06 -5.15 16.55
CA SER E 281 -17.97 -5.64 17.37
C SER E 281 -16.73 -4.89 16.96
N CYS E 282 -15.74 -4.82 17.85
CA CYS E 282 -14.62 -3.92 17.65
C CYS E 282 -13.52 -4.24 18.64
N VAL E 283 -12.28 -4.10 18.18
CA VAL E 283 -11.11 -4.01 19.06
C VAL E 283 -10.04 -3.24 18.30
N ASP E 284 -9.49 -2.19 18.91
CA ASP E 284 -8.46 -1.36 18.27
C ASP E 284 -7.34 -1.13 19.28
N ILE E 285 -6.38 -2.02 19.26
CA ILE E 285 -5.22 -1.94 20.14
C ILE E 285 -4.13 -1.17 19.41
N MET E 286 -3.47 -0.26 20.11
CA MET E 286 -2.47 0.61 19.51
C MET E 286 -1.05 0.25 19.92
N GLY E 287 -0.87 -0.38 21.06
CA GLY E 287 0.41 -0.73 21.61
C GLY E 287 0.43 -0.51 23.09
N TRP E 288 1.63 -0.42 23.65
CA TRP E 288 1.79 -0.32 25.08
C TRP E 288 2.39 1.01 25.47
N ARG E 289 2.10 1.39 26.72
CA ARG E 289 2.78 2.46 27.43
C ARG E 289 3.64 1.82 28.51
N VAL E 290 4.93 2.16 28.54
CA VAL E 290 5.87 1.60 29.49
C VAL E 290 6.10 2.61 30.60
N THR E 291 5.88 2.20 31.84
CA THR E 291 5.93 3.14 32.95
C THR E 291 7.35 3.33 33.47
N ARG E 292 7.54 4.42 34.20
CA ARG E 292 8.84 4.78 34.76
C ARG E 292 9.05 4.07 36.09
N ASN E 293 9.21 2.76 36.00
CA ASN E 293 9.20 1.84 37.13
C ASN E 293 9.92 0.59 36.65
N TYR E 294 9.69 -0.53 37.33
CA TYR E 294 9.79 -1.79 36.61
C TYR E 294 8.97 -1.63 35.34
N ASP E 295 9.51 -2.12 34.22
CA ASP E 295 8.98 -1.69 32.93
C ASP E 295 7.59 -2.23 32.68
N VAL E 296 6.60 -1.75 33.44
CA VAL E 296 5.24 -2.27 33.33
C VAL E 296 4.57 -1.70 32.10
N HIS E 297 3.99 -2.58 31.29
CA HIS E 297 3.35 -2.23 30.03
C HIS E 297 1.85 -2.12 30.24
N HIS E 298 1.23 -1.15 29.60
CA HIS E 298 -0.22 -0.98 29.62
C HIS E 298 -0.73 -0.94 28.20
N TRP E 299 -1.72 -1.79 27.89
CA TRP E 299 -2.34 -1.74 26.57
C TRP E 299 -3.10 -0.45 26.39
N ARG E 300 -3.04 0.11 25.19
CA ARG E 300 -3.83 1.30 24.82
C ARG E 300 -4.79 0.89 23.72
N GLY E 301 -6.03 1.33 23.85
CA GLY E 301 -7.00 1.20 22.78
C GLY E 301 -7.80 2.45 22.59
N LEU E 302 -8.34 2.61 21.39
CA LEU E 302 -9.04 3.82 21.02
C LEU E 302 -10.49 3.50 20.67
N PRO E 303 -11.39 4.44 20.86
CA PRO E 303 -12.78 4.22 20.48
C PRO E 303 -12.93 4.12 18.97
N ARG E 304 -13.96 3.38 18.53
CA ARG E 304 -14.23 3.22 17.11
C ARG E 304 -15.63 3.74 16.83
N TYR E 305 -15.74 4.57 15.80
CA TYR E 305 -17.00 5.17 15.38
C TYR E 305 -17.59 4.34 14.25
N PHE E 306 -18.90 4.17 14.27
CA PHE E 306 -19.61 3.41 13.24
C PHE E 306 -20.69 4.28 12.61
N LYS E 307 -20.84 4.19 11.29
CA LYS E 307 -21.99 4.76 10.61
C LYS E 307 -22.54 3.72 9.65
N ILE E 308 -23.64 3.08 10.04
CA ILE E 308 -24.22 1.96 9.31
C ILE E 308 -25.42 2.48 8.55
N THR E 309 -25.54 2.13 7.28
CA THR E 309 -26.68 2.51 6.46
C THR E 309 -27.55 1.28 6.26
N LEU E 310 -28.83 1.39 6.62
CA LEU E 310 -29.74 0.27 6.59
C LEU E 310 -30.89 0.57 5.63
N ARG E 311 -31.43 -0.50 5.07
CA ARG E 311 -32.64 -0.43 4.26
C ARG E 311 -33.47 -1.66 4.58
N LYS E 312 -34.71 -1.68 4.10
CA LYS E 312 -35.65 -2.77 4.35
C LYS E 312 -35.65 -3.70 3.15
N ARG E 313 -35.53 -4.99 3.42
CA ARG E 313 -35.44 -6.02 2.39
C ARG E 313 -36.61 -6.98 2.50
N TRP E 314 -37.19 -7.33 1.35
CA TRP E 314 -38.21 -8.35 1.30
C TRP E 314 -37.55 -9.72 1.30
N VAL E 315 -37.95 -10.56 2.25
CA VAL E 315 -37.29 -11.83 2.51
C VAL E 315 -38.36 -12.91 2.67
N LYS E 316 -38.10 -14.07 2.08
CA LYS E 316 -39.01 -15.21 2.15
C LYS E 316 -38.68 -16.06 3.37
N ASN E 317 -39.70 -16.53 4.06
CA ASN E 317 -39.55 -17.39 5.22
C ASN E 317 -39.09 -18.79 4.81
N PRO E 318 -37.97 -19.28 5.32
CA PRO E 318 -37.47 -20.58 4.86
C PRO E 318 -38.09 -21.76 5.62
N TYR E 319 -38.59 -21.51 6.82
CA TYR E 319 -39.06 -22.59 7.68
C TYR E 319 -40.57 -22.75 7.58
N PRO E 320 -41.08 -23.96 7.76
CA PRO E 320 -42.52 -24.17 7.77
C PRO E 320 -43.16 -23.73 9.08
N MET E 321 -44.48 -23.59 9.04
CA MET E 321 -45.21 -23.08 10.18
C MET E 321 -45.20 -24.06 11.35
N ALA E 322 -45.32 -25.35 11.05
CA ALA E 322 -45.32 -26.36 12.10
C ALA E 322 -44.02 -26.33 12.89
N SER E 323 -42.90 -26.09 12.20
CA SER E 323 -41.60 -26.01 12.87
C SER E 323 -41.55 -24.82 13.81
N LEU E 324 -42.04 -23.66 13.35
CA LEU E 324 -42.03 -22.48 14.20
C LEU E 324 -42.92 -22.65 15.41
N ILE E 325 -44.07 -23.31 15.24
CA ILE E 325 -44.97 -23.51 16.36
C ILE E 325 -44.39 -24.50 17.36
N SER E 326 -43.80 -25.59 16.88
CA SER E 326 -43.17 -26.54 17.79
C SER E 326 -41.98 -25.92 18.50
N SER E 327 -41.24 -25.03 17.82
CA SER E 327 -40.16 -24.31 18.50
C SER E 327 -40.70 -23.40 19.58
N LEU E 328 -41.76 -22.65 19.29
CA LEU E 328 -42.38 -21.82 20.30
C LEU E 328 -42.74 -22.62 21.53
N PHE E 329 -43.45 -23.73 21.35
CA PHE E 329 -43.88 -24.52 22.49
C PHE E 329 -42.70 -25.17 23.21
N ASN E 330 -41.71 -25.64 22.46
CA ASN E 330 -40.54 -26.27 23.08
C ASN E 330 -39.73 -25.29 23.91
N ASN E 331 -39.75 -24.01 23.54
CA ASN E 331 -39.07 -23.01 24.37
C ASN E 331 -39.96 -22.50 25.49
N MET E 332 -41.27 -22.69 25.38
CA MET E 332 -42.13 -22.33 26.51
C MET E 332 -42.15 -23.43 27.56
N LEU E 333 -42.45 -24.67 27.15
CA LEU E 333 -42.56 -25.75 28.12
C LEU E 333 -41.20 -26.12 28.68
N PRO E 334 -41.13 -26.57 29.92
CA PRO E 334 -39.86 -26.99 30.50
C PRO E 334 -39.42 -28.33 29.94
N GLN E 335 -38.10 -28.54 29.93
CA GLN E 335 -37.56 -29.79 29.41
C GLN E 335 -37.68 -30.89 30.46
N VAL E 336 -38.16 -32.05 30.03
CA VAL E 336 -38.65 -33.10 30.92
C VAL E 336 -37.56 -34.14 31.11
N GLN E 337 -37.40 -34.62 32.33
CA GLN E 337 -36.55 -35.78 32.56
C GLN E 337 -37.29 -37.07 32.26
N GLY E 338 -38.33 -37.37 33.03
CA GLY E 338 -39.22 -38.48 32.72
C GLY E 338 -38.58 -39.85 32.72
N GLN E 339 -39.41 -40.87 32.57
CA GLN E 339 -38.96 -42.24 32.42
C GLN E 339 -38.65 -42.54 30.96
N PRO E 340 -37.89 -43.61 30.69
CA PRO E 340 -37.37 -43.82 29.34
C PRO E 340 -38.39 -44.33 28.32
N MET E 341 -39.09 -43.44 27.63
CA MET E 341 -39.89 -43.85 26.47
C MET E 341 -39.07 -43.83 25.18
N GLU E 342 -37.75 -43.90 25.29
CA GLU E 342 -36.84 -43.91 24.15
C GLU E 342 -35.56 -44.62 24.55
N GLY E 343 -34.94 -45.30 23.60
CA GLY E 343 -33.65 -45.91 23.85
C GLY E 343 -33.66 -47.42 23.82
N GLU E 344 -32.80 -48.03 24.62
CA GLU E 344 -32.73 -49.50 24.68
C GLU E 344 -33.52 -50.03 25.85
N ASN E 345 -33.61 -49.26 26.94
CA ASN E 345 -34.45 -49.60 28.08
C ASN E 345 -35.79 -48.87 28.00
N THR E 346 -36.30 -48.72 26.78
CA THR E 346 -37.55 -48.01 26.56
C THR E 346 -38.72 -48.72 27.23
N GLN E 347 -39.73 -47.95 27.59
CA GLN E 347 -40.90 -48.44 28.29
C GLN E 347 -42.14 -48.45 27.41
N VAL E 348 -42.03 -48.07 26.14
CA VAL E 348 -43.10 -48.26 25.18
C VAL E 348 -43.12 -49.70 24.74
N GLU E 349 -44.30 -50.33 24.74
CA GLU E 349 -44.39 -51.73 24.39
C GLU E 349 -44.69 -51.96 22.92
N GLU E 350 -45.79 -51.43 22.41
CA GLU E 350 -46.11 -51.59 21.00
C GLU E 350 -46.76 -50.31 20.49
N VAL E 351 -46.55 -50.03 19.21
CA VAL E 351 -47.17 -48.89 18.55
C VAL E 351 -47.85 -49.38 17.28
N ARG E 352 -49.17 -49.30 17.24
CA ARG E 352 -49.95 -49.72 16.09
C ARG E 352 -50.52 -48.50 15.38
N VAL E 353 -50.56 -48.58 14.05
CA VAL E 353 -51.13 -47.51 13.23
C VAL E 353 -52.21 -48.13 12.35
N TYR E 354 -53.39 -47.51 12.32
CA TYR E 354 -54.49 -47.92 11.46
C TYR E 354 -54.85 -46.75 10.56
N ASP E 355 -55.07 -47.02 9.28
CA ASP E 355 -55.47 -45.98 8.35
C ASP E 355 -56.82 -46.23 7.71
N GLY E 356 -57.06 -47.43 7.20
CA GLY E 356 -58.29 -47.69 6.49
C GLY E 356 -59.20 -48.70 7.13
N THR E 357 -59.78 -49.57 6.31
CA THR E 357 -60.67 -50.62 6.80
C THR E 357 -60.41 -51.87 5.97
N GLU E 358 -60.55 -53.03 6.57
CA GLU E 358 -60.29 -54.31 5.93
C GLU E 358 -61.19 -55.39 6.50
N PRO E 359 -61.38 -56.50 5.79
CA PRO E 359 -62.10 -57.63 6.38
C PRO E 359 -61.41 -58.12 7.63
N VAL E 360 -62.16 -58.81 8.47
CA VAL E 360 -61.64 -59.31 9.74
C VAL E 360 -60.50 -60.30 9.46
N PRO E 361 -59.28 -60.03 9.91
CA PRO E 361 -58.22 -61.03 9.77
C PRO E 361 -58.39 -62.14 10.78
N GLY E 362 -57.89 -63.33 10.42
CA GLY E 362 -58.07 -64.48 11.27
C GLY E 362 -57.16 -64.46 12.49
N ASP E 363 -56.03 -63.77 12.38
CA ASP E 363 -55.09 -63.67 13.49
C ASP E 363 -55.17 -62.26 14.07
N PRO E 364 -55.58 -62.09 15.34
CA PRO E 364 -55.67 -60.73 15.87
C PRO E 364 -54.33 -60.05 16.07
N ASP E 365 -53.31 -60.79 16.52
CA ASP E 365 -52.01 -60.21 16.80
C ASP E 365 -50.99 -60.44 15.70
N MET E 366 -51.43 -60.44 14.44
CA MET E 366 -50.49 -60.45 13.33
C MET E 366 -49.67 -59.18 13.30
N THR E 367 -48.41 -59.31 12.92
CA THR E 367 -47.52 -58.17 12.76
C THR E 367 -47.49 -57.74 11.30
N ARG E 368 -47.47 -56.44 11.07
CA ARG E 368 -47.48 -55.87 9.73
C ARG E 368 -46.52 -54.69 9.71
N TYR E 369 -45.69 -54.62 8.66
CA TYR E 369 -44.67 -53.58 8.59
C TYR E 369 -44.32 -53.28 7.14
N VAL E 370 -43.98 -52.02 6.87
CA VAL E 370 -43.58 -51.57 5.54
C VAL E 370 -42.06 -51.76 5.44
N ASP E 371 -41.64 -52.85 4.80
CA ASP E 371 -40.22 -53.07 4.58
C ASP E 371 -39.62 -52.01 3.66
N ARG E 372 -40.05 -51.98 2.40
CA ARG E 372 -39.60 -50.93 1.50
C ARG E 372 -40.70 -50.27 0.68
N PHE E 373 -41.73 -51.00 0.26
CA PHE E 373 -42.83 -50.41 -0.49
C PHE E 373 -44.19 -50.70 0.11
N GLY E 374 -44.42 -51.91 0.61
CA GLY E 374 -45.75 -52.29 1.05
C GLY E 374 -45.74 -53.10 2.32
N LYS E 375 -46.86 -53.06 3.03
CA LYS E 375 -46.99 -53.74 4.31
C LYS E 375 -47.01 -55.25 4.09
N THR E 376 -46.19 -55.97 4.84
CA THR E 376 -46.09 -57.42 4.75
C THR E 376 -46.44 -58.04 6.10
N LYS E 377 -47.50 -58.85 6.13
CA LYS E 377 -47.89 -59.56 7.33
C LYS E 377 -46.83 -60.59 7.68
N THR E 378 -46.46 -60.66 8.95
CA THR E 378 -45.40 -61.55 9.43
C THR E 378 -46.01 -62.66 10.28
N VAL E 379 -45.92 -63.89 9.78
CA VAL E 379 -46.35 -65.08 10.53
C VAL E 379 -45.36 -65.28 11.67
N PHE E 380 -45.69 -66.15 12.58
CA PHE E 380 -44.65 -66.52 13.54
C PHE E 380 -44.05 -67.86 13.14
N PRO E 381 -42.76 -68.07 13.43
CA PRO E 381 -41.99 -69.10 12.70
C PRO E 381 -42.42 -70.54 12.97
N GLY E 382 -43.52 -70.96 12.34
CA GLY E 382 -43.99 -72.33 12.46
C GLY E 382 -43.59 -73.25 11.31
N ASN E 383 -43.77 -72.78 10.07
CA ASN E 383 -43.51 -73.60 8.90
C ASN E 383 -43.26 -72.72 7.68
#